data_3MOG
#
_entry.id   3MOG
#
_cell.length_a   71.302
_cell.length_b   145.753
_cell.length_c   148.783
_cell.angle_alpha   90.00
_cell.angle_beta   90.00
_cell.angle_gamma   90.00
#
_symmetry.space_group_name_H-M   'P 21 21 21'
#
loop_
_entity.id
_entity.type
_entity.pdbx_description
1 polymer 'Probable 3-hydroxybutyryl-CoA dehydrogenase'
2 non-polymer 'CHLORIDE ION'
3 non-polymer GLYCEROL
4 water water
#
_entity_poly.entity_id   1
_entity_poly.type   'polypeptide(L)'
_entity_poly.pdbx_seq_one_letter_code
;MSLNVQTVAVIGSGTMGAGIAEVAASHGHQVLLYDISAEALTRAIDGIHARLNSRVTRGKLTAETCERTLKRLIPVTDIH
ALAAADLVIEAASERLEVKKALFAQLAEVCPPQTLLTTNTSSISITAIAAEIKNPERVAGLHFFNPAPVMKLVEVVSGLA
TAAEVVEQLCELTLSWGKQPVRCHSTPGFIVNRVARPYYSEAWRALEEQVAAPEVIDAALRDGAGFPMGPLELTDLIGQD
VNFAVTCSVFNAFWQERRFLPSLVQQELVIGGRLGKKSGLGVYDWRAEREAVVGLEAVSDSFSPMKVEKKSDGVTEIDDV
LLIETQGETAQALAIRLARPVVVIDKMAGKVVTIAAAAVNPDSATRKAIYYLQQQGKTVLQIADYPGMLIWRTVAMIINE
ALDALQKGVASEQDIDTAMRLGVNYPYGPLAWGAQLGWQRILRLLENLQHHYGEERYRPCSLLRQRALLESGYESEGHHH
HHH
;
_entity_poly.pdbx_strand_id   A,B,C
#
loop_
_chem_comp.id
_chem_comp.type
_chem_comp.name
_chem_comp.formula
CL non-polymer 'CHLORIDE ION' 'Cl -1'
GOL non-polymer GLYCEROL 'C3 H8 O3'
#
# COMPACT_ATOMS: atom_id res chain seq x y z
N ASN A 4 0.50 -37.75 -28.69
CA ASN A 4 -0.60 -38.66 -28.24
C ASN A 4 -0.62 -38.89 -26.74
N VAL A 5 -1.79 -38.67 -26.15
CA VAL A 5 -2.00 -38.87 -24.72
C VAL A 5 -3.08 -39.95 -24.55
N GLN A 6 -2.77 -40.97 -23.76
CA GLN A 6 -3.71 -42.06 -23.50
C GLN A 6 -4.10 -42.16 -22.03
N THR A 7 -3.19 -42.68 -21.22
CA THR A 7 -3.46 -42.84 -19.79
C THR A 7 -3.33 -41.49 -19.09
N VAL A 8 -4.24 -41.25 -18.16
CA VAL A 8 -4.29 -40.00 -17.41
C VAL A 8 -4.26 -40.32 -15.92
N ALA A 9 -3.35 -39.67 -15.20
CA ALA A 9 -3.34 -39.75 -13.74
C ALA A 9 -3.93 -38.47 -13.14
N VAL A 10 -4.97 -38.63 -12.34
CA VAL A 10 -5.47 -37.51 -11.54
C VAL A 10 -5.08 -37.76 -10.09
N ILE A 11 -4.44 -36.76 -9.46
CA ILE A 11 -4.13 -36.82 -8.02
C ILE A 11 -5.05 -35.90 -7.20
N GLY A 12 -5.89 -36.51 -6.36
CA GLY A 12 -6.79 -35.75 -5.50
C GLY A 12 -8.20 -36.31 -5.61
N SER A 13 -8.92 -36.31 -4.50
CA SER A 13 -10.23 -36.98 -4.44
C SER A 13 -11.36 -36.07 -3.99
N GLY A 14 -11.13 -34.76 -4.03
CA GLY A 14 -12.16 -33.75 -3.71
C GLY A 14 -13.03 -33.42 -4.91
N THR A 15 -13.71 -32.26 -4.84
CA THR A 15 -14.61 -31.80 -5.90
C THR A 15 -13.93 -31.76 -7.27
N MET A 16 -12.80 -31.06 -7.34
CA MET A 16 -12.10 -30.88 -8.61
C MET A 16 -11.42 -32.18 -9.08
N GLY A 17 -10.90 -32.96 -8.14
CA GLY A 17 -10.34 -34.28 -8.44
C GLY A 17 -11.31 -35.21 -9.13
N ALA A 18 -12.53 -35.29 -8.58
CA ALA A 18 -13.62 -36.05 -9.15
C ALA A 18 -13.98 -35.54 -10.55
N GLY A 19 -14.26 -34.25 -10.65
CA GLY A 19 -14.65 -33.59 -11.90
C GLY A 19 -13.69 -33.83 -13.06
N ILE A 20 -12.42 -33.56 -12.81
CA ILE A 20 -11.36 -33.74 -13.82
C ILE A 20 -11.26 -35.21 -14.30
N ALA A 21 -11.37 -36.15 -13.36
CA ALA A 21 -11.39 -37.58 -13.66
C ALA A 21 -12.59 -37.93 -14.55
N GLU A 22 -13.77 -37.46 -14.15
CA GLU A 22 -14.99 -37.61 -14.93
C GLU A 22 -14.84 -37.14 -16.38
N VAL A 23 -14.23 -35.96 -16.56
CA VAL A 23 -14.00 -35.40 -17.90
C VAL A 23 -13.08 -36.26 -18.76
N ALA A 24 -11.96 -36.67 -18.17
CA ALA A 24 -10.96 -37.47 -18.89
C ALA A 24 -11.51 -38.86 -19.26
N ALA A 25 -12.19 -39.50 -18.29
CA ALA A 25 -12.82 -40.81 -18.48
C ALA A 25 -13.89 -40.80 -19.59
N SER A 26 -14.72 -39.76 -19.59
CA SER A 26 -15.84 -39.66 -20.55
C SER A 26 -15.35 -39.37 -21.97
N HIS A 27 -14.11 -38.90 -22.09
CA HIS A 27 -13.56 -38.64 -23.42
C HIS A 27 -12.56 -39.70 -23.90
N GLY A 28 -12.56 -40.84 -23.21
CA GLY A 28 -11.89 -42.05 -23.71
C GLY A 28 -10.51 -42.32 -23.16
N HIS A 29 -10.25 -41.82 -21.95
CA HIS A 29 -8.96 -42.00 -21.30
C HIS A 29 -9.08 -42.89 -20.07
N GLN A 30 -8.13 -43.81 -19.93
CA GLN A 30 -7.96 -44.58 -18.70
C GLN A 30 -7.55 -43.60 -17.62
N VAL A 31 -8.23 -43.65 -16.48
CA VAL A 31 -8.04 -42.66 -15.43
C VAL A 31 -7.59 -43.27 -14.10
N LEU A 32 -6.32 -43.04 -13.79
CA LEU A 32 -5.73 -43.45 -12.53
C LEU A 32 -6.03 -42.41 -11.46
N LEU A 33 -7.10 -42.62 -10.70
CA LEU A 33 -7.44 -41.72 -9.61
C LEU A 33 -6.62 -42.07 -8.38
N TYR A 34 -5.77 -41.12 -7.96
CA TYR A 34 -4.88 -41.30 -6.81
C TYR A 34 -5.40 -40.58 -5.58
N ASP A 35 -5.30 -41.27 -4.45
CA ASP A 35 -5.32 -40.68 -3.13
C ASP A 35 -4.51 -41.64 -2.26
N ILE A 36 -3.95 -41.14 -1.16
CA ILE A 36 -3.34 -42.02 -0.15
C ILE A 36 -4.41 -42.82 0.60
N SER A 37 -5.54 -42.18 0.85
CA SER A 37 -6.68 -42.81 1.52
C SER A 37 -7.51 -43.65 0.54
N ALA A 38 -8.02 -44.78 1.02
CA ALA A 38 -8.88 -45.65 0.22
C ALA A 38 -10.37 -45.41 0.50
N GLU A 39 -10.68 -44.88 1.68
CA GLU A 39 -12.07 -44.51 2.03
C GLU A 39 -12.55 -43.32 1.22
N ALA A 40 -11.64 -42.37 0.96
CA ALA A 40 -11.97 -41.19 0.17
C ALA A 40 -12.06 -41.50 -1.33
N LEU A 41 -11.19 -42.40 -1.80
CA LEU A 41 -11.18 -42.85 -3.19
C LEU A 41 -12.51 -43.49 -3.62
N THR A 42 -13.09 -44.28 -2.72
CA THR A 42 -14.36 -44.96 -2.97
C THR A 42 -15.49 -43.94 -3.03
N ARG A 43 -15.49 -43.01 -2.08
CA ARG A 43 -16.51 -41.96 -1.98
C ARG A 43 -16.49 -40.98 -3.15
N ALA A 44 -15.33 -40.83 -3.79
CA ALA A 44 -15.18 -40.01 -5.00
C ALA A 44 -15.80 -40.70 -6.22
N ILE A 45 -15.52 -42.00 -6.36
CA ILE A 45 -16.07 -42.82 -7.45
C ILE A 45 -17.59 -43.03 -7.29
N ASP A 46 -18.04 -43.14 -6.03
CA ASP A 46 -19.46 -43.22 -5.70
C ASP A 46 -20.23 -41.98 -6.16
N GLY A 47 -19.60 -40.81 -6.04
CA GLY A 47 -20.16 -39.54 -6.48
C GLY A 47 -20.26 -39.42 -7.99
N ILE A 48 -19.25 -39.95 -8.71
CA ILE A 48 -19.26 -39.98 -10.18
C ILE A 48 -20.33 -40.98 -10.68
N HIS A 49 -20.42 -42.13 -10.00
CA HIS A 49 -21.46 -43.12 -10.28
C HIS A 49 -22.86 -42.59 -10.00
N ALA A 50 -23.02 -41.79 -8.95
CA ALA A 50 -24.31 -41.19 -8.61
C ALA A 50 -24.76 -40.19 -9.67
N ARG A 51 -23.82 -39.35 -10.12
CA ARG A 51 -24.10 -38.29 -11.08
C ARG A 51 -24.34 -38.79 -12.50
N LEU A 52 -23.53 -39.75 -12.95
CA LEU A 52 -23.69 -40.29 -14.30
C LEU A 52 -24.88 -41.25 -14.45
N ASN A 53 -25.32 -41.84 -13.34
CA ASN A 53 -26.51 -42.69 -13.34
C ASN A 53 -27.80 -41.88 -13.19
N SER A 54 -27.70 -40.69 -12.63
CA SER A 54 -28.86 -39.78 -12.56
C SER A 54 -29.09 -39.11 -13.92
N ARG A 55 -28.18 -39.34 -14.86
CA ARG A 55 -28.30 -38.80 -16.20
C ARG A 55 -28.64 -39.88 -17.23
N VAL A 56 -28.56 -41.14 -16.84
CA VAL A 56 -29.08 -42.20 -17.68
C VAL A 56 -30.60 -42.30 -17.46
N THR A 57 -31.03 -42.02 -16.23
CA THR A 57 -32.46 -42.01 -15.89
C THR A 57 -33.16 -40.76 -16.43
N ARG A 58 -32.41 -39.65 -16.55
CA ARG A 58 -32.95 -38.39 -17.07
C ARG A 58 -32.84 -38.23 -18.59
N GLY A 59 -32.41 -39.29 -19.28
CA GLY A 59 -32.31 -39.29 -20.74
C GLY A 59 -31.26 -38.37 -21.33
N LYS A 60 -30.22 -38.07 -20.54
CA LYS A 60 -29.12 -37.22 -20.97
C LYS A 60 -27.89 -38.03 -21.41
N LEU A 61 -27.87 -39.31 -21.02
CA LEU A 61 -26.79 -40.24 -21.41
C LEU A 61 -27.33 -41.67 -21.56
N THR A 62 -26.72 -42.47 -22.43
CA THR A 62 -27.08 -43.87 -22.60
C THR A 62 -26.33 -44.79 -21.64
N ALA A 63 -26.94 -45.94 -21.34
CA ALA A 63 -26.38 -46.95 -20.43
C ALA A 63 -25.04 -47.51 -20.92
N GLU A 64 -24.97 -47.78 -22.23
CA GLU A 64 -23.76 -48.32 -22.88
C GLU A 64 -22.56 -47.37 -22.77
N THR A 65 -22.81 -46.07 -22.91
CA THR A 65 -21.75 -45.07 -22.83
C THR A 65 -21.38 -44.80 -21.36
N CYS A 66 -22.38 -44.73 -20.50
CA CYS A 66 -22.19 -44.53 -19.05
C CYS A 66 -21.35 -45.63 -18.39
N GLU A 67 -21.71 -46.88 -18.63
CA GLU A 67 -20.94 -48.02 -18.14
C GLU A 67 -19.51 -48.03 -18.71
N ARG A 68 -19.39 -47.71 -20.01
CA ARG A 68 -18.10 -47.60 -20.71
C ARG A 68 -17.16 -46.53 -20.13
N THR A 69 -17.75 -45.40 -19.72
CA THR A 69 -17.02 -44.32 -19.07
C THR A 69 -16.56 -44.72 -17.65
N LEU A 70 -17.48 -45.25 -16.86
CA LEU A 70 -17.24 -45.58 -15.45
C LEU A 70 -16.25 -46.74 -15.20
N LYS A 71 -16.03 -47.56 -16.24
CA LYS A 71 -14.99 -48.60 -16.20
C LYS A 71 -13.59 -48.01 -16.23
N ARG A 72 -13.42 -46.90 -16.96
CA ARG A 72 -12.11 -46.25 -17.15
C ARG A 72 -11.54 -45.59 -15.87
N LEU A 73 -12.36 -45.56 -14.82
CA LEU A 73 -11.96 -45.02 -13.52
C LEU A 73 -11.29 -46.08 -12.64
N ILE A 74 -9.96 -46.04 -12.59
CA ILE A 74 -9.16 -47.01 -11.84
C ILE A 74 -8.55 -46.36 -10.58
N PRO A 75 -9.09 -46.69 -9.39
CA PRO A 75 -8.56 -46.13 -8.13
C PRO A 75 -7.24 -46.76 -7.71
N VAL A 76 -6.26 -45.92 -7.36
CA VAL A 76 -4.92 -46.37 -6.95
C VAL A 76 -4.41 -45.65 -5.70
N THR A 77 -3.63 -46.36 -4.90
CA THR A 77 -3.00 -45.82 -3.67
C THR A 77 -1.46 -45.78 -3.77
N ASP A 78 -0.92 -46.62 -4.65
CA ASP A 78 0.51 -46.61 -4.94
C ASP A 78 0.85 -45.58 -6.00
N ILE A 79 1.80 -44.72 -5.66
CA ILE A 79 2.25 -43.65 -6.55
C ILE A 79 3.05 -44.20 -7.74
N HIS A 80 3.64 -45.38 -7.53
CA HIS A 80 4.42 -46.05 -8.57
C HIS A 80 3.53 -46.61 -9.68
N ALA A 81 2.25 -46.79 -9.35
CA ALA A 81 1.21 -47.15 -10.33
C ALA A 81 0.99 -46.07 -11.40
N LEU A 82 1.41 -44.85 -11.11
CA LEU A 82 1.22 -43.72 -12.01
C LEU A 82 2.31 -43.61 -13.08
N ALA A 83 3.20 -44.60 -13.14
CA ALA A 83 4.32 -44.62 -14.10
C ALA A 83 3.88 -44.70 -15.57
N ALA A 84 2.72 -45.31 -15.81
CA ALA A 84 2.17 -45.47 -17.15
C ALA A 84 1.55 -44.19 -17.72
N ALA A 85 1.20 -43.24 -16.85
CA ALA A 85 0.50 -42.02 -17.22
C ALA A 85 1.24 -41.18 -18.25
N ASP A 86 0.55 -40.82 -19.33
CA ASP A 86 1.06 -39.86 -20.29
C ASP A 86 0.96 -38.45 -19.71
N LEU A 87 -0.01 -38.25 -18.81
CA LEU A 87 -0.32 -36.95 -18.24
C LEU A 87 -0.81 -37.06 -16.79
N VAL A 88 -0.24 -36.24 -15.90
CA VAL A 88 -0.70 -36.18 -14.52
C VAL A 88 -1.35 -34.83 -14.23
N ILE A 89 -2.57 -34.87 -13.69
CA ILE A 89 -3.27 -33.66 -13.31
C ILE A 89 -3.46 -33.69 -11.81
N GLU A 90 -2.83 -32.75 -11.11
CA GLU A 90 -2.86 -32.70 -9.65
C GLU A 90 -3.91 -31.72 -9.14
N ALA A 91 -4.67 -32.14 -8.12
CA ALA A 91 -5.62 -31.25 -7.46
C ALA A 91 -5.70 -31.56 -5.97
N ALA A 92 -4.54 -31.60 -5.31
CA ALA A 92 -4.45 -31.92 -3.88
C ALA A 92 -4.42 -30.67 -3.02
N SER A 93 -3.82 -30.78 -1.83
CA SER A 93 -3.79 -29.69 -0.84
C SER A 93 -2.90 -28.55 -1.30
N GLU A 94 -3.38 -27.32 -1.12
CA GLU A 94 -2.76 -26.11 -1.71
C GLU A 94 -1.60 -25.52 -0.90
N ARG A 95 -0.97 -26.33 -0.05
CA ARG A 95 0.27 -25.90 0.60
C ARG A 95 1.41 -26.16 -0.39
N LEU A 96 2.25 -25.15 -0.57
CA LEU A 96 3.33 -25.17 -1.57
C LEU A 96 4.40 -26.27 -1.34
N GLU A 97 4.60 -26.65 -0.07
CA GLU A 97 5.61 -27.64 0.33
C GLU A 97 5.22 -29.06 -0.09
N VAL A 98 3.97 -29.44 0.22
CA VAL A 98 3.43 -30.76 -0.10
C VAL A 98 3.37 -30.98 -1.60
N LYS A 99 3.02 -29.92 -2.35
CA LYS A 99 2.98 -29.96 -3.81
C LYS A 99 4.38 -30.11 -4.43
N LYS A 100 5.36 -29.40 -3.88
CA LYS A 100 6.75 -29.48 -4.33
C LYS A 100 7.36 -30.86 -4.08
N ALA A 101 6.98 -31.47 -2.96
CA ALA A 101 7.46 -32.80 -2.57
C ALA A 101 6.84 -33.92 -3.44
N LEU A 102 5.56 -33.76 -3.78
CA LEU A 102 4.84 -34.72 -4.62
C LEU A 102 5.31 -34.69 -6.08
N PHE A 103 5.53 -33.49 -6.61
CA PHE A 103 5.98 -33.30 -8.00
C PHE A 103 7.43 -33.76 -8.23
N ALA A 104 8.26 -33.71 -7.18
CA ALA A 104 9.63 -34.23 -7.22
C ALA A 104 9.64 -35.76 -7.28
N GLN A 105 8.74 -36.33 -6.50
CA GLN A 105 8.53 -37.75 -6.45
C GLN A 105 8.11 -38.23 -7.82
N LEU A 106 7.19 -37.51 -8.43
CA LEU A 106 6.63 -37.91 -9.71
C LEU A 106 7.63 -37.99 -10.85
N ALA A 107 8.60 -37.10 -10.88
CA ALA A 107 9.55 -37.08 -11.97
C ALA A 107 10.40 -38.34 -12.07
N GLU A 108 10.65 -38.97 -10.93
CA GLU A 108 11.45 -40.20 -10.90
C GLU A 108 10.62 -41.40 -11.35
N VAL A 109 9.34 -41.41 -10.98
CA VAL A 109 8.40 -42.48 -11.29
C VAL A 109 8.02 -42.49 -12.78
N CYS A 110 7.78 -41.31 -13.33
CA CYS A 110 7.31 -41.16 -14.71
C CYS A 110 8.44 -40.85 -15.69
N PRO A 111 8.26 -41.24 -16.97
CA PRO A 111 9.19 -40.88 -18.05
C PRO A 111 9.40 -39.36 -18.20
N PRO A 112 10.58 -38.94 -18.72
CA PRO A 112 10.92 -37.54 -19.04
C PRO A 112 9.95 -36.77 -19.95
N GLN A 113 9.07 -37.46 -20.66
CA GLN A 113 8.10 -36.82 -21.54
C GLN A 113 6.67 -36.76 -20.96
N THR A 114 6.45 -37.40 -19.81
CA THR A 114 5.17 -37.36 -19.08
C THR A 114 4.82 -35.93 -18.66
N LEU A 115 3.66 -35.45 -19.08
CA LEU A 115 3.24 -34.09 -18.75
C LEU A 115 2.77 -34.03 -17.32
N LEU A 116 3.32 -33.09 -16.56
CA LEU A 116 3.01 -32.96 -15.12
C LEU A 116 2.32 -31.64 -14.85
N THR A 117 1.02 -31.72 -14.52
CA THR A 117 0.21 -30.50 -14.38
C THR A 117 -0.50 -30.44 -13.05
N THR A 118 -0.99 -29.24 -12.73
CA THR A 118 -1.67 -28.96 -11.49
C THR A 118 -2.90 -28.10 -11.79
N ASN A 119 -3.90 -28.19 -10.93
CA ASN A 119 -5.16 -27.47 -11.07
C ASN A 119 -5.16 -26.23 -10.16
N THR A 120 -3.99 -25.86 -9.66
CA THR A 120 -3.85 -24.79 -8.66
C THR A 120 -4.33 -23.44 -9.19
N SER A 121 -4.99 -22.68 -8.33
CA SER A 121 -5.43 -21.33 -8.67
C SER A 121 -4.49 -20.24 -8.15
N SER A 122 -3.61 -20.60 -7.20
CA SER A 122 -2.90 -19.60 -6.39
C SER A 122 -1.44 -19.88 -6.06
N ILE A 123 -0.85 -20.90 -6.70
CA ILE A 123 0.56 -21.23 -6.45
C ILE A 123 1.29 -21.19 -7.78
N SER A 124 2.45 -20.53 -7.80
CA SER A 124 3.24 -20.34 -9.02
C SER A 124 3.75 -21.63 -9.63
N ILE A 125 3.60 -21.76 -10.94
CA ILE A 125 4.08 -22.92 -11.70
C ILE A 125 5.62 -23.00 -11.69
N THR A 126 6.26 -21.84 -11.68
CA THR A 126 7.72 -21.76 -11.68
C THR A 126 8.30 -22.26 -10.34
N ALA A 127 7.55 -22.07 -9.27
CA ALA A 127 7.95 -22.55 -7.94
C ALA A 127 7.89 -24.08 -7.86
N ILE A 128 6.78 -24.63 -8.36
CA ILE A 128 6.56 -26.07 -8.48
C ILE A 128 7.64 -26.74 -9.34
N ALA A 129 7.88 -26.18 -10.52
CA ALA A 129 8.86 -26.72 -11.48
C ALA A 129 10.34 -26.48 -11.15
N ALA A 130 10.62 -25.76 -10.07
CA ALA A 130 11.98 -25.30 -9.74
C ALA A 130 13.04 -26.42 -9.69
N GLU A 131 12.86 -27.40 -8.78
CA GLU A 131 13.81 -28.50 -8.65
C GLU A 131 13.21 -29.83 -9.10
N ILE A 132 12.70 -29.86 -10.34
CA ILE A 132 12.04 -31.04 -10.90
C ILE A 132 12.73 -31.40 -12.23
N LYS A 133 13.08 -32.69 -12.36
CA LYS A 133 13.69 -33.25 -13.59
C LYS A 133 12.88 -32.88 -14.80
N ASN A 134 13.57 -32.40 -15.84
CA ASN A 134 12.96 -31.91 -17.08
C ASN A 134 11.77 -30.98 -16.83
N PRO A 135 12.04 -29.74 -16.38
CA PRO A 135 10.95 -28.91 -15.91
C PRO A 135 10.04 -28.34 -17.01
N GLU A 136 10.48 -28.45 -18.28
CA GLU A 136 9.76 -27.88 -19.42
C GLU A 136 8.44 -28.57 -19.74
N ARG A 137 8.24 -29.76 -19.16
CA ARG A 137 6.96 -30.47 -19.26
C ARG A 137 6.08 -30.24 -18.02
N VAL A 138 6.41 -29.24 -17.21
CA VAL A 138 5.52 -28.84 -16.10
C VAL A 138 4.73 -27.58 -16.45
N ALA A 139 3.42 -27.66 -16.27
CA ALA A 139 2.51 -26.54 -16.55
C ALA A 139 1.34 -26.54 -15.58
N GLY A 140 0.48 -25.53 -15.70
CA GLY A 140 -0.78 -25.51 -14.99
C GLY A 140 -1.93 -25.85 -15.91
N LEU A 141 -2.88 -26.61 -15.38
CA LEU A 141 -4.09 -26.96 -16.10
C LEU A 141 -5.24 -26.61 -15.17
N HIS A 142 -5.74 -25.40 -15.34
CA HIS A 142 -6.67 -24.83 -14.38
C HIS A 142 -8.11 -24.93 -14.87
N PHE A 143 -8.85 -25.84 -14.27
CA PHE A 143 -10.27 -26.07 -14.54
C PHE A 143 -11.11 -25.21 -13.59
N PHE A 144 -12.37 -25.01 -13.93
CA PHE A 144 -13.31 -24.25 -13.08
C PHE A 144 -14.43 -25.15 -12.61
N ASN A 145 -14.82 -24.96 -11.35
CA ASN A 145 -15.90 -25.71 -10.70
C ASN A 145 -17.25 -25.32 -11.31
N PRO A 146 -18.05 -26.32 -11.76
CA PRO A 146 -17.73 -27.76 -11.82
C PRO A 146 -17.02 -28.16 -13.11
N ALA A 147 -15.93 -28.90 -12.97
CA ALA A 147 -15.09 -29.33 -14.09
C ALA A 147 -15.82 -29.95 -15.32
N PRO A 148 -16.83 -30.83 -15.10
CA PRO A 148 -17.53 -31.30 -16.31
C PRO A 148 -18.39 -30.24 -17.01
N VAL A 149 -18.92 -29.32 -16.21
CA VAL A 149 -19.81 -28.27 -16.71
C VAL A 149 -19.03 -27.15 -17.39
N MET A 150 -18.08 -26.54 -16.67
CA MET A 150 -17.41 -25.33 -17.15
C MET A 150 -16.51 -25.59 -18.36
N LYS A 151 -16.66 -24.75 -19.38
CA LYS A 151 -16.01 -24.98 -20.67
C LYS A 151 -14.58 -24.47 -20.72
N LEU A 152 -14.21 -23.59 -19.78
CA LEU A 152 -12.89 -22.98 -19.82
C LEU A 152 -11.81 -23.78 -19.08
N VAL A 153 -10.64 -23.87 -19.69
CA VAL A 153 -9.43 -24.34 -19.01
C VAL A 153 -8.34 -23.31 -19.25
N GLU A 154 -7.71 -22.83 -18.17
CA GLU A 154 -6.51 -22.01 -18.30
C GLU A 154 -5.27 -22.90 -18.36
N VAL A 155 -4.45 -22.67 -19.38
CA VAL A 155 -3.25 -23.46 -19.60
C VAL A 155 -2.05 -22.60 -19.23
N VAL A 156 -1.38 -22.95 -18.14
CA VAL A 156 -0.54 -22.01 -17.44
C VAL A 156 0.96 -22.28 -17.58
N SER A 157 1.66 -21.39 -18.26
CA SER A 157 3.11 -21.54 -18.39
C SER A 157 3.88 -20.99 -17.19
N GLY A 158 4.76 -21.84 -16.65
CA GLY A 158 5.84 -21.39 -15.77
C GLY A 158 6.93 -20.80 -16.64
N LEU A 159 8.04 -20.40 -16.02
CA LEU A 159 9.14 -19.84 -16.77
C LEU A 159 9.86 -20.88 -17.66
N ALA A 160 9.84 -22.14 -17.24
CA ALA A 160 10.48 -23.24 -18.00
C ALA A 160 9.57 -23.96 -19.00
N THR A 161 8.25 -23.86 -18.82
CA THR A 161 7.25 -24.52 -19.69
C THR A 161 7.48 -24.31 -21.19
N ALA A 162 7.59 -25.41 -21.94
CA ALA A 162 7.90 -25.36 -23.37
C ALA A 162 6.69 -25.08 -24.24
N ALA A 163 6.93 -24.43 -25.39
CA ALA A 163 5.88 -24.07 -26.35
C ALA A 163 5.22 -25.27 -27.03
N GLU A 164 5.94 -26.40 -27.04
CA GLU A 164 5.45 -27.67 -27.57
C GLU A 164 4.44 -28.27 -26.61
N VAL A 165 4.70 -28.11 -25.31
CA VAL A 165 3.86 -28.65 -24.25
C VAL A 165 2.54 -27.90 -24.15
N VAL A 166 2.61 -26.58 -24.29
CA VAL A 166 1.42 -25.72 -24.32
C VAL A 166 0.47 -26.16 -25.45
N GLU A 167 1.03 -26.37 -26.64
CA GLU A 167 0.26 -26.82 -27.80
C GLU A 167 -0.43 -28.16 -27.58
N GLN A 168 0.30 -29.10 -26.96
CA GLN A 168 -0.24 -30.40 -26.59
C GLN A 168 -1.44 -30.28 -25.65
N LEU A 169 -1.30 -29.44 -24.64
CA LEU A 169 -2.35 -29.28 -23.62
C LEU A 169 -3.56 -28.56 -24.20
N CYS A 170 -3.33 -27.63 -25.11
CA CYS A 170 -4.42 -26.93 -25.79
C CYS A 170 -5.23 -27.86 -26.68
N GLU A 171 -4.50 -28.65 -27.47
CA GLU A 171 -5.09 -29.65 -28.37
C GLU A 171 -5.81 -30.73 -27.57
N LEU A 172 -5.18 -31.19 -26.49
CA LEU A 172 -5.85 -32.13 -25.60
C LEU A 172 -7.14 -31.57 -24.97
N THR A 173 -7.07 -30.37 -24.38
CA THR A 173 -8.26 -29.83 -23.70
C THR A 173 -9.39 -29.55 -24.69
N LEU A 174 -9.03 -29.10 -25.91
CA LEU A 174 -9.97 -28.96 -27.02
C LEU A 174 -10.71 -30.27 -27.31
N SER A 175 -9.98 -31.38 -27.24
CA SER A 175 -10.55 -32.71 -27.47
C SER A 175 -11.47 -33.14 -26.32
N TRP A 176 -11.43 -32.42 -25.21
CA TRP A 176 -12.35 -32.71 -24.10
C TRP A 176 -13.61 -31.86 -24.12
N GLY A 177 -13.84 -31.17 -25.23
CA GLY A 177 -15.00 -30.28 -25.36
C GLY A 177 -14.82 -29.00 -24.56
N LYS A 178 -13.56 -28.67 -24.26
CA LYS A 178 -13.22 -27.48 -23.49
C LYS A 178 -12.59 -26.43 -24.40
N GLN A 179 -12.39 -25.24 -23.84
CA GLN A 179 -11.73 -24.17 -24.55
C GLN A 179 -10.52 -23.74 -23.74
N PRO A 180 -9.31 -24.01 -24.26
CA PRO A 180 -8.11 -23.61 -23.57
C PRO A 180 -7.74 -22.15 -23.82
N VAL A 181 -7.22 -21.50 -22.80
CA VAL A 181 -6.62 -20.19 -22.95
C VAL A 181 -5.19 -20.25 -22.40
N ARG A 182 -4.25 -19.59 -23.06
CA ARG A 182 -2.84 -19.65 -22.64
C ARG A 182 -2.47 -18.40 -21.84
N CYS A 183 -1.88 -18.60 -20.67
CA CYS A 183 -1.40 -17.48 -19.88
C CYS A 183 -0.15 -17.85 -19.10
N HIS A 184 0.62 -16.83 -18.72
CA HIS A 184 1.78 -17.02 -17.86
CA HIS A 184 1.78 -17.02 -17.86
C HIS A 184 1.35 -17.22 -16.41
N SER A 185 2.26 -17.68 -15.57
CA SER A 185 1.99 -17.89 -14.15
C SER A 185 2.11 -16.56 -13.38
N THR A 186 1.03 -15.78 -13.40
CA THR A 186 0.93 -14.52 -12.66
C THR A 186 -0.36 -14.54 -11.82
N PRO A 187 -0.38 -13.79 -10.68
CA PRO A 187 -1.52 -13.88 -9.73
C PRO A 187 -2.90 -13.78 -10.38
N GLY A 188 -3.78 -14.71 -10.04
CA GLY A 188 -5.14 -14.75 -10.58
C GLY A 188 -5.28 -15.17 -12.03
N PHE A 189 -4.16 -15.56 -12.65
CA PHE A 189 -4.09 -15.88 -14.10
C PHE A 189 -4.85 -14.86 -14.94
N ILE A 190 -5.90 -15.29 -15.66
CA ILE A 190 -6.74 -14.33 -16.38
C ILE A 190 -8.01 -14.03 -15.59
N VAL A 191 -8.81 -15.07 -15.38
CA VAL A 191 -10.15 -14.96 -14.84
C VAL A 191 -10.24 -14.37 -13.43
N ASN A 192 -9.51 -14.95 -12.48
CA ASN A 192 -9.53 -14.45 -11.09
C ASN A 192 -8.95 -13.05 -10.92
N ARG A 193 -8.14 -12.61 -11.88
CA ARG A 193 -7.57 -11.28 -11.87
C ARG A 193 -8.52 -10.26 -12.48
N VAL A 194 -9.00 -10.53 -13.69
CA VAL A 194 -9.84 -9.58 -14.42
C VAL A 194 -11.25 -9.43 -13.81
N ALA A 195 -11.72 -10.48 -13.12
CA ALA A 195 -13.05 -10.46 -12.48
C ALA A 195 -13.12 -9.66 -11.17
N ARG A 196 -11.97 -9.38 -10.57
CA ARG A 196 -11.93 -8.71 -9.26
C ARG A 196 -12.85 -7.45 -9.15
N PRO A 197 -12.85 -6.52 -10.15
CA PRO A 197 -13.62 -5.29 -9.93
C PRO A 197 -15.12 -5.41 -10.02
N TYR A 198 -15.60 -6.50 -10.61
CA TYR A 198 -17.01 -6.87 -10.58
C TYR A 198 -17.53 -6.96 -9.16
N TYR A 199 -16.76 -7.65 -8.30
CA TYR A 199 -17.08 -7.75 -6.89
C TYR A 199 -16.72 -6.48 -6.13
N SER A 200 -15.53 -5.93 -6.38
CA SER A 200 -15.01 -4.86 -5.52
C SER A 200 -15.78 -3.55 -5.60
N GLU A 201 -16.26 -3.20 -6.79
CA GLU A 201 -17.07 -1.98 -6.95
C GLU A 201 -18.37 -2.08 -6.22
N ALA A 202 -18.97 -3.27 -6.23
CA ALA A 202 -20.21 -3.54 -5.49
C ALA A 202 -20.03 -3.32 -3.99
N TRP A 203 -18.96 -3.89 -3.43
CA TRP A 203 -18.68 -3.73 -2.00
C TRP A 203 -18.47 -2.27 -1.61
N ARG A 204 -17.84 -1.49 -2.50
CA ARG A 204 -17.62 -0.07 -2.25
C ARG A 204 -18.92 0.73 -2.21
N ALA A 205 -19.86 0.34 -3.07
CA ALA A 205 -21.18 0.98 -3.18
C ALA A 205 -21.99 0.70 -1.94
N LEU A 206 -21.90 -0.54 -1.45
CA LEU A 206 -22.52 -0.95 -0.20
C LEU A 206 -21.97 -0.20 1.00
N GLU A 207 -20.65 -0.13 1.13
CA GLU A 207 -20.08 0.61 2.24
C GLU A 207 -20.58 2.06 2.31
N GLU A 208 -20.77 2.68 1.14
CA GLU A 208 -21.29 4.05 1.09
C GLU A 208 -22.84 4.16 1.00
N GLN A 209 -23.53 3.03 1.07
CA GLN A 209 -25.01 3.00 1.07
C GLN A 209 -25.62 3.75 -0.13
N VAL A 210 -25.09 3.44 -1.31
CA VAL A 210 -25.48 4.07 -2.56
C VAL A 210 -26.90 3.61 -2.95
N ALA A 211 -27.15 2.33 -2.71
CA ALA A 211 -28.39 1.65 -3.06
C ALA A 211 -28.37 0.35 -2.28
N ALA A 212 -29.55 -0.21 -2.07
CA ALA A 212 -29.72 -1.54 -1.53
C ALA A 212 -28.98 -2.56 -2.40
N PRO A 213 -28.56 -3.69 -1.81
CA PRO A 213 -27.87 -4.73 -2.60
C PRO A 213 -28.68 -5.30 -3.77
N GLU A 214 -30.00 -5.37 -3.65
CA GLU A 214 -30.85 -5.88 -4.73
C GLU A 214 -30.77 -4.94 -5.92
N VAL A 215 -30.71 -3.63 -5.63
CA VAL A 215 -30.66 -2.63 -6.68
C VAL A 215 -29.34 -2.73 -7.45
N ILE A 216 -28.22 -2.84 -6.73
CA ILE A 216 -26.90 -3.06 -7.32
C ILE A 216 -26.92 -4.30 -8.21
N ASP A 217 -27.41 -5.40 -7.67
CA ASP A 217 -27.54 -6.65 -8.43
C ASP A 217 -28.47 -6.59 -9.65
N ALA A 218 -29.53 -5.79 -9.58
CA ALA A 218 -30.45 -5.66 -10.73
C ALA A 218 -29.90 -4.77 -11.85
N ALA A 219 -29.13 -3.75 -11.46
CA ALA A 219 -28.42 -2.91 -12.42
C ALA A 219 -27.44 -3.72 -13.26
N LEU A 220 -26.68 -4.61 -12.62
CA LEU A 220 -25.64 -5.35 -13.34
C LEU A 220 -26.23 -6.52 -14.12
N ARG A 221 -27.15 -7.25 -13.51
CA ARG A 221 -27.81 -8.36 -14.17
C ARG A 221 -28.76 -7.90 -15.28
N ASP A 222 -29.78 -7.12 -14.93
CA ASP A 222 -30.84 -6.76 -15.89
C ASP A 222 -30.60 -5.47 -16.65
N GLY A 223 -29.53 -4.76 -16.32
CA GLY A 223 -29.24 -3.49 -17.02
C GLY A 223 -27.97 -3.62 -17.84
N ALA A 224 -26.97 -4.30 -17.27
CA ALA A 224 -25.70 -4.53 -17.95
C ALA A 224 -25.71 -5.85 -18.70
N GLY A 225 -26.51 -6.80 -18.23
CA GLY A 225 -26.65 -8.06 -18.95
C GLY A 225 -25.77 -9.18 -18.40
N PHE A 226 -25.20 -8.97 -17.22
CA PHE A 226 -24.47 -10.01 -16.51
C PHE A 226 -25.50 -11.07 -16.07
N PRO A 227 -25.12 -12.35 -16.11
CA PRO A 227 -26.06 -13.44 -15.76
C PRO A 227 -26.52 -13.37 -14.31
N MET A 228 -25.60 -13.03 -13.41
CA MET A 228 -25.92 -12.79 -12.01
C MET A 228 -25.19 -11.54 -11.50
N GLY A 229 -25.89 -10.76 -10.68
CA GLY A 229 -25.31 -9.57 -10.02
C GLY A 229 -24.22 -9.97 -9.03
N PRO A 230 -23.23 -9.10 -8.83
CA PRO A 230 -22.02 -9.45 -8.06
C PRO A 230 -22.26 -9.93 -6.63
N LEU A 231 -23.19 -9.30 -5.91
CA LEU A 231 -23.45 -9.61 -4.49
C LEU A 231 -24.12 -10.96 -4.29
N GLU A 232 -25.23 -11.21 -5.01
CA GLU A 232 -25.84 -12.55 -5.00
C GLU A 232 -24.86 -13.61 -5.51
N LEU A 233 -24.00 -13.26 -6.47
CA LEU A 233 -22.96 -14.20 -6.92
C LEU A 233 -21.95 -14.55 -5.80
N THR A 234 -21.56 -13.57 -4.98
CA THR A 234 -20.65 -13.86 -3.86
C THR A 234 -21.31 -14.76 -2.81
N ASP A 235 -22.61 -14.55 -2.56
CA ASP A 235 -23.39 -15.46 -1.70
C ASP A 235 -23.39 -16.91 -2.21
N LEU A 236 -23.46 -17.08 -3.53
CA LEU A 236 -23.45 -18.42 -4.12
C LEU A 236 -22.08 -19.04 -4.20
N ILE A 237 -21.04 -18.24 -4.46
CA ILE A 237 -19.67 -18.73 -4.41
C ILE A 237 -19.30 -19.11 -2.97
N GLY A 238 -19.83 -18.35 -2.01
CA GLY A 238 -19.40 -18.47 -0.63
C GLY A 238 -18.56 -17.25 -0.33
N GLN A 239 -18.92 -16.54 0.73
CA GLN A 239 -18.27 -15.28 1.05
C GLN A 239 -16.83 -15.51 1.44
N ASP A 240 -16.58 -16.61 2.13
CA ASP A 240 -15.23 -16.98 2.51
C ASP A 240 -14.33 -17.28 1.29
N VAL A 241 -14.85 -18.02 0.31
CA VAL A 241 -14.06 -18.39 -0.87
C VAL A 241 -13.74 -17.17 -1.74
N ASN A 242 -14.73 -16.31 -1.94
CA ASN A 242 -14.55 -15.11 -2.74
C ASN A 242 -13.60 -14.09 -2.07
N PHE A 243 -13.75 -13.90 -0.75
CA PHE A 243 -12.88 -13.02 0.03
C PHE A 243 -11.46 -13.54 -0.04
N ALA A 244 -11.28 -14.85 0.10
CA ALA A 244 -9.96 -15.47 0.08
C ALA A 244 -9.21 -15.23 -1.24
N VAL A 245 -9.92 -15.31 -2.37
CA VAL A 245 -9.34 -15.02 -3.69
C VAL A 245 -8.97 -13.55 -3.82
N THR A 246 -9.87 -12.67 -3.37
CA THR A 246 -9.61 -11.24 -3.32
C THR A 246 -8.35 -10.95 -2.52
N CYS A 247 -8.27 -11.46 -1.30
CA CYS A 247 -7.09 -11.30 -0.45
C CYS A 247 -5.82 -11.88 -1.06
N SER A 248 -5.94 -13.09 -1.63
CA SER A 248 -4.80 -13.76 -2.24
C SER A 248 -4.22 -12.96 -3.37
N VAL A 249 -5.09 -12.42 -4.24
CA VAL A 249 -4.64 -11.60 -5.37
C VAL A 249 -3.95 -10.33 -4.89
N PHE A 250 -4.57 -9.69 -3.89
CA PHE A 250 -4.11 -8.43 -3.29
C PHE A 250 -2.72 -8.58 -2.74
N ASN A 251 -2.53 -9.63 -1.95
CA ASN A 251 -1.22 -9.89 -1.34
C ASN A 251 -0.15 -10.26 -2.34
N ALA A 252 -0.52 -11.01 -3.38
CA ALA A 252 0.45 -11.47 -4.39
C ALA A 252 0.85 -10.35 -5.35
N PHE A 253 0.04 -9.30 -5.39
CA PHE A 253 0.40 -8.09 -6.13
C PHE A 253 0.97 -7.04 -5.16
N TRP A 254 1.58 -7.52 -4.07
CA TRP A 254 2.11 -6.66 -2.98
C TRP A 254 1.21 -5.50 -2.61
N GLN A 255 -0.03 -5.81 -2.26
CA GLN A 255 -0.98 -4.82 -1.81
C GLN A 255 -1.35 -3.67 -2.76
N GLU A 256 -1.51 -4.00 -4.02
CA GLU A 256 -1.98 -3.08 -5.07
C GLU A 256 -3.42 -2.71 -4.74
N ARG A 257 -3.69 -1.41 -4.69
CA ARG A 257 -4.98 -0.87 -4.25
C ARG A 257 -6.18 -1.21 -5.14
N ARG A 258 -5.92 -1.42 -6.43
CA ARG A 258 -6.91 -1.98 -7.36
C ARG A 258 -7.54 -3.28 -6.87
N PHE A 259 -6.83 -4.00 -6.01
CA PHE A 259 -7.31 -5.29 -5.50
C PHE A 259 -7.62 -5.26 -4.01
N LEU A 260 -7.83 -4.07 -3.45
CA LEU A 260 -8.11 -3.91 -2.01
C LEU A 260 -9.33 -4.74 -1.57
N PRO A 261 -9.24 -5.41 -0.40
CA PRO A 261 -10.40 -6.08 0.15
C PRO A 261 -11.34 -5.06 0.75
N SER A 262 -12.52 -5.53 1.16
CA SER A 262 -13.55 -4.66 1.71
C SER A 262 -13.82 -5.07 3.14
N LEU A 263 -13.96 -4.08 4.02
CA LEU A 263 -14.36 -4.32 5.43
C LEU A 263 -15.74 -4.92 5.53
N VAL A 264 -16.60 -4.60 4.57
CA VAL A 264 -17.98 -5.10 4.55
C VAL A 264 -17.97 -6.62 4.33
N GLN A 265 -17.25 -7.08 3.32
CA GLN A 265 -17.15 -8.52 3.04
C GLN A 265 -16.43 -9.25 4.18
N GLN A 266 -15.33 -8.66 4.66
CA GLN A 266 -14.61 -9.17 5.85
C GLN A 266 -15.53 -9.43 7.04
N GLU A 267 -16.31 -8.42 7.41
CA GLU A 267 -17.28 -8.53 8.49
C GLU A 267 -18.23 -9.74 8.34
N LEU A 268 -18.72 -10.00 7.13
CA LEU A 268 -19.57 -11.18 6.88
C LEU A 268 -18.81 -12.50 7.06
N VAL A 269 -17.58 -12.58 6.54
CA VAL A 269 -16.75 -13.80 6.65
C VAL A 269 -16.44 -14.12 8.11
N ILE A 270 -15.98 -13.09 8.82
CA ILE A 270 -15.68 -13.16 10.24
C ILE A 270 -16.94 -13.47 11.07
N GLY A 271 -18.08 -12.95 10.64
CA GLY A 271 -19.34 -13.22 11.33
C GLY A 271 -20.04 -14.49 10.86
N GLY A 272 -19.39 -15.26 9.99
CA GLY A 272 -19.90 -16.57 9.58
C GLY A 272 -21.13 -16.54 8.70
N ARG A 273 -21.39 -15.39 8.09
CA ARG A 273 -22.50 -15.24 7.18
C ARG A 273 -21.99 -15.45 5.76
N LEU A 274 -21.73 -16.71 5.44
CA LEU A 274 -20.98 -17.06 4.25
C LEU A 274 -21.82 -17.20 2.97
N GLY A 275 -23.09 -16.82 3.01
CA GLY A 275 -23.93 -16.88 1.81
C GLY A 275 -24.98 -17.96 1.82
N LYS A 276 -25.25 -18.54 0.65
CA LYS A 276 -26.32 -19.53 0.48
C LYS A 276 -26.08 -20.78 1.34
N LYS A 277 -24.83 -21.20 1.38
CA LYS A 277 -24.38 -22.42 2.07
C LYS A 277 -24.61 -22.44 3.58
N SER A 278 -24.80 -21.28 4.19
CA SER A 278 -25.09 -21.21 5.62
C SER A 278 -26.38 -20.43 5.90
N GLY A 279 -27.16 -20.18 4.85
CA GLY A 279 -28.50 -19.62 4.99
C GLY A 279 -28.60 -18.10 4.93
N LEU A 280 -27.46 -17.43 5.09
CA LEU A 280 -27.40 -15.97 5.20
C LEU A 280 -26.00 -15.44 4.83
N GLY A 281 -25.96 -14.46 3.94
CA GLY A 281 -24.72 -13.76 3.59
C GLY A 281 -25.07 -12.30 3.46
N VAL A 282 -24.97 -11.77 2.24
CA VAL A 282 -25.55 -10.48 1.90
C VAL A 282 -27.09 -10.62 1.98
N TYR A 283 -27.59 -11.76 1.54
CA TYR A 283 -29.03 -11.96 1.44
C TYR A 283 -29.51 -13.03 2.43
N ASP A 284 -30.78 -12.95 2.81
CA ASP A 284 -31.43 -13.98 3.62
C ASP A 284 -31.94 -15.08 2.70
N TRP A 285 -31.25 -16.22 2.70
CA TRP A 285 -31.61 -17.34 1.85
C TRP A 285 -32.67 -18.27 2.47
N ARG A 286 -32.95 -18.08 3.76
CA ARG A 286 -33.95 -18.84 4.51
C ARG A 286 -35.37 -18.35 4.21
N ALA A 287 -35.47 -17.15 3.64
CA ALA A 287 -36.72 -16.59 3.13
C ALA A 287 -36.61 -16.38 1.62
N GLU A 288 -37.72 -16.44 0.90
CA GLU A 288 -37.75 -16.12 -0.53
C GLU A 288 -37.49 -14.63 -0.72
N ARG A 289 -36.96 -14.25 -1.89
CA ARG A 289 -36.69 -12.84 -2.15
C ARG A 289 -37.46 -12.26 -3.32
N GLU A 290 -38.12 -11.14 -3.03
CA GLU A 290 -38.87 -10.38 -4.00
C GLU A 290 -37.92 -9.76 -5.01
N ALA A 291 -38.40 -9.60 -6.24
CA ALA A 291 -37.69 -8.83 -7.24
C ALA A 291 -37.86 -7.36 -6.88
N VAL A 292 -36.94 -6.53 -7.34
CA VAL A 292 -37.09 -5.09 -7.17
C VAL A 292 -38.19 -4.58 -8.06
N VAL A 293 -38.96 -3.63 -7.54
CA VAL A 293 -40.10 -3.07 -8.23
C VAL A 293 -39.62 -2.09 -9.29
N GLY A 294 -38.86 -1.09 -8.88
CA GLY A 294 -38.60 0.08 -9.70
C GLY A 294 -39.57 1.17 -9.30
N LEU A 295 -39.25 2.41 -9.65
CA LEU A 295 -40.09 3.54 -9.29
C LEU A 295 -41.48 3.43 -9.93
N GLU A 296 -42.47 4.04 -9.28
CA GLU A 296 -43.85 3.98 -9.76
C GLU A 296 -44.06 4.94 -10.92
N ALA A 297 -45.13 4.69 -11.67
CA ALA A 297 -45.53 5.54 -12.78
C ALA A 297 -45.78 6.98 -12.31
N VAL A 298 -45.06 7.91 -12.91
CA VAL A 298 -45.30 9.32 -12.70
C VAL A 298 -46.39 9.69 -13.71
N SER A 299 -47.31 10.56 -13.29
CA SER A 299 -48.48 10.91 -14.10
C SER A 299 -48.12 11.77 -15.30
N ASP A 300 -49.04 11.80 -16.27
CA ASP A 300 -48.84 12.48 -17.54
C ASP A 300 -48.97 14.01 -17.40
N SER A 301 -49.15 14.49 -16.18
CA SER A 301 -49.18 15.92 -15.88
C SER A 301 -47.77 16.52 -15.89
N PHE A 302 -46.76 15.68 -15.66
CA PHE A 302 -45.37 16.10 -15.73
C PHE A 302 -44.75 15.76 -17.10
N SER A 303 -45.59 15.67 -18.11
CA SER A 303 -45.18 15.42 -19.49
C SER A 303 -44.26 16.52 -20.01
N PRO A 304 -43.21 16.14 -20.76
CA PRO A 304 -42.24 17.11 -21.30
C PRO A 304 -42.79 17.98 -22.44
N MET A 305 -42.57 19.29 -22.32
CA MET A 305 -42.96 20.28 -23.33
C MET A 305 -42.20 20.05 -24.64
N LYS A 306 -40.91 19.77 -24.53
CA LYS A 306 -40.07 19.45 -25.68
C LYS A 306 -38.94 18.48 -25.33
N VAL A 307 -38.79 17.45 -26.15
CA VAL A 307 -37.72 16.48 -26.01
C VAL A 307 -36.74 16.64 -27.17
N GLU A 308 -35.51 17.03 -26.83
CA GLU A 308 -34.48 17.22 -27.84
C GLU A 308 -33.14 16.63 -27.38
N LYS A 309 -32.65 15.63 -28.12
CA LYS A 309 -31.31 15.09 -27.90
C LYS A 309 -30.30 16.14 -28.29
N LYS A 310 -29.52 16.55 -27.31
CA LYS A 310 -28.45 17.49 -27.47
C LYS A 310 -27.20 16.69 -27.78
N SER A 311 -26.03 17.26 -27.58
CA SER A 311 -24.81 16.55 -27.92
C SER A 311 -24.85 15.24 -27.20
N ASP A 312 -24.52 14.15 -27.89
CA ASP A 312 -24.75 12.80 -27.36
C ASP A 312 -24.23 12.54 -25.95
N GLY A 313 -25.06 11.85 -25.17
CA GLY A 313 -24.87 11.73 -23.73
C GLY A 313 -25.80 12.67 -22.99
N VAL A 314 -26.07 13.83 -23.59
CA VAL A 314 -26.85 14.90 -22.96
C VAL A 314 -28.19 15.07 -23.68
N THR A 315 -29.28 14.96 -22.92
CA THR A 315 -30.63 15.11 -23.46
C THR A 315 -31.39 16.19 -22.71
N GLU A 316 -31.76 17.25 -23.43
CA GLU A 316 -32.53 18.35 -22.83
C GLU A 316 -34.02 18.02 -22.74
N ILE A 317 -34.57 18.20 -21.55
CA ILE A 317 -36.00 18.06 -21.27
C ILE A 317 -36.44 19.34 -20.56
N ASP A 318 -36.78 20.37 -21.35
CA ASP A 318 -37.27 21.67 -20.88
C ASP A 318 -36.35 22.33 -19.85
N ASP A 319 -36.69 22.12 -18.58
CA ASP A 319 -35.93 22.62 -17.45
C ASP A 319 -34.67 21.74 -17.21
N VAL A 320 -34.85 20.43 -17.39
CA VAL A 320 -33.91 19.40 -16.95
C VAL A 320 -32.89 19.01 -18.04
N LEU A 321 -31.74 18.50 -17.62
CA LEU A 321 -30.83 17.76 -18.51
C LEU A 321 -30.62 16.35 -17.98
N LEU A 322 -30.89 15.37 -18.84
CA LEU A 322 -30.60 13.96 -18.57
C LEU A 322 -29.21 13.66 -19.13
N ILE A 323 -28.24 13.39 -18.24
CA ILE A 323 -26.84 13.22 -18.66
C ILE A 323 -26.33 11.83 -18.29
N GLU A 324 -25.90 11.07 -19.28
CA GLU A 324 -25.30 9.75 -19.07
C GLU A 324 -24.01 9.89 -18.28
N THR A 325 -23.81 9.00 -17.30
CA THR A 325 -22.69 9.19 -16.38
C THR A 325 -21.35 9.12 -17.09
N GLN A 326 -20.52 10.12 -16.82
CA GLN A 326 -19.13 10.21 -17.26
C GLN A 326 -18.23 10.39 -16.05
N GLY A 327 -18.74 10.05 -14.87
CA GLY A 327 -17.93 10.04 -13.65
C GLY A 327 -18.05 11.24 -12.75
N GLU A 328 -18.80 12.24 -13.21
CA GLU A 328 -19.05 13.45 -12.44
C GLU A 328 -20.42 13.38 -11.82
N THR A 329 -20.60 13.96 -10.64
CA THR A 329 -21.89 13.85 -9.97
C THR A 329 -22.94 14.75 -10.60
N ALA A 330 -24.21 14.34 -10.48
CA ALA A 330 -25.34 15.16 -10.91
C ALA A 330 -25.26 16.58 -10.34
N GLN A 331 -24.91 16.67 -9.06
CA GLN A 331 -24.74 17.94 -8.37
C GLN A 331 -23.65 18.82 -8.98
N ALA A 332 -22.54 18.21 -9.41
CA ALA A 332 -21.39 18.96 -9.93
C ALA A 332 -21.75 19.63 -11.24
N LEU A 333 -22.48 18.88 -12.06
CA LEU A 333 -22.98 19.31 -13.33
C LEU A 333 -24.04 20.39 -13.12
N ALA A 334 -25.01 20.09 -12.25
CA ALA A 334 -26.08 21.03 -11.92
C ALA A 334 -25.59 22.44 -11.64
N ILE A 335 -24.60 22.59 -10.77
CA ILE A 335 -24.11 23.93 -10.48
C ILE A 335 -23.17 24.51 -11.55
N ARG A 336 -22.60 23.65 -12.40
CA ARG A 336 -21.71 24.14 -13.46
C ARG A 336 -22.47 24.45 -14.74
N LEU A 337 -23.62 23.81 -14.93
CA LEU A 337 -24.47 24.11 -16.07
C LEU A 337 -25.63 25.04 -15.68
N ALA A 338 -25.69 25.37 -14.38
CA ALA A 338 -26.71 26.24 -13.75
C ALA A 338 -28.15 25.81 -14.03
N ARG A 339 -28.34 24.50 -14.14
CA ARG A 339 -29.59 23.92 -14.58
C ARG A 339 -29.79 22.63 -13.79
N PRO A 340 -31.04 22.16 -13.65
CA PRO A 340 -31.28 20.86 -13.02
C PRO A 340 -30.66 19.72 -13.83
N VAL A 341 -30.06 18.76 -13.14
CA VAL A 341 -29.44 17.60 -13.78
C VAL A 341 -29.90 16.28 -13.14
N VAL A 342 -30.32 15.34 -13.99
CA VAL A 342 -30.51 13.95 -13.62
C VAL A 342 -29.46 13.13 -14.34
N VAL A 343 -28.67 12.37 -13.58
CA VAL A 343 -27.64 11.51 -14.17
C VAL A 343 -28.22 10.14 -14.38
N ILE A 344 -27.91 9.53 -15.52
CA ILE A 344 -28.44 8.21 -15.85
C ILE A 344 -27.32 7.20 -16.10
N ASP A 345 -27.53 5.95 -15.68
CA ASP A 345 -26.54 4.87 -15.80
C ASP A 345 -27.18 3.66 -16.49
N LYS A 346 -26.94 3.55 -17.79
CA LYS A 346 -27.70 2.62 -18.62
C LYS A 346 -26.84 1.98 -19.71
N MET A 347 -27.13 0.72 -20.02
CA MET A 347 -26.63 0.13 -21.26
C MET A 347 -27.78 -0.36 -22.15
N ALA A 348 -28.09 -1.65 -22.12
CA ALA A 348 -28.99 -2.26 -23.11
C ALA A 348 -30.25 -2.90 -22.51
N GLY A 349 -30.16 -3.37 -21.27
CA GLY A 349 -31.28 -3.99 -20.59
C GLY A 349 -32.32 -2.98 -20.12
N LYS A 350 -33.46 -3.48 -19.65
CA LYS A 350 -34.56 -2.62 -19.18
C LYS A 350 -34.21 -1.80 -17.95
N VAL A 351 -33.41 -2.38 -17.07
CA VAL A 351 -33.06 -1.73 -15.80
C VAL A 351 -32.05 -0.58 -15.96
N VAL A 352 -32.41 0.56 -15.38
CA VAL A 352 -31.65 1.80 -15.50
C VAL A 352 -31.52 2.40 -14.08
N THR A 353 -30.37 2.99 -13.74
CA THR A 353 -30.29 3.74 -12.48
C THR A 353 -30.08 5.22 -12.75
N ILE A 354 -30.67 6.05 -11.90
CA ILE A 354 -30.61 7.50 -12.04
C ILE A 354 -30.31 8.13 -10.70
N ALA A 355 -29.80 9.35 -10.72
CA ALA A 355 -29.52 10.09 -9.50
C ALA A 355 -29.88 11.52 -9.71
N ALA A 356 -30.58 12.09 -8.75
CA ALA A 356 -30.98 13.48 -8.83
C ALA A 356 -29.94 14.34 -8.14
N ALA A 357 -29.65 15.49 -8.74
CA ALA A 357 -28.84 16.49 -8.06
C ALA A 357 -29.68 17.08 -6.92
N ALA A 358 -29.04 17.34 -5.78
CA ALA A 358 -29.72 17.84 -4.57
C ALA A 358 -30.43 19.19 -4.79
N VAL A 359 -29.88 19.99 -5.70
CA VAL A 359 -30.42 21.30 -6.03
C VAL A 359 -31.67 21.23 -6.93
N ASN A 360 -31.95 20.05 -7.51
CA ASN A 360 -33.17 19.86 -8.31
C ASN A 360 -34.41 20.15 -7.50
N PRO A 361 -35.38 20.89 -8.07
CA PRO A 361 -36.74 20.82 -7.54
C PRO A 361 -37.31 19.44 -7.89
N ASP A 362 -38.16 18.89 -7.01
CA ASP A 362 -38.67 17.52 -7.16
C ASP A 362 -39.53 17.29 -8.40
N SER A 363 -40.09 18.36 -8.95
CA SER A 363 -40.90 18.29 -10.16
C SER A 363 -40.03 18.10 -11.40
N ALA A 364 -38.86 18.75 -11.41
CA ALA A 364 -37.89 18.62 -12.50
C ALA A 364 -37.35 17.19 -12.60
N THR A 365 -36.99 16.62 -11.45
CA THR A 365 -36.54 15.22 -11.37
C THR A 365 -37.60 14.27 -11.93
N ARG A 366 -38.86 14.50 -11.56
CA ARG A 366 -39.99 13.69 -12.01
C ARG A 366 -40.26 13.77 -13.52
N LYS A 367 -39.95 14.92 -14.13
CA LYS A 367 -40.07 15.08 -15.57
C LYS A 367 -39.12 14.12 -16.27
N ALA A 368 -37.86 14.09 -15.81
CA ALA A 368 -36.86 13.16 -16.33
C ALA A 368 -37.25 11.70 -16.09
N ILE A 369 -37.77 11.41 -14.90
CA ILE A 369 -38.24 10.06 -14.56
C ILE A 369 -39.35 9.63 -15.51
N TYR A 370 -40.36 10.50 -15.66
CA TYR A 370 -41.48 10.27 -16.58
C TYR A 370 -40.98 9.92 -17.99
N TYR A 371 -40.12 10.81 -18.51
CA TYR A 371 -39.50 10.68 -19.83
C TYR A 371 -38.88 9.30 -20.09
N LEU A 372 -38.21 8.75 -19.08
CA LEU A 372 -37.57 7.45 -19.15
C LEU A 372 -38.57 6.31 -19.09
N GLN A 373 -39.57 6.47 -18.23
CA GLN A 373 -40.59 5.44 -18.02
C GLN A 373 -41.38 5.18 -19.30
N GLN A 374 -41.62 6.26 -20.05
CA GLN A 374 -42.35 6.21 -21.30
C GLN A 374 -41.53 5.59 -22.43
N GLN A 375 -40.20 5.53 -22.25
CA GLN A 375 -39.33 4.78 -23.15
C GLN A 375 -39.34 3.28 -22.85
N GLY A 376 -40.03 2.90 -21.77
CA GLY A 376 -40.23 1.49 -21.41
C GLY A 376 -39.18 0.92 -20.46
N LYS A 377 -38.58 1.79 -19.65
CA LYS A 377 -37.47 1.38 -18.78
C LYS A 377 -37.81 1.35 -17.29
N THR A 378 -37.29 0.34 -16.60
CA THR A 378 -37.39 0.30 -15.14
C THR A 378 -36.41 1.29 -14.52
N VAL A 379 -36.94 2.24 -13.75
CA VAL A 379 -36.14 3.29 -13.17
C VAL A 379 -35.86 3.01 -11.69
N LEU A 380 -34.58 2.98 -11.35
CA LEU A 380 -34.17 2.78 -9.95
C LEU A 380 -33.41 4.00 -9.48
N GLN A 381 -33.88 4.64 -8.43
CA GLN A 381 -33.22 5.83 -7.93
C GLN A 381 -32.23 5.46 -6.85
N ILE A 382 -31.02 6.00 -6.98
CA ILE A 382 -29.90 5.69 -6.08
C ILE A 382 -29.19 7.01 -5.72
N ALA A 383 -28.14 6.93 -4.93
CA ALA A 383 -27.41 8.13 -4.52
C ALA A 383 -26.60 8.74 -5.66
N ASP A 384 -26.34 10.04 -5.56
CA ASP A 384 -25.57 10.76 -6.54
C ASP A 384 -24.09 10.30 -6.46
N TYR A 385 -23.82 9.16 -7.07
CA TYR A 385 -22.59 8.40 -6.90
C TYR A 385 -21.79 8.48 -8.18
N PRO A 386 -20.56 9.02 -8.09
CA PRO A 386 -19.64 9.18 -9.20
C PRO A 386 -19.55 7.88 -9.99
N GLY A 387 -19.80 7.96 -11.29
CA GLY A 387 -19.74 6.80 -12.17
C GLY A 387 -20.87 5.80 -12.02
N MET A 388 -21.68 5.98 -10.98
CA MET A 388 -22.83 5.15 -10.70
C MET A 388 -22.42 3.66 -10.58
N LEU A 389 -23.16 2.73 -11.18
CA LEU A 389 -22.93 1.32 -10.92
C LEU A 389 -22.46 0.53 -12.12
N ILE A 390 -23.28 0.55 -13.17
CA ILE A 390 -22.98 -0.25 -14.36
C ILE A 390 -21.68 0.21 -15.01
N TRP A 391 -21.63 1.49 -15.36
CA TRP A 391 -20.53 2.03 -16.13
C TRP A 391 -19.22 2.04 -15.34
N ARG A 392 -19.31 2.39 -14.06
CA ARG A 392 -18.18 2.30 -13.14
C ARG A 392 -17.59 0.88 -13.08
N THR A 393 -18.46 -0.12 -12.91
CA THR A 393 -18.04 -1.53 -12.82
C THR A 393 -17.39 -2.01 -14.11
N VAL A 394 -18.06 -1.80 -15.24
CA VAL A 394 -17.59 -2.26 -16.55
C VAL A 394 -16.28 -1.57 -16.96
N ALA A 395 -16.21 -0.25 -16.73
CA ALA A 395 -14.96 0.48 -16.97
C ALA A 395 -13.79 -0.11 -16.20
N MET A 396 -13.99 -0.42 -14.92
CA MET A 396 -12.93 -1.05 -14.13
C MET A 396 -12.59 -2.48 -14.60
N ILE A 397 -13.59 -3.26 -15.02
CA ILE A 397 -13.31 -4.57 -15.64
C ILE A 397 -12.50 -4.39 -16.95
N ILE A 398 -12.86 -3.38 -17.74
CA ILE A 398 -12.15 -3.13 -18.99
C ILE A 398 -10.72 -2.64 -18.72
N ASN A 399 -10.56 -1.78 -17.71
CA ASN A 399 -9.23 -1.28 -17.36
C ASN A 399 -8.30 -2.42 -16.93
N GLU A 400 -8.85 -3.34 -16.14
CA GLU A 400 -8.16 -4.51 -15.64
C GLU A 400 -7.73 -5.50 -16.75
N ALA A 401 -8.60 -5.71 -17.73
CA ALA A 401 -8.29 -6.56 -18.88
C ALA A 401 -7.18 -5.95 -19.76
N LEU A 402 -7.23 -4.62 -19.93
CA LEU A 402 -6.18 -3.90 -20.65
C LEU A 402 -4.82 -3.99 -19.95
N ASP A 403 -4.81 -3.92 -18.63
CA ASP A 403 -3.58 -4.08 -17.86
C ASP A 403 -2.97 -5.47 -18.04
N ALA A 404 -3.81 -6.50 -17.96
CA ALA A 404 -3.35 -7.88 -18.16
C ALA A 404 -2.81 -8.09 -19.59
N LEU A 405 -3.41 -7.41 -20.56
CA LEU A 405 -2.97 -7.48 -21.94
C LEU A 405 -1.59 -6.88 -22.12
N GLN A 406 -1.37 -5.68 -21.59
CA GLN A 406 -0.07 -4.99 -21.74
C GLN A 406 1.06 -5.54 -20.85
N LYS A 407 0.69 -6.29 -19.80
CA LYS A 407 1.71 -6.97 -18.99
C LYS A 407 2.08 -8.37 -19.56
N GLY A 408 1.50 -8.72 -20.71
CA GLY A 408 1.79 -9.99 -21.41
C GLY A 408 1.32 -11.25 -20.69
N VAL A 409 0.23 -11.13 -19.93
CA VAL A 409 -0.38 -12.28 -19.26
C VAL A 409 -0.95 -13.22 -20.32
N ALA A 410 -1.64 -12.64 -21.30
CA ALA A 410 -2.33 -13.41 -22.33
C ALA A 410 -2.63 -12.52 -23.53
N SER A 411 -3.02 -13.15 -24.64
CA SER A 411 -3.45 -12.44 -25.84
C SER A 411 -4.83 -11.83 -25.64
N GLU A 412 -5.16 -10.84 -26.47
CA GLU A 412 -6.45 -10.17 -26.41
C GLU A 412 -7.61 -11.13 -26.53
N GLN A 413 -7.57 -12.00 -27.54
CA GLN A 413 -8.69 -12.93 -27.80
C GLN A 413 -8.89 -13.91 -26.66
N ASP A 414 -7.80 -14.37 -26.05
CA ASP A 414 -7.83 -15.30 -24.93
C ASP A 414 -8.40 -14.70 -23.66
N ILE A 415 -8.04 -13.45 -23.38
CA ILE A 415 -8.60 -12.71 -22.25
C ILE A 415 -10.12 -12.63 -22.40
N ASP A 416 -10.56 -12.20 -23.58
CA ASP A 416 -11.99 -12.08 -23.93
C ASP A 416 -12.73 -13.41 -23.86
N THR A 417 -12.07 -14.46 -24.35
CA THR A 417 -12.59 -15.82 -24.31
C THR A 417 -12.73 -16.30 -22.87
N ALA A 418 -11.69 -16.06 -22.07
CA ALA A 418 -11.68 -16.47 -20.67
C ALA A 418 -12.79 -15.83 -19.80
N MET A 419 -13.14 -14.57 -20.09
CA MET A 419 -14.21 -13.93 -19.34
C MET A 419 -15.59 -14.40 -19.82
N ARG A 420 -15.70 -14.68 -21.12
CA ARG A 420 -16.95 -15.22 -21.67
C ARG A 420 -17.25 -16.62 -21.19
N LEU A 421 -16.22 -17.44 -21.01
CA LEU A 421 -16.45 -18.85 -20.67
C LEU A 421 -16.18 -19.23 -19.22
N GLY A 422 -15.40 -18.41 -18.52
CA GLY A 422 -15.05 -18.70 -17.13
C GLY A 422 -16.03 -18.14 -16.12
N VAL A 423 -16.57 -16.97 -16.42
CA VAL A 423 -17.50 -16.29 -15.51
C VAL A 423 -18.74 -15.81 -16.25
N ASN A 424 -18.87 -16.25 -17.51
CA ASN A 424 -20.06 -16.08 -18.36
C ASN A 424 -20.48 -14.62 -18.62
N TYR A 425 -19.50 -13.72 -18.78
CA TYR A 425 -19.79 -12.30 -19.01
C TYR A 425 -20.40 -12.12 -20.40
N PRO A 426 -21.35 -11.17 -20.57
CA PRO A 426 -22.09 -10.99 -21.83
C PRO A 426 -21.21 -10.66 -23.03
N TYR A 427 -20.11 -9.95 -22.79
CA TYR A 427 -19.10 -9.70 -23.81
C TYR A 427 -17.71 -9.89 -23.22
N GLY A 428 -16.75 -10.23 -24.06
CA GLY A 428 -15.35 -10.13 -23.69
C GLY A 428 -14.96 -8.66 -23.54
N PRO A 429 -14.38 -8.28 -22.39
CA PRO A 429 -14.08 -6.90 -21.97
C PRO A 429 -13.39 -6.05 -23.01
N LEU A 430 -12.38 -6.61 -23.68
CA LEU A 430 -11.63 -5.89 -24.70
C LEU A 430 -12.48 -5.54 -25.93
N ALA A 431 -13.28 -6.49 -26.41
CA ALA A 431 -14.25 -6.21 -27.48
C ALA A 431 -15.31 -5.20 -27.03
N TRP A 432 -15.77 -5.38 -25.78
CA TRP A 432 -16.78 -4.52 -25.16
C TRP A 432 -16.29 -3.08 -25.13
N GLY A 433 -15.04 -2.91 -24.74
CA GLY A 433 -14.41 -1.58 -24.66
C GLY A 433 -14.30 -0.85 -25.99
N ALA A 434 -14.09 -1.58 -27.07
CA ALA A 434 -14.06 -0.95 -28.41
C ALA A 434 -15.47 -0.56 -28.83
N GLN A 435 -16.42 -1.43 -28.52
CA GLN A 435 -17.83 -1.19 -28.76
C GLN A 435 -18.35 0.01 -27.96
N LEU A 436 -17.97 0.09 -26.68
CA LEU A 436 -18.35 1.24 -25.85
C LEU A 436 -17.53 2.49 -26.15
N GLY A 437 -16.34 2.31 -26.74
CA GLY A 437 -15.49 3.42 -27.10
C GLY A 437 -14.44 3.73 -26.04
N TRP A 438 -13.19 3.83 -26.48
CA TRP A 438 -12.08 3.92 -25.57
C TRP A 438 -11.97 5.26 -24.86
N GLN A 439 -12.25 6.34 -25.58
CA GLN A 439 -12.16 7.70 -25.04
C GLN A 439 -13.21 7.96 -23.96
N ARG A 440 -14.40 7.37 -24.15
CA ARG A 440 -15.47 7.40 -23.16
C ARG A 440 -15.05 6.71 -21.85
N ILE A 441 -14.48 5.51 -21.97
CA ILE A 441 -14.01 4.75 -20.83
C ILE A 441 -12.88 5.52 -20.17
N LEU A 442 -11.99 6.09 -20.99
CA LEU A 442 -10.89 6.88 -20.50
C LEU A 442 -11.34 8.09 -19.68
N ARG A 443 -12.27 8.87 -20.24
CA ARG A 443 -12.79 10.07 -19.59
C ARG A 443 -13.46 9.76 -18.25
N LEU A 444 -14.19 8.65 -18.20
CA LEU A 444 -14.88 8.22 -16.99
C LEU A 444 -13.90 7.87 -15.85
N LEU A 445 -12.93 7.02 -16.15
CA LEU A 445 -11.89 6.65 -15.19
C LEU A 445 -11.09 7.84 -14.70
N GLU A 446 -10.79 8.79 -15.60
CA GLU A 446 -10.09 10.02 -15.20
C GLU A 446 -10.91 10.91 -14.27
N ASN A 447 -12.22 10.95 -14.53
CA ASN A 447 -13.12 11.71 -13.67
C ASN A 447 -13.23 11.07 -12.29
N LEU A 448 -13.20 9.73 -12.22
CA LEU A 448 -13.24 9.00 -10.93
C LEU A 448 -11.91 9.10 -10.19
N GLN A 449 -10.83 9.04 -10.94
CA GLN A 449 -9.49 9.22 -10.40
C GLN A 449 -9.37 10.61 -9.78
N HIS A 450 -9.85 11.63 -10.48
CA HIS A 450 -9.80 12.99 -9.92
C HIS A 450 -10.67 13.11 -8.67
N HIS A 451 -11.91 12.60 -8.76
CA HIS A 451 -12.88 12.69 -7.67
C HIS A 451 -12.38 12.01 -6.39
N TYR A 452 -11.87 10.78 -6.53
CA TYR A 452 -11.44 10.01 -5.37
C TYR A 452 -9.98 10.24 -5.00
N GLY A 453 -9.19 10.78 -5.93
CA GLY A 453 -7.74 10.96 -5.70
C GLY A 453 -7.04 9.64 -5.39
N GLU A 454 -7.60 8.56 -5.93
CA GLU A 454 -7.12 7.19 -5.67
C GLU A 454 -6.39 6.63 -6.87
N GLU A 455 -5.27 5.99 -6.60
CA GLU A 455 -4.49 5.27 -7.57
C GLU A 455 -5.31 4.08 -8.13
N ARG A 456 -6.23 3.57 -7.32
CA ARG A 456 -7.17 2.53 -7.72
C ARG A 456 -7.89 2.77 -9.06
N TYR A 457 -8.26 4.03 -9.33
CA TYR A 457 -9.00 4.41 -10.55
C TYR A 457 -8.14 4.96 -11.68
N ARG A 458 -6.83 4.72 -11.63
CA ARG A 458 -5.94 5.18 -12.67
C ARG A 458 -6.21 4.44 -13.98
N PRO A 459 -6.31 5.20 -15.09
CA PRO A 459 -6.31 4.60 -16.40
C PRO A 459 -4.98 3.92 -16.65
N CYS A 460 -5.00 2.68 -17.15
CA CYS A 460 -3.71 2.03 -17.37
C CYS A 460 -3.15 2.56 -18.67
N SER A 461 -1.86 2.33 -18.89
CA SER A 461 -1.12 2.87 -20.04
C SER A 461 -1.73 2.49 -21.39
N LEU A 462 -2.08 1.22 -21.55
CA LEU A 462 -2.68 0.73 -22.81
C LEU A 462 -4.01 1.42 -23.15
N LEU A 463 -4.80 1.76 -22.13
CA LEU A 463 -6.06 2.52 -22.31
C LEU A 463 -5.84 3.93 -22.88
N ARG A 464 -4.84 4.64 -22.38
CA ARG A 464 -4.48 5.94 -22.95
C ARG A 464 -4.06 5.80 -24.42
N GLN A 465 -3.33 4.72 -24.72
CA GLN A 465 -2.90 4.44 -26.09
C GLN A 465 -4.09 4.18 -27.01
N ARG A 466 -5.04 3.36 -26.57
CA ARG A 466 -6.15 3.03 -27.44
C ARG A 466 -7.10 4.21 -27.63
N ALA A 467 -7.22 5.05 -26.60
CA ALA A 467 -8.00 6.27 -26.68
C ALA A 467 -7.42 7.28 -27.66
N LEU A 468 -6.09 7.42 -27.69
CA LEU A 468 -5.42 8.28 -28.68
C LEU A 468 -5.56 7.75 -30.10
N LEU A 469 -5.50 6.42 -30.24
CA LEU A 469 -5.71 5.76 -31.54
C LEU A 469 -7.14 5.94 -32.04
N GLU A 470 -8.08 6.02 -31.11
CA GLU A 470 -9.49 6.14 -31.46
C GLU A 470 -9.86 7.55 -31.96
N SER A 471 -9.06 8.55 -31.59
CA SER A 471 -9.31 9.94 -32.00
C SER A 471 -8.88 10.30 -33.44
N GLY A 472 -8.61 9.29 -34.27
CA GLY A 472 -8.23 9.49 -35.67
C GLY A 472 -9.33 9.14 -36.65
N TYR A 473 -9.15 8.01 -37.35
CA TYR A 473 -10.10 7.46 -38.34
C TYR A 473 -10.51 8.42 -39.46
N ASN B 4 41.26 5.23 19.10
CA ASN B 4 42.54 4.46 18.97
C ASN B 4 42.29 2.96 18.99
N VAL B 5 42.45 2.33 17.83
CA VAL B 5 42.11 0.93 17.64
C VAL B 5 43.32 0.08 17.23
N GLN B 6 43.59 -0.95 18.03
CA GLN B 6 44.64 -1.92 17.70
C GLN B 6 44.02 -3.20 17.15
N THR B 7 43.47 -4.02 18.05
CA THR B 7 42.92 -5.32 17.68
C THR B 7 41.47 -5.18 17.19
N VAL B 8 41.20 -5.81 16.06
CA VAL B 8 39.88 -5.79 15.44
C VAL B 8 39.27 -7.19 15.50
N ALA B 9 38.06 -7.28 16.03
CA ALA B 9 37.29 -8.53 15.98
C ALA B 9 36.31 -8.48 14.81
N VAL B 10 36.33 -9.51 13.97
CA VAL B 10 35.42 -9.62 12.84
C VAL B 10 34.59 -10.90 13.03
N ILE B 11 33.33 -10.71 13.45
CA ILE B 11 32.43 -11.84 13.77
C ILE B 11 31.70 -12.34 12.51
N GLY B 12 31.76 -13.65 12.29
CA GLY B 12 31.17 -14.26 11.09
C GLY B 12 32.20 -14.40 9.99
N SER B 13 32.18 -15.55 9.33
CA SER B 13 33.20 -15.91 8.33
C SER B 13 32.68 -15.90 6.89
N GLY B 14 31.65 -15.10 6.62
CA GLY B 14 31.05 -15.02 5.29
C GLY B 14 31.91 -14.32 4.26
N THR B 15 31.34 -14.12 3.07
CA THR B 15 32.02 -13.43 1.96
C THR B 15 32.51 -12.02 2.35
N MET B 16 31.62 -11.25 2.98
CA MET B 16 31.94 -9.89 3.43
C MET B 16 32.88 -9.88 4.64
N GLY B 17 32.74 -10.85 5.53
CA GLY B 17 33.62 -10.98 6.71
C GLY B 17 35.08 -11.17 6.34
N ALA B 18 35.32 -11.96 5.29
CA ALA B 18 36.66 -12.26 4.79
C ALA B 18 37.32 -11.06 4.12
N GLY B 19 36.53 -10.31 3.35
CA GLY B 19 37.01 -9.08 2.69
C GLY B 19 37.31 -7.97 3.68
N ILE B 20 36.57 -7.92 4.78
CA ILE B 20 36.77 -6.91 5.84
C ILE B 20 38.06 -7.20 6.62
N ALA B 21 38.22 -8.45 7.06
CA ALA B 21 39.44 -8.91 7.73
C ALA B 21 40.71 -8.60 6.91
N GLU B 22 40.64 -8.80 5.60
CA GLU B 22 41.71 -8.46 4.67
C GLU B 22 42.03 -6.95 4.63
N VAL B 23 41.00 -6.11 4.70
CA VAL B 23 41.20 -4.65 4.75
C VAL B 23 41.85 -4.25 6.09
N ALA B 24 41.35 -4.83 7.18
CA ALA B 24 41.88 -4.55 8.52
C ALA B 24 43.35 -4.98 8.62
N ALA B 25 43.63 -6.22 8.22
CA ALA B 25 44.98 -6.79 8.29
C ALA B 25 46.00 -6.03 7.46
N SER B 26 45.68 -5.76 6.19
CA SER B 26 46.62 -5.10 5.28
C SER B 26 46.88 -3.62 5.58
N HIS B 27 46.26 -3.09 6.64
CA HIS B 27 46.49 -1.72 7.10
C HIS B 27 47.12 -1.70 8.50
N GLY B 28 47.53 -2.88 8.98
CA GLY B 28 48.35 -2.99 10.19
C GLY B 28 47.70 -3.64 11.39
N HIS B 29 46.38 -3.83 11.33
CA HIS B 29 45.61 -4.30 12.47
C HIS B 29 45.67 -5.82 12.63
N GLN B 30 45.82 -6.25 13.87
CA GLN B 30 45.76 -7.67 14.22
C GLN B 30 44.28 -8.05 14.27
N VAL B 31 43.90 -9.04 13.45
CA VAL B 31 42.50 -9.39 13.25
C VAL B 31 42.08 -10.68 13.96
N LEU B 32 41.15 -10.55 14.90
CA LEU B 32 40.61 -11.70 15.63
C LEU B 32 39.32 -12.24 15.01
N LEU B 33 39.45 -13.10 14.01
CA LEU B 33 38.31 -13.65 13.26
C LEU B 33 37.53 -14.71 14.06
N TYR B 34 36.23 -14.50 14.23
CA TYR B 34 35.37 -15.43 14.98
C TYR B 34 34.33 -16.17 14.10
N ASP B 35 34.09 -17.43 14.44
CA ASP B 35 32.94 -18.21 13.98
C ASP B 35 32.68 -19.36 14.97
N ILE B 36 31.47 -19.91 14.96
CA ILE B 36 31.15 -21.11 15.77
C ILE B 36 31.83 -22.37 15.20
N SER B 37 31.96 -22.42 13.88
CA SER B 37 32.61 -23.52 13.17
C SER B 37 34.10 -23.25 12.98
N ALA B 38 34.92 -24.05 13.66
CA ALA B 38 36.38 -23.92 13.60
C ALA B 38 36.94 -24.35 12.25
N GLU B 39 36.23 -25.25 11.58
CA GLU B 39 36.60 -25.74 10.25
C GLU B 39 36.33 -24.68 9.18
N ALA B 40 35.36 -23.81 9.44
CA ALA B 40 35.04 -22.71 8.53
C ALA B 40 36.02 -21.53 8.66
N LEU B 41 36.77 -21.50 9.77
CA LEU B 41 37.81 -20.49 10.00
C LEU B 41 38.97 -20.61 9.02
N THR B 42 39.62 -21.79 9.02
CA THR B 42 40.76 -22.09 8.14
C THR B 42 40.35 -22.12 6.66
N ARG B 43 39.07 -22.42 6.42
CA ARG B 43 38.44 -22.34 5.12
C ARG B 43 38.50 -20.92 4.54
N ALA B 44 38.19 -19.94 5.38
CA ALA B 44 38.12 -18.54 4.96
C ALA B 44 39.49 -17.87 4.80
N ILE B 45 40.40 -18.18 5.73
CA ILE B 45 41.75 -17.60 5.74
C ILE B 45 42.57 -18.05 4.53
N ASP B 46 42.41 -19.32 4.15
CA ASP B 46 43.05 -19.86 2.95
C ASP B 46 42.44 -19.30 1.66
N GLY B 47 41.22 -18.78 1.78
CA GLY B 47 40.61 -17.97 0.73
C GLY B 47 41.38 -16.68 0.54
N ILE B 48 41.75 -16.04 1.65
CA ILE B 48 42.55 -14.79 1.64
C ILE B 48 43.99 -15.07 1.19
N HIS B 49 44.51 -16.24 1.56
CA HIS B 49 45.82 -16.71 1.11
C HIS B 49 45.84 -16.84 -0.42
N ALA B 50 44.78 -17.43 -0.96
CA ALA B 50 44.63 -17.64 -2.41
C ALA B 50 44.55 -16.33 -3.20
N ARG B 51 43.88 -15.32 -2.63
CA ARG B 51 43.70 -14.03 -3.30
C ARG B 51 44.93 -13.12 -3.16
N LEU B 52 45.68 -13.28 -2.08
CA LEU B 52 46.90 -12.49 -1.86
C LEU B 52 48.13 -13.04 -2.60
N ASN B 53 48.00 -14.23 -3.16
CA ASN B 53 49.06 -14.85 -3.95
C ASN B 53 49.07 -14.43 -5.42
N SER B 54 48.08 -13.61 -5.81
CA SER B 54 47.98 -13.09 -7.17
C SER B 54 48.26 -11.58 -7.24
N ARG B 55 48.16 -10.91 -6.09
CA ARG B 55 48.46 -9.48 -6.00
C ARG B 55 49.95 -9.24 -5.69
N VAL B 56 50.62 -10.30 -5.22
CA VAL B 56 52.06 -10.29 -5.03
C VAL B 56 52.78 -10.52 -6.38
N THR B 57 52.12 -11.25 -7.28
CA THR B 57 52.66 -11.54 -8.62
C THR B 57 52.60 -10.34 -9.57
N ARG B 58 51.71 -9.40 -9.27
CA ARG B 58 51.55 -8.18 -10.08
C ARG B 58 52.50 -7.05 -9.66
N GLY B 59 52.83 -7.00 -8.37
CA GLY B 59 53.76 -6.00 -7.85
C GLY B 59 53.14 -4.93 -6.96
N LYS B 60 51.89 -5.16 -6.54
CA LYS B 60 51.19 -4.24 -5.64
C LYS B 60 51.63 -4.41 -4.18
N LEU B 61 52.21 -5.56 -3.86
CA LEU B 61 52.68 -5.90 -2.53
C LEU B 61 53.82 -6.90 -2.64
N THR B 62 54.87 -6.71 -1.85
CA THR B 62 55.97 -7.70 -1.79
C THR B 62 55.56 -8.90 -0.93
N ALA B 63 56.29 -10.00 -1.08
CA ALA B 63 56.01 -11.25 -0.36
C ALA B 63 56.29 -11.17 1.15
N GLU B 64 57.11 -10.20 1.56
CA GLU B 64 57.39 -9.97 2.98
C GLU B 64 56.18 -9.37 3.71
N THR B 65 55.57 -8.34 3.13
CA THR B 65 54.40 -7.68 3.72
C THR B 65 53.14 -8.55 3.56
N CYS B 66 53.11 -9.34 2.49
CA CYS B 66 52.03 -10.30 2.22
C CYS B 66 51.91 -11.32 3.35
N GLU B 67 53.05 -11.87 3.76
CA GLU B 67 53.14 -12.85 4.85
C GLU B 67 52.75 -12.23 6.21
N ARG B 68 53.20 -11.00 6.44
CA ARG B 68 52.91 -10.27 7.67
C ARG B 68 51.44 -9.91 7.81
N THR B 69 50.78 -9.69 6.67
CA THR B 69 49.33 -9.49 6.60
C THR B 69 48.58 -10.76 7.01
N LEU B 70 49.01 -11.90 6.45
CA LEU B 70 48.40 -13.21 6.72
C LEU B 70 48.60 -13.68 8.17
N LYS B 71 49.70 -13.27 8.78
CA LYS B 71 50.01 -13.62 10.17
C LYS B 71 49.28 -12.76 11.20
N ARG B 72 48.61 -11.72 10.73
CA ARG B 72 47.83 -10.87 11.63
C ARG B 72 46.42 -11.42 11.84
N LEU B 73 45.99 -12.31 10.95
CA LEU B 73 44.68 -12.95 11.03
C LEU B 73 44.72 -14.10 12.03
N ILE B 74 44.12 -13.89 13.21
CA ILE B 74 44.10 -14.90 14.27
C ILE B 74 42.69 -15.47 14.45
N PRO B 75 42.47 -16.73 14.03
CA PRO B 75 41.18 -17.39 14.25
C PRO B 75 40.93 -17.81 15.71
N VAL B 76 39.75 -17.48 16.23
CA VAL B 76 39.31 -17.93 17.56
C VAL B 76 37.93 -18.59 17.49
N THR B 77 37.58 -19.35 18.51
CA THR B 77 36.27 -20.02 18.60
C THR B 77 35.62 -19.76 19.98
N ASP B 78 36.38 -19.17 20.90
CA ASP B 78 35.81 -18.69 22.16
C ASP B 78 35.58 -17.19 22.14
N ILE B 79 34.39 -16.80 22.58
CA ILE B 79 33.92 -15.42 22.49
C ILE B 79 34.32 -14.58 23.71
N HIS B 80 34.82 -15.23 24.76
CA HIS B 80 35.28 -14.53 25.97
C HIS B 80 36.67 -13.89 25.77
N ALA B 81 37.40 -14.39 24.78
CA ALA B 81 38.77 -13.95 24.50
C ALA B 81 38.89 -12.67 23.68
N LEU B 82 37.74 -12.11 23.27
CA LEU B 82 37.71 -10.92 22.42
C LEU B 82 37.75 -9.59 23.19
N ALA B 83 38.01 -9.68 24.51
CA ALA B 83 38.11 -8.51 25.40
C ALA B 83 39.31 -7.61 25.08
N ALA B 84 40.20 -8.11 24.23
CA ALA B 84 41.38 -7.37 23.79
C ALA B 84 41.10 -6.48 22.58
N ALA B 85 40.00 -6.76 21.88
CA ALA B 85 39.62 -5.98 20.68
C ALA B 85 39.13 -4.58 21.05
N ASP B 86 39.67 -3.58 20.36
CA ASP B 86 39.23 -2.19 20.51
C ASP B 86 37.96 -1.96 19.69
N LEU B 87 37.82 -2.72 18.61
CA LEU B 87 36.71 -2.59 17.67
C LEU B 87 36.17 -3.97 17.28
N VAL B 88 34.83 -4.09 17.27
CA VAL B 88 34.16 -5.31 16.83
C VAL B 88 33.31 -5.00 15.60
N ILE B 89 33.52 -5.76 14.54
CA ILE B 89 32.74 -5.61 13.32
C ILE B 89 31.95 -6.90 13.04
N GLU B 90 30.64 -6.84 13.29
CA GLU B 90 29.75 -7.99 13.11
C GLU B 90 29.33 -8.14 11.65
N ALA B 91 29.55 -9.32 11.09
CA ALA B 91 29.09 -9.66 9.74
C ALA B 91 28.57 -11.10 9.70
N ALA B 92 27.79 -11.45 10.71
CA ALA B 92 27.20 -12.79 10.83
C ALA B 92 25.84 -12.89 10.10
N SER B 93 24.93 -13.68 10.64
CA SER B 93 23.60 -13.87 10.05
C SER B 93 22.72 -12.62 10.19
N GLU B 94 21.87 -12.39 9.18
CA GLU B 94 20.98 -11.22 9.14
C GLU B 94 19.62 -11.51 9.79
N ARG B 95 19.66 -11.80 11.08
CA ARG B 95 18.48 -12.05 11.90
C ARG B 95 18.50 -11.13 13.11
N LEU B 96 17.33 -10.76 13.60
CA LEU B 96 17.18 -9.76 14.67
C LEU B 96 17.59 -10.27 16.04
N GLU B 97 17.51 -11.58 16.25
CA GLU B 97 17.82 -12.16 17.56
C GLU B 97 19.25 -12.70 17.60
N VAL B 98 19.79 -12.99 16.41
CA VAL B 98 21.20 -13.33 16.21
C VAL B 98 22.08 -12.18 16.73
N LYS B 99 21.68 -10.95 16.43
CA LYS B 99 22.44 -9.77 16.83
C LYS B 99 22.19 -9.30 18.28
N LYS B 100 20.95 -9.39 18.77
CA LYS B 100 20.64 -8.92 20.13
C LYS B 100 21.30 -9.72 21.26
N ALA B 101 21.42 -11.04 21.06
CA ALA B 101 22.05 -11.94 22.03
C ALA B 101 23.56 -11.76 22.10
N LEU B 102 24.15 -11.50 20.93
CA LEU B 102 25.58 -11.32 20.76
C LEU B 102 26.05 -10.04 21.43
N PHE B 103 25.27 -8.98 21.26
CA PHE B 103 25.62 -7.65 21.77
C PHE B 103 25.37 -7.52 23.28
N ALA B 104 24.42 -8.28 23.81
CA ALA B 104 24.15 -8.32 25.25
C ALA B 104 25.26 -9.07 25.98
N GLN B 105 25.82 -10.06 25.31
CA GLN B 105 26.97 -10.82 25.78
C GLN B 105 28.21 -9.94 25.77
N LEU B 106 28.39 -9.21 24.67
CA LEU B 106 29.54 -8.33 24.47
C LEU B 106 29.48 -7.03 25.28
N ALA B 107 28.45 -6.89 26.12
CA ALA B 107 28.32 -5.75 27.01
C ALA B 107 29.33 -5.81 28.16
N GLU B 108 29.55 -7.03 28.67
CA GLU B 108 30.42 -7.24 29.83
C GLU B 108 31.69 -8.04 29.51
N VAL B 109 31.71 -8.73 28.37
CA VAL B 109 32.92 -9.38 27.86
C VAL B 109 33.91 -8.33 27.36
N CYS B 110 33.46 -7.46 26.46
CA CYS B 110 34.25 -6.32 25.98
C CYS B 110 34.28 -5.16 26.99
N PRO B 111 35.35 -4.34 26.96
CA PRO B 111 35.46 -3.09 27.73
C PRO B 111 34.32 -2.09 27.45
N PRO B 112 33.93 -1.30 28.47
CA PRO B 112 32.92 -0.23 28.41
C PRO B 112 33.01 0.77 27.24
N GLN B 113 34.21 0.97 26.68
CA GLN B 113 34.38 1.93 25.59
C GLN B 113 34.76 1.30 24.24
N THR B 114 34.71 -0.02 24.16
CA THR B 114 35.00 -0.77 22.94
C THR B 114 33.89 -0.60 21.90
N LEU B 115 34.24 -0.11 20.71
CA LEU B 115 33.27 0.19 19.67
C LEU B 115 32.72 -1.09 19.03
N LEU B 116 31.39 -1.21 19.04
CA LEU B 116 30.68 -2.38 18.55
C LEU B 116 29.86 -2.03 17.31
N THR B 117 30.29 -2.52 16.16
CA THR B 117 29.66 -2.18 14.90
C THR B 117 29.14 -3.39 14.15
N THR B 118 28.27 -3.15 13.15
CA THR B 118 27.72 -4.21 12.31
C THR B 118 27.71 -3.83 10.83
N ASN B 119 27.82 -4.84 9.97
CA ASN B 119 27.83 -4.64 8.52
C ASN B 119 26.43 -4.84 7.90
N THR B 120 25.40 -4.83 8.74
CA THR B 120 24.03 -5.09 8.27
C THR B 120 23.57 -4.24 7.08
N SER B 121 22.75 -4.84 6.23
CA SER B 121 22.12 -4.12 5.13
C SER B 121 20.67 -3.78 5.48
N SER B 122 20.15 -4.41 6.54
CA SER B 122 18.69 -4.58 6.66
C SER B 122 18.11 -4.59 8.07
N ILE B 123 18.94 -4.37 9.08
CA ILE B 123 18.45 -4.33 10.46
C ILE B 123 18.79 -2.97 11.06
N SER B 124 17.83 -2.37 11.78
CA SER B 124 18.03 -1.09 12.45
C SER B 124 19.11 -1.18 13.51
N ILE B 125 19.97 -0.17 13.55
CA ILE B 125 21.08 -0.10 14.49
C ILE B 125 20.54 0.17 15.89
N THR B 126 19.53 1.03 15.95
CA THR B 126 18.81 1.36 17.17
C THR B 126 18.17 0.13 17.83
N ALA B 127 17.69 -0.80 17.00
CA ALA B 127 17.10 -2.06 17.47
C ALA B 127 18.08 -2.90 18.28
N ILE B 128 19.31 -2.97 17.80
CA ILE B 128 20.37 -3.76 18.41
C ILE B 128 20.89 -3.12 19.71
N ALA B 129 21.09 -1.81 19.68
CA ALA B 129 21.65 -1.06 20.82
C ALA B 129 20.65 -0.83 21.97
N ALA B 130 19.46 -1.40 21.85
CA ALA B 130 18.37 -1.20 22.80
C ALA B 130 18.72 -1.66 24.22
N GLU B 131 18.80 -2.97 24.43
CA GLU B 131 19.02 -3.51 25.77
C GLU B 131 20.44 -4.06 25.97
N ILE B 132 21.43 -3.24 25.63
CA ILE B 132 22.83 -3.50 25.99
C ILE B 132 23.30 -2.36 26.90
N LYS B 133 24.44 -2.55 27.55
CA LYS B 133 24.92 -1.63 28.59
C LYS B 133 25.25 -0.21 28.10
N ASN B 134 26.36 -0.06 27.36
CA ASN B 134 26.77 1.25 26.87
C ASN B 134 26.30 1.49 25.44
N PRO B 135 25.27 2.34 25.27
CA PRO B 135 24.57 2.44 23.99
C PRO B 135 25.32 3.24 22.92
N GLU B 136 26.02 4.28 23.35
CA GLU B 136 26.63 5.28 22.46
C GLU B 136 27.74 4.76 21.55
N ARG B 137 28.34 3.63 21.93
CA ARG B 137 29.45 3.03 21.17
C ARG B 137 29.00 1.98 20.15
N VAL B 138 27.69 1.91 19.89
CA VAL B 138 27.14 0.94 18.93
C VAL B 138 26.76 1.64 17.62
N ALA B 139 27.16 1.07 16.49
CA ALA B 139 26.98 1.71 15.18
C ALA B 139 26.96 0.73 14.03
N GLY B 140 26.77 1.25 12.82
CA GLY B 140 26.85 0.47 11.62
C GLY B 140 28.11 0.81 10.87
N LEU B 141 28.81 -0.21 10.41
CA LEU B 141 29.95 0.00 9.54
C LEU B 141 29.74 -0.85 8.30
N HIS B 142 29.16 -0.24 7.30
CA HIS B 142 28.63 -0.94 6.13
C HIS B 142 29.58 -0.91 4.93
N PHE B 143 30.18 -2.06 4.62
CA PHE B 143 31.11 -2.21 3.49
C PHE B 143 30.37 -2.77 2.27
N PHE B 144 30.97 -2.62 1.10
CA PHE B 144 30.36 -3.05 -0.16
C PHE B 144 31.23 -4.05 -0.91
N ASN B 145 30.58 -5.06 -1.48
CA ASN B 145 31.21 -6.20 -2.13
C ASN B 145 31.98 -5.88 -3.42
N PRO B 146 33.29 -6.21 -3.44
CA PRO B 146 34.07 -6.77 -2.32
C PRO B 146 34.73 -5.69 -1.46
N ALA B 147 34.81 -5.95 -0.16
CA ALA B 147 35.34 -4.98 0.80
C ALA B 147 36.74 -4.39 0.51
N PRO B 148 37.68 -5.20 -0.04
CA PRO B 148 38.97 -4.60 -0.43
C PRO B 148 38.92 -3.63 -1.61
N VAL B 149 38.03 -3.89 -2.56
CA VAL B 149 37.98 -3.09 -3.78
C VAL B 149 37.10 -1.84 -3.66
N MET B 150 35.91 -1.98 -3.07
CA MET B 150 34.95 -0.87 -2.99
C MET B 150 35.34 0.20 -1.94
N LYS B 151 35.43 1.45 -2.38
CA LYS B 151 36.06 2.52 -1.57
C LYS B 151 35.18 3.09 -0.47
N LEU B 152 33.90 2.73 -0.46
CA LEU B 152 32.96 3.34 0.47
C LEU B 152 32.65 2.47 1.67
N VAL B 153 32.58 3.09 2.84
CA VAL B 153 31.81 2.54 3.95
C VAL B 153 30.80 3.58 4.46
N GLU B 154 29.62 3.10 4.80
CA GLU B 154 28.62 3.95 5.43
C GLU B 154 28.79 3.77 6.92
N VAL B 155 28.84 4.88 7.64
CA VAL B 155 28.98 4.85 9.07
C VAL B 155 27.63 5.24 9.59
N VAL B 156 26.94 4.25 10.14
CA VAL B 156 25.52 4.39 10.44
C VAL B 156 25.28 4.62 11.92
N SER B 157 24.73 5.79 12.25
CA SER B 157 24.37 6.09 13.62
C SER B 157 23.05 5.43 13.98
N GLY B 158 23.00 4.89 15.20
CA GLY B 158 21.72 4.52 15.81
C GLY B 158 21.21 5.76 16.51
N LEU B 159 20.21 5.58 17.36
CA LEU B 159 19.58 6.73 18.03
C LEU B 159 20.46 7.33 19.14
N ALA B 160 21.23 6.46 19.79
CA ALA B 160 22.05 6.87 20.94
C ALA B 160 23.54 7.08 20.60
N THR B 161 23.93 6.67 19.40
CA THR B 161 25.32 6.72 18.97
C THR B 161 25.90 8.12 19.07
N ALA B 162 26.98 8.24 19.86
CA ALA B 162 27.64 9.52 20.11
C ALA B 162 28.42 10.01 18.88
N ALA B 163 28.56 11.33 18.77
CA ALA B 163 29.23 11.96 17.64
C ALA B 163 30.74 11.75 17.64
N GLU B 164 31.30 11.52 18.83
CA GLU B 164 32.72 11.17 18.96
C GLU B 164 33.03 9.78 18.39
N VAL B 165 32.12 8.84 18.66
CA VAL B 165 32.17 7.47 18.13
C VAL B 165 32.07 7.49 16.60
N VAL B 166 31.13 8.29 16.09
CA VAL B 166 30.98 8.55 14.66
C VAL B 166 32.31 9.00 14.05
N GLU B 167 32.92 10.00 14.70
CA GLU B 167 34.24 10.51 14.32
C GLU B 167 35.35 9.45 14.38
N GLN B 168 35.35 8.63 15.43
CA GLN B 168 36.32 7.55 15.59
C GLN B 168 36.31 6.54 14.44
N LEU B 169 35.10 6.07 14.09
CA LEU B 169 34.90 5.12 13.00
C LEU B 169 35.14 5.74 11.63
N CYS B 170 34.92 7.04 11.53
CA CYS B 170 35.28 7.79 10.33
C CYS B 170 36.81 7.87 10.18
N GLU B 171 37.50 8.10 11.30
CA GLU B 171 38.95 8.22 11.33
C GLU B 171 39.62 6.88 10.99
N LEU B 172 39.01 5.80 11.47
CA LEU B 172 39.49 4.45 11.22
C LEU B 172 39.41 4.06 9.74
N THR B 173 38.24 4.28 9.13
CA THR B 173 38.03 3.86 7.74
C THR B 173 38.85 4.69 6.76
N LEU B 174 39.02 5.97 7.11
CA LEU B 174 39.93 6.86 6.37
C LEU B 174 41.33 6.26 6.30
N SER B 175 41.79 5.75 7.44
CA SER B 175 43.10 5.09 7.55
C SER B 175 43.19 3.76 6.80
N TRP B 176 42.04 3.20 6.42
CA TRP B 176 41.99 1.92 5.67
C TRP B 176 41.83 2.15 4.16
N GLY B 177 42.13 3.38 3.71
CA GLY B 177 41.97 3.74 2.31
C GLY B 177 40.52 3.97 1.87
N LYS B 178 39.60 3.97 2.84
CA LYS B 178 38.18 4.14 2.54
C LYS B 178 37.73 5.58 2.74
N GLN B 179 36.59 5.91 2.13
CA GLN B 179 36.02 7.23 2.27
C GLN B 179 34.66 7.08 2.94
N PRO B 180 34.56 7.44 4.23
CA PRO B 180 33.32 7.18 4.95
C PRO B 180 32.22 8.22 4.69
N VAL B 181 30.97 7.80 4.89
CA VAL B 181 29.82 8.71 4.89
C VAL B 181 28.94 8.47 6.11
N ARG B 182 28.35 9.54 6.62
CA ARG B 182 27.47 9.46 7.78
C ARG B 182 26.02 9.39 7.31
N CYS B 183 25.27 8.45 7.87
CA CYS B 183 23.82 8.45 7.74
C CYS B 183 23.19 7.88 9.00
N HIS B 184 21.91 8.22 9.21
CA HIS B 184 21.17 7.67 10.34
CA HIS B 184 21.13 7.69 10.33
C HIS B 184 20.63 6.27 9.98
N SER B 185 20.09 5.58 10.97
CA SER B 185 19.55 4.23 10.73
C SER B 185 18.14 4.27 10.17
N THR B 186 18.07 4.36 8.84
CA THR B 186 16.83 4.31 8.09
C THR B 186 17.00 3.22 7.02
N PRO B 187 15.89 2.55 6.64
CA PRO B 187 15.94 1.45 5.66
C PRO B 187 16.75 1.77 4.41
N GLY B 188 17.67 0.85 4.06
CA GLY B 188 18.51 1.01 2.89
C GLY B 188 19.66 2.02 3.02
N PHE B 189 19.76 2.64 4.19
CA PHE B 189 20.74 3.71 4.49
C PHE B 189 20.80 4.72 3.36
N ILE B 190 21.97 4.86 2.71
CA ILE B 190 22.01 5.72 1.53
C ILE B 190 22.06 4.89 0.27
N VAL B 191 23.05 4.01 0.16
CA VAL B 191 23.31 3.33 -1.10
C VAL B 191 22.16 2.43 -1.56
N ASN B 192 21.68 1.55 -0.67
CA ASN B 192 20.64 0.58 -1.02
C ASN B 192 19.27 1.21 -1.33
N ARG B 193 19.03 2.36 -0.71
CA ARG B 193 17.84 3.15 -0.94
C ARG B 193 17.86 3.89 -2.28
N VAL B 194 18.88 4.72 -2.47
CA VAL B 194 18.92 5.64 -3.60
C VAL B 194 19.08 4.89 -4.93
N ALA B 195 19.63 3.69 -4.88
CA ALA B 195 19.87 2.88 -6.08
C ALA B 195 18.69 2.02 -6.54
N ARG B 196 17.65 1.90 -5.71
CA ARG B 196 16.48 1.08 -6.06
C ARG B 196 15.89 1.32 -7.46
N PRO B 197 15.73 2.61 -7.87
CA PRO B 197 15.15 2.78 -9.21
C PRO B 197 16.02 2.31 -10.34
N TYR B 198 17.32 2.16 -10.09
CA TYR B 198 18.23 1.74 -11.15
C TYR B 198 17.75 0.39 -11.70
N TYR B 199 17.48 -0.54 -10.78
CA TYR B 199 16.92 -1.85 -11.11
C TYR B 199 15.42 -1.85 -11.39
N SER B 200 14.65 -1.17 -10.55
CA SER B 200 13.17 -1.30 -10.59
C SER B 200 12.52 -0.83 -11.88
N GLU B 201 13.05 0.27 -12.43
CA GLU B 201 12.60 0.79 -13.71
C GLU B 201 12.91 -0.16 -14.86
N ALA B 202 14.07 -0.83 -14.77
CA ALA B 202 14.47 -1.82 -15.78
C ALA B 202 13.53 -3.03 -15.74
N TRP B 203 13.15 -3.46 -14.53
CA TRP B 203 12.17 -4.53 -14.41
C TRP B 203 10.82 -4.19 -15.04
N ARG B 204 10.36 -2.95 -14.83
CA ARG B 204 9.09 -2.48 -15.42
C ARG B 204 9.16 -2.46 -16.93
N ALA B 205 10.29 -2.03 -17.48
CA ALA B 205 10.50 -1.98 -18.93
C ALA B 205 10.39 -3.38 -19.52
N LEU B 206 11.07 -4.32 -18.86
CA LEU B 206 11.04 -5.74 -19.21
C LEU B 206 9.64 -6.36 -19.20
N GLU B 207 8.86 -6.06 -18.14
CA GLU B 207 7.51 -6.62 -17.97
C GLU B 207 6.59 -6.20 -19.11
N GLU B 208 6.74 -4.96 -19.54
CA GLU B 208 5.96 -4.43 -20.64
C GLU B 208 6.61 -4.66 -21.99
N GLN B 209 7.74 -5.39 -22.00
CA GLN B 209 8.46 -5.77 -23.23
C GLN B 209 8.83 -4.54 -24.07
N VAL B 210 9.42 -3.57 -23.39
CA VAL B 210 9.80 -2.32 -24.04
C VAL B 210 10.98 -2.57 -24.97
N ALA B 211 11.92 -3.37 -24.47
CA ALA B 211 13.10 -3.79 -25.24
C ALA B 211 13.64 -5.08 -24.64
N ALA B 212 14.45 -5.79 -25.42
CA ALA B 212 15.25 -6.92 -24.92
C ALA B 212 16.17 -6.38 -23.81
N PRO B 213 16.53 -7.24 -22.83
CA PRO B 213 17.37 -6.83 -21.69
C PRO B 213 18.70 -6.18 -22.06
N GLU B 214 19.32 -6.68 -23.13
CA GLU B 214 20.62 -6.18 -23.60
C GLU B 214 20.51 -4.75 -24.08
N VAL B 215 19.37 -4.44 -24.71
CA VAL B 215 19.07 -3.08 -25.14
C VAL B 215 18.95 -2.13 -23.94
N ILE B 216 18.24 -2.56 -22.90
CA ILE B 216 18.11 -1.78 -21.66
C ILE B 216 19.49 -1.56 -21.03
N ASP B 217 20.28 -2.64 -20.96
CA ASP B 217 21.63 -2.55 -20.39
C ASP B 217 22.58 -1.67 -21.20
N ALA B 218 22.49 -1.75 -22.52
CA ALA B 218 23.33 -0.92 -23.40
C ALA B 218 23.01 0.56 -23.28
N ALA B 219 21.72 0.87 -23.12
CA ALA B 219 21.25 2.24 -22.99
C ALA B 219 21.78 2.88 -21.70
N LEU B 220 21.69 2.15 -20.60
CA LEU B 220 22.18 2.66 -19.33
C LEU B 220 23.72 2.66 -19.26
N ARG B 221 24.35 1.63 -19.81
CA ARG B 221 25.83 1.54 -19.81
C ARG B 221 26.49 2.54 -20.79
N ASP B 222 26.28 2.35 -22.09
CA ASP B 222 26.96 3.17 -23.10
C ASP B 222 26.17 4.40 -23.56
N GLY B 223 25.02 4.63 -22.94
CA GLY B 223 24.30 5.88 -23.15
C GLY B 223 24.49 6.77 -21.95
N ALA B 224 24.01 6.31 -20.80
CA ALA B 224 23.99 7.12 -19.59
C ALA B 224 25.36 7.21 -18.89
N GLY B 225 26.20 6.18 -19.07
CA GLY B 225 27.56 6.17 -18.53
C GLY B 225 27.80 5.27 -17.33
N PHE B 226 26.90 4.32 -17.10
CA PHE B 226 27.02 3.39 -15.98
C PHE B 226 28.03 2.28 -16.31
N PRO B 227 28.77 1.77 -15.29
CA PRO B 227 29.75 0.69 -15.51
C PRO B 227 29.13 -0.62 -15.98
N MET B 228 27.94 -0.91 -15.46
CA MET B 228 27.16 -2.07 -15.91
C MET B 228 25.66 -1.75 -15.92
N GLY B 229 24.97 -2.23 -16.95
CA GLY B 229 23.51 -2.14 -17.04
C GLY B 229 22.84 -2.86 -15.88
N PRO B 230 21.67 -2.39 -15.46
CA PRO B 230 20.99 -2.89 -14.26
C PRO B 230 20.62 -4.38 -14.32
N LEU B 231 20.35 -4.89 -15.51
CA LEU B 231 19.92 -6.28 -15.62
C LEU B 231 21.10 -7.25 -15.53
N GLU B 232 22.19 -6.95 -16.24
CA GLU B 232 23.41 -7.76 -16.12
CA GLU B 232 23.43 -7.74 -16.13
C GLU B 232 24.00 -7.62 -14.72
N LEU B 233 23.74 -6.50 -14.10
CA LEU B 233 24.20 -6.24 -12.78
C LEU B 233 23.53 -7.12 -11.78
N THR B 234 22.21 -7.25 -11.89
CA THR B 234 21.45 -8.11 -10.96
C THR B 234 21.84 -9.58 -11.09
N ASP B 235 22.18 -10.00 -12.31
CA ASP B 235 22.74 -11.34 -12.56
C ASP B 235 24.10 -11.56 -11.87
N LEU B 236 24.92 -10.52 -11.80
CA LEU B 236 26.21 -10.57 -11.07
C LEU B 236 26.08 -10.45 -9.55
N ILE B 237 25.15 -9.61 -9.09
CA ILE B 237 24.87 -9.47 -7.66
C ILE B 237 24.23 -10.77 -7.19
N GLY B 238 23.45 -11.37 -8.08
CA GLY B 238 22.66 -12.55 -7.75
C GLY B 238 21.22 -12.12 -7.52
N GLN B 239 20.32 -12.71 -8.30
CA GLN B 239 18.90 -12.38 -8.24
C GLN B 239 18.28 -12.49 -6.85
N ASP B 240 18.62 -13.55 -6.11
CA ASP B 240 18.13 -13.72 -4.75
C ASP B 240 18.59 -12.62 -3.78
N VAL B 241 19.78 -12.09 -4.01
CA VAL B 241 20.38 -11.09 -3.12
C VAL B 241 19.74 -9.72 -3.36
N ASN B 242 19.69 -9.34 -4.64
CA ASN B 242 19.12 -8.08 -5.06
C ASN B 242 17.60 -8.00 -4.82
N PHE B 243 16.90 -9.11 -5.06
CA PHE B 243 15.46 -9.21 -4.80
C PHE B 243 15.14 -9.12 -3.30
N ALA B 244 15.97 -9.75 -2.46
CA ALA B 244 15.80 -9.66 -1.01
C ALA B 244 16.04 -8.26 -0.44
N VAL B 245 16.89 -7.46 -1.09
CA VAL B 245 17.17 -6.11 -0.63
C VAL B 245 16.02 -5.19 -1.07
N THR B 246 15.58 -5.36 -2.31
CA THR B 246 14.42 -4.67 -2.82
C THR B 246 13.21 -4.85 -1.89
N CYS B 247 12.91 -6.10 -1.53
CA CYS B 247 11.79 -6.42 -0.63
C CYS B 247 11.94 -5.89 0.78
N SER B 248 13.16 -6.00 1.33
CA SER B 248 13.52 -5.49 2.66
C SER B 248 13.28 -3.98 2.81
N VAL B 249 13.67 -3.24 1.79
CA VAL B 249 13.53 -1.79 1.76
C VAL B 249 12.04 -1.42 1.59
N PHE B 250 11.38 -2.11 0.67
CA PHE B 250 9.94 -2.01 0.43
C PHE B 250 9.12 -2.24 1.70
N ASN B 251 9.34 -3.37 2.37
CA ASN B 251 8.65 -3.67 3.62
C ASN B 251 8.98 -2.76 4.77
N ALA B 252 10.20 -2.22 4.80
CA ALA B 252 10.62 -1.43 5.95
C ALA B 252 10.03 -0.01 5.86
N PHE B 253 9.71 0.42 4.65
CA PHE B 253 8.97 1.66 4.42
C PHE B 253 7.46 1.43 4.35
N TRP B 254 7.01 0.34 4.98
CA TRP B 254 5.61 -0.11 5.06
C TRP B 254 4.93 -0.14 3.69
N GLN B 255 5.53 -0.85 2.77
CA GLN B 255 5.03 -1.02 1.42
C GLN B 255 4.89 0.19 0.52
N GLU B 256 5.84 1.10 0.57
CA GLU B 256 5.86 2.30 -0.26
C GLU B 256 6.18 1.91 -1.71
N ARG B 257 5.30 2.32 -2.62
CA ARG B 257 5.22 1.73 -3.96
C ARG B 257 6.36 2.13 -4.89
N ARG B 258 7.10 3.18 -4.54
CA ARG B 258 8.27 3.52 -5.33
C ARG B 258 9.45 2.58 -5.01
N PHE B 259 9.26 1.71 -4.01
CA PHE B 259 10.16 0.59 -3.77
C PHE B 259 9.56 -0.78 -4.14
N LEU B 260 8.45 -0.78 -4.88
CA LEU B 260 7.69 -2.02 -5.20
C LEU B 260 8.57 -3.07 -5.85
N PRO B 261 8.48 -4.34 -5.39
CA PRO B 261 9.19 -5.41 -6.12
C PRO B 261 8.49 -5.76 -7.44
N SER B 262 9.15 -6.62 -8.20
CA SER B 262 8.71 -6.98 -9.53
C SER B 262 8.45 -8.47 -9.59
N LEU B 263 7.34 -8.83 -10.23
CA LEU B 263 6.95 -10.22 -10.40
C LEU B 263 7.92 -10.97 -11.31
N VAL B 264 8.52 -10.23 -12.23
CA VAL B 264 9.46 -10.75 -13.22
C VAL B 264 10.75 -11.16 -12.55
N GLN B 265 11.20 -10.37 -11.58
CA GLN B 265 12.36 -10.74 -10.78
C GLN B 265 12.01 -11.89 -9.84
N GLN B 266 10.83 -11.80 -9.21
CA GLN B 266 10.38 -12.83 -8.28
C GLN B 266 10.37 -14.20 -8.95
N GLU B 267 9.90 -14.26 -10.19
CA GLU B 267 9.84 -15.51 -10.95
C GLU B 267 11.25 -16.13 -11.15
N LEU B 268 12.22 -15.29 -11.50
CA LEU B 268 13.62 -15.73 -11.63
C LEU B 268 14.17 -16.34 -10.33
N VAL B 269 13.85 -15.74 -9.20
CA VAL B 269 14.31 -16.21 -7.89
C VAL B 269 13.65 -17.53 -7.49
N ILE B 270 12.33 -17.55 -7.45
CA ILE B 270 11.56 -18.75 -7.07
C ILE B 270 11.79 -19.94 -8.04
N GLY B 271 12.24 -19.65 -9.25
CA GLY B 271 12.62 -20.69 -10.20
C GLY B 271 14.09 -21.10 -10.17
N GLY B 272 14.83 -20.63 -9.15
CA GLY B 272 16.27 -20.87 -9.00
C GLY B 272 17.18 -20.32 -10.09
N ARG B 273 16.69 -19.42 -10.93
CA ARG B 273 17.53 -18.79 -11.93
C ARG B 273 18.17 -17.55 -11.32
N LEU B 274 19.26 -17.77 -10.59
CA LEU B 274 19.75 -16.74 -9.69
C LEU B 274 20.78 -15.80 -10.29
N GLY B 275 21.10 -16.04 -11.56
CA GLY B 275 22.08 -15.22 -12.27
C GLY B 275 23.33 -16.02 -12.61
N LYS B 276 24.46 -15.30 -12.66
CA LYS B 276 25.78 -15.83 -13.03
C LYS B 276 26.17 -17.12 -12.31
N LYS B 277 25.93 -17.16 -10.99
CA LYS B 277 26.36 -18.24 -10.11
C LYS B 277 25.66 -19.56 -10.39
N SER B 278 24.45 -19.49 -10.94
CA SER B 278 23.67 -20.67 -11.28
C SER B 278 23.70 -20.90 -12.79
N GLY B 279 24.40 -20.00 -13.49
CA GLY B 279 24.53 -20.08 -14.94
C GLY B 279 23.41 -19.45 -15.74
N LEU B 280 22.29 -19.18 -15.05
CA LEU B 280 21.10 -18.58 -15.65
C LEU B 280 20.39 -17.59 -14.71
N GLY B 281 20.05 -16.43 -15.25
CA GLY B 281 19.16 -15.47 -14.59
C GLY B 281 18.39 -14.75 -15.69
N VAL B 282 18.63 -13.44 -15.80
CA VAL B 282 18.14 -12.68 -16.95
C VAL B 282 18.83 -13.20 -18.21
N TYR B 283 20.14 -13.40 -18.12
CA TYR B 283 20.95 -13.88 -19.24
C TYR B 283 21.42 -15.31 -19.07
N ASP B 284 21.64 -15.99 -20.19
CA ASP B 284 22.30 -17.29 -20.18
C ASP B 284 23.81 -17.05 -20.06
N TRP B 285 24.37 -17.43 -18.91
CA TRP B 285 25.82 -17.24 -18.66
C TRP B 285 26.67 -18.44 -19.09
N ARG B 286 26.00 -19.46 -19.64
CA ARG B 286 26.64 -20.68 -20.13
C ARG B 286 26.87 -20.62 -21.65
N ALA B 287 26.69 -19.43 -22.21
CA ALA B 287 26.85 -19.20 -23.65
C ALA B 287 27.50 -17.85 -23.97
N GLU B 288 27.84 -17.64 -25.23
CA GLU B 288 28.50 -16.40 -25.66
C GLU B 288 27.49 -15.29 -25.88
N ARG B 289 27.93 -14.06 -25.62
CA ARG B 289 27.08 -12.88 -25.71
C ARG B 289 27.22 -12.12 -27.02
N GLU B 290 26.13 -12.06 -27.78
CA GLU B 290 26.07 -11.28 -29.01
C GLU B 290 25.94 -9.82 -28.62
N ALA B 291 26.88 -8.99 -29.08
CA ALA B 291 26.88 -7.56 -28.80
C ALA B 291 25.67 -6.86 -29.41
N VAL B 292 25.27 -5.77 -28.77
CA VAL B 292 24.09 -5.02 -29.18
C VAL B 292 24.29 -4.37 -30.54
N VAL B 293 23.38 -4.70 -31.48
CA VAL B 293 23.54 -4.33 -32.88
C VAL B 293 23.52 -2.82 -33.18
N GLY B 294 22.34 -2.22 -33.14
CA GLY B 294 22.15 -0.87 -33.64
C GLY B 294 21.72 -0.98 -35.10
N LEU B 295 20.72 -0.18 -35.47
CA LEU B 295 20.13 -0.25 -36.80
C LEU B 295 21.17 0.03 -37.90
N GLU B 296 21.04 -0.67 -39.03
CA GLU B 296 21.93 -0.45 -40.18
C GLU B 296 21.78 0.96 -40.70
N ALA B 297 22.89 1.54 -41.17
CA ALA B 297 22.90 2.91 -41.67
C ALA B 297 21.98 3.03 -42.88
N VAL B 298 21.30 4.17 -42.98
CA VAL B 298 20.38 4.42 -44.09
C VAL B 298 21.18 5.13 -45.19
N SER B 299 20.78 4.94 -46.45
CA SER B 299 21.51 5.46 -47.61
C SER B 299 21.55 6.99 -47.67
N ASP B 300 22.49 7.51 -48.46
CA ASP B 300 22.72 8.96 -48.58
C ASP B 300 21.61 9.69 -49.35
N SER B 301 20.71 8.91 -49.95
CA SER B 301 19.53 9.44 -50.62
C SER B 301 18.40 9.73 -49.63
N PHE B 302 18.45 9.07 -48.47
CA PHE B 302 17.49 9.29 -47.39
C PHE B 302 17.92 10.45 -46.46
N SER B 303 18.90 11.22 -46.92
CA SER B 303 19.42 12.39 -46.20
C SER B 303 18.35 13.48 -46.06
N PRO B 304 18.37 14.24 -44.95
CA PRO B 304 17.48 15.37 -44.79
C PRO B 304 17.84 16.53 -45.71
N MET B 305 16.86 17.35 -46.05
CA MET B 305 17.13 18.60 -46.74
C MET B 305 17.44 19.68 -45.71
N LYS B 306 16.49 19.94 -44.81
CA LYS B 306 16.67 20.97 -43.78
C LYS B 306 16.83 20.38 -42.37
N VAL B 307 17.87 20.85 -41.67
CA VAL B 307 18.11 20.52 -40.27
C VAL B 307 18.15 21.82 -39.46
N GLU B 308 17.33 21.91 -38.41
CA GLU B 308 17.32 23.09 -37.55
C GLU B 308 17.06 22.74 -36.08
N LYS B 309 17.97 23.17 -35.21
CA LYS B 309 17.79 23.06 -33.77
C LYS B 309 16.78 24.12 -33.31
N LYS B 310 15.87 23.71 -32.43
CA LYS B 310 14.92 24.63 -31.79
C LYS B 310 15.06 24.55 -30.28
N SER B 311 14.36 25.43 -29.57
CA SER B 311 14.36 25.42 -28.11
C SER B 311 13.52 24.24 -27.58
N ASP B 312 13.79 23.87 -26.32
CA ASP B 312 13.09 22.78 -25.61
C ASP B 312 13.39 21.38 -26.19
N GLY B 313 14.66 21.16 -26.55
CA GLY B 313 15.15 19.85 -27.00
C GLY B 313 14.50 19.24 -28.22
N VAL B 314 13.98 20.09 -29.10
CA VAL B 314 13.38 19.69 -30.36
C VAL B 314 14.31 20.10 -31.49
N THR B 315 14.58 19.17 -32.42
CA THR B 315 15.23 19.52 -33.69
C THR B 315 14.36 19.04 -34.83
N GLU B 316 13.93 19.96 -35.69
CA GLU B 316 13.12 19.56 -36.85
C GLU B 316 13.98 19.19 -38.06
N ILE B 317 13.63 18.06 -38.65
CA ILE B 317 14.35 17.48 -39.76
C ILE B 317 13.29 17.24 -40.83
N ASP B 318 13.27 18.10 -41.85
CA ASP B 318 12.20 18.15 -42.85
C ASP B 318 10.81 18.33 -42.22
N ASP B 319 9.91 17.39 -42.49
CA ASP B 319 8.55 17.39 -41.95
C ASP B 319 8.45 16.67 -40.60
N VAL B 320 9.56 16.02 -40.20
CA VAL B 320 9.64 15.25 -38.96
C VAL B 320 10.14 16.12 -37.81
N LEU B 321 9.90 15.67 -36.58
CA LEU B 321 10.40 16.30 -35.37
C LEU B 321 11.09 15.26 -34.50
N LEU B 322 12.35 15.52 -34.15
CA LEU B 322 13.07 14.67 -33.22
C LEU B 322 13.02 15.33 -31.85
N ILE B 323 12.24 14.74 -30.94
CA ILE B 323 12.00 15.33 -29.63
C ILE B 323 12.67 14.55 -28.50
N GLU B 324 13.51 15.22 -27.72
CA GLU B 324 14.08 14.67 -26.50
C GLU B 324 12.95 14.43 -25.52
N THR B 325 12.94 13.25 -24.90
CA THR B 325 11.79 12.81 -24.11
C THR B 325 11.48 13.65 -22.88
N GLN B 326 10.21 14.03 -22.78
CA GLN B 326 9.74 14.74 -21.61
CA GLN B 326 9.65 14.78 -21.66
C GLN B 326 8.76 13.87 -20.83
N GLY B 327 8.57 12.64 -21.29
CA GLY B 327 7.70 11.69 -20.62
C GLY B 327 6.42 11.43 -21.36
N GLU B 328 6.14 12.25 -22.37
CA GLU B 328 5.01 12.05 -23.27
C GLU B 328 5.41 11.09 -24.39
N THR B 329 4.46 10.35 -24.94
CA THR B 329 4.79 9.40 -25.99
C THR B 329 4.95 10.12 -27.33
N ALA B 330 5.64 9.48 -28.27
CA ALA B 330 5.77 10.02 -29.61
C ALA B 330 4.40 10.14 -30.26
N GLN B 331 3.54 9.15 -30.01
CA GLN B 331 2.18 9.16 -30.53
C GLN B 331 1.35 10.32 -29.99
N ALA B 332 1.51 10.62 -28.70
CA ALA B 332 0.81 11.74 -28.08
C ALA B 332 1.26 13.05 -28.72
N LEU B 333 2.56 13.17 -28.93
CA LEU B 333 3.13 14.33 -29.57
C LEU B 333 2.77 14.45 -31.05
N ALA B 334 2.75 13.33 -31.76
CA ALA B 334 2.45 13.34 -33.19
C ALA B 334 1.02 13.76 -33.52
N ILE B 335 0.03 13.30 -32.74
CA ILE B 335 -1.37 13.66 -33.02
C ILE B 335 -1.67 15.10 -32.61
N ARG B 336 -0.97 15.58 -31.58
CA ARG B 336 -1.14 16.93 -31.05
C ARG B 336 -0.50 17.97 -31.95
N LEU B 337 0.75 17.70 -32.36
CA LEU B 337 1.51 18.62 -33.20
C LEU B 337 1.23 18.40 -34.69
N ALA B 338 0.45 17.35 -34.98
CA ALA B 338 0.02 16.97 -36.34
C ALA B 338 1.16 16.87 -37.36
N ARG B 339 2.29 16.30 -36.92
CA ARG B 339 3.48 16.09 -37.74
C ARG B 339 4.15 14.82 -37.23
N PRO B 340 4.83 14.06 -38.13
CA PRO B 340 5.63 12.92 -37.68
C PRO B 340 6.61 13.28 -36.57
N VAL B 341 6.63 12.46 -35.53
CA VAL B 341 7.49 12.68 -34.37
C VAL B 341 8.30 11.40 -34.13
N VAL B 342 9.56 11.57 -33.76
CA VAL B 342 10.39 10.51 -33.24
C VAL B 342 10.95 11.02 -31.91
N VAL B 343 10.77 10.23 -30.87
CA VAL B 343 11.23 10.61 -29.54
C VAL B 343 12.61 10.04 -29.29
N ILE B 344 13.49 10.84 -28.71
CA ILE B 344 14.88 10.42 -28.48
C ILE B 344 15.25 10.41 -26.98
N ASP B 345 15.98 9.36 -26.59
CA ASP B 345 16.43 9.19 -25.23
C ASP B 345 17.95 9.13 -25.23
N LYS B 346 18.59 10.23 -24.85
CA LYS B 346 20.05 10.33 -24.93
C LYS B 346 20.70 11.16 -23.84
N MET B 347 21.91 10.76 -23.47
CA MET B 347 22.79 11.61 -22.69
C MET B 347 24.12 11.77 -23.44
N ALA B 348 25.26 11.61 -22.76
CA ALA B 348 26.57 11.88 -23.38
C ALA B 348 27.08 10.76 -24.30
N GLY B 349 26.84 9.51 -23.91
CA GLY B 349 27.36 8.34 -24.62
C GLY B 349 26.86 8.17 -26.05
N LYS B 350 27.52 7.27 -26.74
CA LYS B 350 27.24 6.94 -28.12
C LYS B 350 25.88 6.32 -28.32
N VAL B 351 25.47 5.51 -27.35
CA VAL B 351 24.24 4.73 -27.44
C VAL B 351 22.99 5.60 -27.19
N VAL B 352 22.06 5.52 -28.12
CA VAL B 352 20.85 6.33 -28.14
C VAL B 352 19.66 5.39 -28.33
N THR B 353 18.59 5.60 -27.57
CA THR B 353 17.33 4.91 -27.88
C THR B 353 16.29 5.84 -28.51
N ILE B 354 15.45 5.28 -29.38
CA ILE B 354 14.45 6.06 -30.11
C ILE B 354 13.13 5.32 -30.21
N ALA B 355 12.06 6.10 -30.34
CA ALA B 355 10.75 5.55 -30.62
C ALA B 355 10.06 6.37 -31.67
N ALA B 356 9.45 5.66 -32.62
CA ALA B 356 8.67 6.32 -33.66
C ALA B 356 7.23 6.26 -33.26
N ALA B 357 6.51 7.33 -33.53
CA ALA B 357 5.07 7.33 -33.40
C ALA B 357 4.53 6.36 -34.43
N ALA B 358 3.55 5.56 -34.04
CA ALA B 358 2.93 4.57 -34.94
C ALA B 358 2.32 5.21 -36.21
N VAL B 359 2.05 6.51 -36.16
CA VAL B 359 1.48 7.28 -37.27
C VAL B 359 2.54 7.74 -38.30
N ASN B 360 3.82 7.61 -37.94
CA ASN B 360 4.93 7.93 -38.85
C ASN B 360 4.92 7.03 -40.08
N PRO B 361 5.11 7.64 -41.28
CA PRO B 361 5.54 6.87 -42.45
C PRO B 361 6.97 6.46 -42.22
N ASP B 362 7.34 5.24 -42.62
CA ASP B 362 8.69 4.70 -42.38
C ASP B 362 9.81 5.62 -42.89
N SER B 363 9.54 6.32 -43.99
CA SER B 363 10.47 7.29 -44.59
C SER B 363 10.83 8.45 -43.66
N ALA B 364 9.87 8.88 -42.85
CA ALA B 364 10.04 10.00 -41.92
C ALA B 364 10.95 9.62 -40.75
N THR B 365 10.78 8.41 -40.25
CA THR B 365 11.61 7.84 -39.20
C THR B 365 13.07 7.70 -39.65
N ARG B 366 13.26 7.17 -40.84
CA ARG B 366 14.60 6.95 -41.42
C ARG B 366 15.47 8.21 -41.50
N LYS B 367 14.83 9.35 -41.76
CA LYS B 367 15.48 10.67 -41.76
C LYS B 367 16.04 11.02 -40.39
N ALA B 368 15.32 10.66 -39.34
CA ALA B 368 15.75 10.94 -37.97
C ALA B 368 16.90 10.01 -37.59
N ILE B 369 16.80 8.75 -38.02
CA ILE B 369 17.86 7.76 -37.81
C ILE B 369 19.17 8.18 -38.49
N TYR B 370 19.05 8.66 -39.73
CA TYR B 370 20.20 9.10 -40.56
C TYR B 370 20.98 10.25 -39.90
N TYR B 371 20.27 11.29 -39.48
CA TYR B 371 20.85 12.46 -38.81
C TYR B 371 21.62 12.07 -37.55
N LEU B 372 21.06 11.12 -36.81
CA LEU B 372 21.67 10.60 -35.60
C LEU B 372 22.93 9.79 -35.90
N GLN B 373 22.83 8.94 -36.92
CA GLN B 373 23.95 8.12 -37.38
C GLN B 373 25.11 8.99 -37.87
N GLN B 374 24.77 10.06 -38.58
CA GLN B 374 25.72 11.08 -39.03
C GLN B 374 26.27 11.96 -37.90
N GLN B 375 25.86 11.69 -36.66
CA GLN B 375 26.49 12.29 -35.49
C GLN B 375 27.38 11.27 -34.77
N GLY B 376 27.47 10.08 -35.36
CA GLY B 376 28.30 9.01 -34.83
C GLY B 376 27.68 8.34 -33.62
N LYS B 377 26.39 8.04 -33.70
CA LYS B 377 25.66 7.44 -32.59
C LYS B 377 24.94 6.15 -32.98
N THR B 378 25.09 5.15 -32.12
CA THR B 378 24.38 3.87 -32.22
C THR B 378 22.91 4.06 -31.85
N VAL B 379 22.03 3.69 -32.77
CA VAL B 379 20.61 3.93 -32.62
C VAL B 379 19.85 2.63 -32.36
N LEU B 380 19.39 2.47 -31.13
CA LEU B 380 18.56 1.32 -30.72
C LEU B 380 17.09 1.70 -30.71
N GLN B 381 16.28 1.05 -31.53
CA GLN B 381 14.86 1.32 -31.58
C GLN B 381 14.08 0.43 -30.62
N ILE B 382 13.29 1.08 -29.75
CA ILE B 382 12.49 0.41 -28.71
C ILE B 382 11.03 0.85 -28.82
N ALA B 383 10.15 0.31 -27.95
CA ALA B 383 8.71 0.69 -27.92
C ALA B 383 8.49 2.15 -27.48
N ASP B 384 7.37 2.75 -27.90
CA ASP B 384 7.02 4.14 -27.57
C ASP B 384 6.63 4.23 -26.10
N TYR B 385 7.65 4.35 -25.25
CA TYR B 385 7.54 4.18 -23.81
C TYR B 385 7.78 5.47 -23.04
N PRO B 386 6.75 5.94 -22.30
CA PRO B 386 6.78 7.19 -21.57
C PRO B 386 8.08 7.36 -20.77
N GLY B 387 8.86 8.38 -21.12
CA GLY B 387 10.16 8.61 -20.48
C GLY B 387 11.32 7.73 -20.93
N MET B 388 11.04 6.76 -21.80
CA MET B 388 12.04 5.78 -22.28
C MET B 388 12.87 5.14 -21.16
N LEU B 389 14.18 5.02 -21.36
CA LEU B 389 15.00 4.19 -20.46
C LEU B 389 15.97 4.94 -19.57
N ILE B 390 16.86 5.72 -20.19
CA ILE B 390 17.89 6.50 -19.53
C ILE B 390 17.28 7.63 -18.68
N TRP B 391 16.53 8.53 -19.32
CA TRP B 391 15.95 9.68 -18.62
C TRP B 391 15.02 9.28 -17.47
N ARG B 392 14.11 8.36 -17.74
CA ARG B 392 13.23 7.78 -16.71
C ARG B 392 13.96 7.24 -15.48
N THR B 393 14.99 6.43 -15.72
CA THR B 393 15.78 5.82 -14.65
C THR B 393 16.56 6.86 -13.82
N VAL B 394 17.27 7.74 -14.52
CA VAL B 394 18.11 8.73 -13.85
C VAL B 394 17.24 9.75 -13.11
N ALA B 395 16.11 10.14 -13.71
CA ALA B 395 15.17 11.05 -13.04
C ALA B 395 14.68 10.46 -11.72
N MET B 396 14.35 9.17 -11.72
CA MET B 396 13.92 8.45 -10.52
C MET B 396 15.05 8.29 -9.46
N ILE B 397 16.27 7.97 -9.90
CA ILE B 397 17.42 7.94 -8.99
C ILE B 397 17.61 9.32 -8.32
N ILE B 398 17.57 10.38 -9.12
CA ILE B 398 17.73 11.75 -8.61
C ILE B 398 16.61 12.10 -7.62
N ASN B 399 15.38 11.70 -7.96
CA ASN B 399 14.22 11.92 -7.09
C ASN B 399 14.42 11.28 -5.73
N GLU B 400 14.87 10.03 -5.75
CA GLU B 400 15.18 9.29 -4.54
C GLU B 400 16.30 9.96 -3.71
N ALA B 401 17.35 10.42 -4.40
CA ALA B 401 18.44 11.14 -3.73
C ALA B 401 17.92 12.39 -3.02
N LEU B 402 17.05 13.14 -3.70
CA LEU B 402 16.48 14.36 -3.13
C LEU B 402 15.59 14.07 -1.91
N ASP B 403 14.86 12.96 -1.95
CA ASP B 403 14.03 12.59 -0.79
C ASP B 403 14.90 12.19 0.40
N ALA B 404 15.99 11.46 0.13
CA ALA B 404 16.96 11.15 1.18
C ALA B 404 17.49 12.44 1.85
N LEU B 405 17.83 13.43 1.05
CA LEU B 405 18.36 14.70 1.54
C LEU B 405 17.35 15.46 2.37
N GLN B 406 16.18 15.68 1.77
CA GLN B 406 14.99 16.28 2.40
C GLN B 406 14.66 15.68 3.77
N LYS B 407 14.79 14.37 3.89
CA LYS B 407 14.40 13.68 5.11
C LYS B 407 15.52 13.57 6.15
N GLY B 408 16.68 14.19 5.89
CA GLY B 408 17.79 14.23 6.85
C GLY B 408 18.54 12.90 7.07
N VAL B 409 18.58 12.07 6.04
CA VAL B 409 19.34 10.82 6.10
C VAL B 409 20.85 11.13 6.11
N ALA B 410 21.27 12.01 5.22
CA ALA B 410 22.67 12.38 5.05
C ALA B 410 22.73 13.71 4.32
N SER B 411 23.92 14.30 4.31
CA SER B 411 24.19 15.55 3.60
C SER B 411 24.28 15.32 2.11
N GLU B 412 24.10 16.41 1.35
CA GLU B 412 24.19 16.38 -0.11
C GLU B 412 25.51 15.82 -0.63
N GLN B 413 26.63 16.29 -0.09
CA GLN B 413 27.95 15.81 -0.54
C GLN B 413 28.20 14.33 -0.22
N ASP B 414 27.68 13.87 0.92
CA ASP B 414 27.83 12.48 1.31
C ASP B 414 27.01 11.55 0.44
N ILE B 415 25.81 12.00 0.03
CA ILE B 415 24.94 11.22 -0.84
C ILE B 415 25.59 11.02 -2.20
N ASP B 416 26.13 12.12 -2.75
CA ASP B 416 26.88 12.07 -4.01
C ASP B 416 28.11 11.16 -3.93
N THR B 417 28.83 11.23 -2.80
CA THR B 417 30.00 10.37 -2.55
C THR B 417 29.59 8.90 -2.49
N ALA B 418 28.46 8.64 -1.82
CA ALA B 418 27.92 7.29 -1.69
C ALA B 418 27.62 6.59 -3.01
N MET B 419 26.94 7.29 -3.92
CA MET B 419 26.63 6.70 -5.20
C MET B 419 27.86 6.60 -6.11
N ARG B 420 28.79 7.55 -5.97
CA ARG B 420 30.03 7.51 -6.74
CA ARG B 420 30.04 7.52 -6.72
C ARG B 420 30.89 6.31 -6.34
N LEU B 421 30.95 6.02 -5.04
CA LEU B 421 31.82 4.97 -4.53
C LEU B 421 31.19 3.63 -4.10
N GLY B 422 29.92 3.65 -3.69
CA GLY B 422 29.19 2.42 -3.35
C GLY B 422 28.71 1.61 -4.56
N VAL B 423 28.42 2.29 -5.66
CA VAL B 423 27.86 1.63 -6.86
C VAL B 423 28.45 2.15 -8.16
N ASN B 424 29.46 3.02 -8.06
CA ASN B 424 30.22 3.56 -9.21
C ASN B 424 29.39 4.29 -10.25
N TYR B 425 28.44 5.10 -9.79
CA TYR B 425 27.68 5.93 -10.71
C TYR B 425 28.60 7.03 -11.23
N PRO B 426 28.48 7.40 -12.52
CA PRO B 426 29.42 8.35 -13.15
C PRO B 426 29.49 9.71 -12.43
N TYR B 427 28.33 10.29 -12.15
CA TYR B 427 28.25 11.48 -11.32
C TYR B 427 27.40 11.15 -10.10
N GLY B 428 27.56 11.92 -9.03
CA GLY B 428 26.64 11.88 -7.90
C GLY B 428 25.31 12.46 -8.37
N PRO B 429 24.17 11.89 -7.92
CA PRO B 429 22.85 12.23 -8.44
C PRO B 429 22.42 13.68 -8.21
N LEU B 430 22.73 14.22 -7.04
CA LEU B 430 22.38 15.60 -6.70
C LEU B 430 23.13 16.62 -7.57
N ALA B 431 24.43 16.38 -7.80
CA ALA B 431 25.21 17.17 -8.77
C ALA B 431 24.70 16.98 -10.19
N TRP B 432 24.37 15.73 -10.52
CA TRP B 432 23.86 15.33 -11.83
C TRP B 432 22.53 16.01 -12.14
N GLY B 433 21.67 16.14 -11.12
CA GLY B 433 20.39 16.83 -11.26
C GLY B 433 20.53 18.28 -11.64
N ALA B 434 21.48 18.97 -10.99
CA ALA B 434 21.77 20.39 -11.25
C ALA B 434 22.26 20.64 -12.67
N GLN B 435 23.10 19.72 -13.15
CA GLN B 435 23.60 19.76 -14.51
C GLN B 435 22.49 19.46 -15.52
N LEU B 436 21.70 18.41 -15.26
CA LEU B 436 20.59 18.01 -16.17
C LEU B 436 19.42 19.00 -16.15
N GLY B 437 19.28 19.73 -15.05
CA GLY B 437 18.25 20.74 -14.91
C GLY B 437 17.05 20.28 -14.12
N TRP B 438 16.81 20.93 -12.98
CA TRP B 438 15.72 20.59 -12.08
C TRP B 438 14.33 20.70 -12.70
N GLN B 439 14.10 21.78 -13.45
CA GLN B 439 12.84 21.96 -14.18
C GLN B 439 12.62 20.85 -15.19
N ARG B 440 13.68 20.45 -15.88
CA ARG B 440 13.62 19.30 -16.78
C ARG B 440 13.24 18.01 -16.06
N ILE B 441 13.85 17.78 -14.89
CA ILE B 441 13.59 16.54 -14.13
C ILE B 441 12.14 16.54 -13.65
N LEU B 442 11.71 17.64 -13.03
CA LEU B 442 10.34 17.84 -12.52
C LEU B 442 9.28 17.58 -13.57
N ARG B 443 9.37 18.27 -14.71
CA ARG B 443 8.40 18.15 -15.80
C ARG B 443 8.32 16.74 -16.40
N LEU B 444 9.45 16.02 -16.40
CA LEU B 444 9.45 14.61 -16.81
C LEU B 444 8.66 13.72 -15.84
N LEU B 445 8.94 13.85 -14.55
CA LEU B 445 8.31 13.02 -13.56
C LEU B 445 6.81 13.32 -13.43
N GLU B 446 6.43 14.59 -13.61
CA GLU B 446 5.01 14.99 -13.60
C GLU B 446 4.25 14.35 -14.75
N ASN B 447 4.90 14.27 -15.93
CA ASN B 447 4.28 13.65 -17.10
C ASN B 447 4.10 12.15 -16.91
N LEU B 448 5.05 11.51 -16.25
CA LEU B 448 4.97 10.09 -15.88
C LEU B 448 3.94 9.88 -14.77
N GLN B 449 3.89 10.80 -13.80
CA GLN B 449 2.82 10.77 -12.78
C GLN B 449 1.44 10.92 -13.41
N HIS B 450 1.32 11.79 -14.41
CA HIS B 450 0.07 11.94 -15.12
C HIS B 450 -0.26 10.71 -15.96
N HIS B 451 0.74 10.18 -16.69
CA HIS B 451 0.47 9.08 -17.59
C HIS B 451 0.07 7.83 -16.83
N TYR B 452 0.81 7.53 -15.78
CA TYR B 452 0.57 6.31 -15.01
C TYR B 452 -0.45 6.48 -13.88
N GLY B 453 -0.63 7.70 -13.35
CA GLY B 453 -1.55 7.92 -12.20
C GLY B 453 -1.04 7.24 -10.93
N GLU B 454 0.27 7.05 -10.86
CA GLU B 454 0.91 6.33 -9.78
C GLU B 454 1.69 7.33 -8.94
N GLU B 455 1.52 7.16 -7.62
CA GLU B 455 2.27 7.84 -6.58
C GLU B 455 3.78 7.53 -6.64
N ARG B 456 4.12 6.36 -7.17
CA ARG B 456 5.49 5.99 -7.51
C ARG B 456 6.28 7.13 -8.18
N TYR B 457 5.65 7.81 -9.14
CA TYR B 457 6.34 8.83 -9.91
C TYR B 457 6.18 10.27 -9.42
N ARG B 458 5.71 10.42 -8.17
CA ARG B 458 5.54 11.74 -7.56
C ARG B 458 6.87 12.48 -7.39
N PRO B 459 6.97 13.70 -7.93
CA PRO B 459 8.11 14.56 -7.66
C PRO B 459 8.16 14.82 -6.19
N CYS B 460 9.33 14.67 -5.55
CA CYS B 460 9.38 14.93 -4.12
C CYS B 460 9.37 16.43 -3.88
N SER B 461 9.04 16.85 -2.67
CA SER B 461 8.87 18.26 -2.36
C SER B 461 10.12 19.10 -2.69
N LEU B 462 11.29 18.55 -2.34
CA LEU B 462 12.59 19.22 -2.56
C LEU B 462 12.89 19.46 -4.04
N LEU B 463 12.47 18.54 -4.90
CA LEU B 463 12.59 18.74 -6.35
C LEU B 463 11.80 19.95 -6.82
N ARG B 464 10.55 20.07 -6.36
CA ARG B 464 9.72 21.26 -6.66
C ARG B 464 10.43 22.55 -6.21
N GLN B 465 10.94 22.52 -4.97
CA GLN B 465 11.67 23.65 -4.38
C GLN B 465 12.86 24.10 -5.23
N ARG B 466 13.65 23.12 -5.68
CA ARG B 466 14.84 23.37 -6.48
C ARG B 466 14.54 23.74 -7.91
N ALA B 467 13.40 23.26 -8.42
CA ALA B 467 12.96 23.69 -9.74
C ALA B 467 12.49 25.15 -9.72
N LEU B 468 11.87 25.56 -8.60
CA LEU B 468 11.44 26.94 -8.44
C LEU B 468 12.62 27.89 -8.34
N LEU B 469 13.64 27.48 -7.58
CA LEU B 469 14.89 28.24 -7.46
C LEU B 469 15.64 28.37 -8.80
N GLU B 470 15.64 27.28 -9.58
CA GLU B 470 16.28 27.25 -10.90
C GLU B 470 15.61 28.17 -11.91
N SER B 471 14.27 28.28 -11.82
CA SER B 471 13.51 29.17 -12.69
C SER B 471 13.77 30.66 -12.40
N GLY B 472 14.35 30.95 -11.24
CA GLY B 472 14.77 32.31 -10.88
C GLY B 472 16.24 32.61 -11.13
N TYR B 473 16.88 31.85 -12.02
CA TYR B 473 18.26 32.12 -12.47
C TYR B 473 18.33 32.31 -13.98
N LEU C 3 -35.71 -1.28 29.76
CA LEU C 3 -34.39 -1.45 30.43
C LEU C 3 -34.55 -1.88 31.88
N ASN C 4 -33.90 -2.99 32.22
CA ASN C 4 -33.82 -3.46 33.60
C ASN C 4 -32.45 -4.06 33.92
N VAL C 5 -31.40 -3.22 33.83
CA VAL C 5 -30.06 -3.64 34.23
C VAL C 5 -29.91 -3.35 35.71
N GLN C 6 -29.69 -4.41 36.47
CA GLN C 6 -29.48 -4.31 37.90
C GLN C 6 -28.03 -4.67 38.24
N THR C 7 -27.73 -5.97 38.25
CA THR C 7 -26.41 -6.43 38.63
C THR C 7 -25.47 -6.38 37.44
N VAL C 8 -24.36 -5.67 37.60
CA VAL C 8 -23.35 -5.53 36.56
C VAL C 8 -22.12 -6.36 36.96
N ALA C 9 -21.60 -7.13 36.01
CA ALA C 9 -20.34 -7.84 36.18
C ALA C 9 -19.27 -7.13 35.39
N VAL C 10 -18.14 -6.90 36.03
CA VAL C 10 -16.98 -6.30 35.39
C VAL C 10 -15.86 -7.36 35.45
N ILE C 11 -15.31 -7.70 34.29
CA ILE C 11 -14.25 -8.71 34.23
C ILE C 11 -12.90 -8.06 34.04
N GLY C 12 -12.05 -8.19 35.06
CA GLY C 12 -10.71 -7.62 35.02
C GLY C 12 -10.51 -6.70 36.18
N SER C 13 -9.30 -6.68 36.72
CA SER C 13 -8.97 -5.89 37.90
C SER C 13 -7.95 -4.79 37.63
N GLY C 14 -7.62 -4.57 36.35
CA GLY C 14 -6.73 -3.47 35.96
C GLY C 14 -7.36 -2.09 36.09
N THR C 15 -6.69 -1.06 35.56
CA THR C 15 -7.18 0.32 35.70
C THR C 15 -8.58 0.48 35.14
N MET C 16 -8.80 -0.06 33.94
CA MET C 16 -10.09 0.08 33.28
C MET C 16 -11.20 -0.68 34.00
N GLY C 17 -10.97 -1.95 34.34
CA GLY C 17 -11.96 -2.74 35.09
C GLY C 17 -12.38 -2.10 36.41
N ALA C 18 -11.38 -1.68 37.19
CA ALA C 18 -11.59 -1.06 38.49
C ALA C 18 -12.35 0.25 38.37
N GLY C 19 -12.01 1.02 37.33
CA GLY C 19 -12.63 2.30 37.06
C GLY C 19 -14.05 2.14 36.55
N ILE C 20 -14.28 1.09 35.76
CA ILE C 20 -15.62 0.82 35.26
C ILE C 20 -16.54 0.37 36.42
N ALA C 21 -15.99 -0.49 37.27
CA ALA C 21 -16.67 -1.00 38.47
C ALA C 21 -17.10 0.15 39.39
N GLU C 22 -16.19 1.10 39.59
CA GLU C 22 -16.46 2.31 40.39
C GLU C 22 -17.65 3.11 39.86
N VAL C 23 -17.72 3.29 38.54
CA VAL C 23 -18.82 4.01 37.89
C VAL C 23 -20.14 3.31 38.10
N ALA C 24 -20.16 2.01 37.82
CA ALA C 24 -21.37 1.21 37.96
C ALA C 24 -21.86 1.17 39.42
N ALA C 25 -20.97 0.91 40.36
CA ALA C 25 -21.36 0.86 41.79
C ALA C 25 -21.76 2.24 42.34
N SER C 26 -21.11 3.30 41.88
CA SER C 26 -21.42 4.65 42.35
C SER C 26 -22.81 5.13 41.90
N HIS C 27 -23.44 4.37 41.00
CA HIS C 27 -24.75 4.71 40.46
C HIS C 27 -25.84 3.69 40.84
N GLY C 28 -25.59 2.89 41.87
CA GLY C 28 -26.63 2.06 42.47
C GLY C 28 -26.65 0.61 42.04
N HIS C 29 -25.65 0.20 41.26
CA HIS C 29 -25.58 -1.18 40.80
C HIS C 29 -24.72 -2.05 41.71
N GLN C 30 -25.25 -3.23 42.00
CA GLN C 30 -24.46 -4.31 42.57
C GLN C 30 -23.44 -4.72 41.50
N VAL C 31 -22.16 -4.68 41.87
CA VAL C 31 -21.09 -4.99 40.94
C VAL C 31 -20.31 -6.25 41.32
N LEU C 32 -20.36 -7.25 40.45
CA LEU C 32 -19.53 -8.43 40.59
C LEU C 32 -18.21 -8.19 39.87
N LEU C 33 -17.15 -7.95 40.63
CA LEU C 33 -15.84 -7.72 40.05
C LEU C 33 -15.06 -9.04 39.99
N TYR C 34 -14.89 -9.57 38.77
CA TYR C 34 -14.32 -10.89 38.56
C TYR C 34 -12.87 -10.87 38.07
N ASP C 35 -12.04 -11.66 38.75
CA ASP C 35 -10.69 -12.00 38.32
C ASP C 35 -10.34 -13.32 39.01
N ILE C 36 -9.45 -14.11 38.40
CA ILE C 36 -9.02 -15.39 38.99
C ILE C 36 -8.11 -15.21 40.22
N SER C 37 -7.40 -14.09 40.30
CA SER C 37 -6.53 -13.80 41.43
C SER C 37 -7.26 -12.95 42.48
N ALA C 38 -7.37 -13.49 43.70
CA ALA C 38 -8.04 -12.82 44.81
C ALA C 38 -7.22 -11.65 45.38
N GLU C 39 -5.89 -11.74 45.26
CA GLU C 39 -4.97 -10.66 45.64
C GLU C 39 -5.18 -9.45 44.74
N ALA C 40 -5.33 -9.72 43.44
CA ALA C 40 -5.52 -8.68 42.43
C ALA C 40 -6.80 -7.91 42.74
N LEU C 41 -7.88 -8.65 43.02
CA LEU C 41 -9.16 -8.05 43.41
C LEU C 41 -9.07 -7.14 44.63
N THR C 42 -8.34 -7.60 45.65
CA THR C 42 -8.12 -6.86 46.90
C THR C 42 -7.39 -5.54 46.64
N ARG C 43 -6.35 -5.58 45.82
CA ARG C 43 -5.60 -4.38 45.42
C ARG C 43 -6.45 -3.37 44.64
N ALA C 44 -7.18 -3.87 43.64
CA ALA C 44 -8.08 -3.04 42.83
C ALA C 44 -9.14 -2.36 43.71
N ILE C 45 -9.75 -3.14 44.59
CA ILE C 45 -10.75 -2.64 45.55
C ILE C 45 -10.18 -1.65 46.58
N ASP C 46 -8.94 -1.88 47.03
CA ASP C 46 -8.24 -0.91 47.88
C ASP C 46 -8.06 0.43 47.17
N GLY C 47 -7.67 0.38 45.89
CA GLY C 47 -7.61 1.56 45.02
C GLY C 47 -8.91 2.35 45.00
N ILE C 48 -10.03 1.69 44.69
CA ILE C 48 -11.34 2.34 44.67
C ILE C 48 -11.73 2.94 46.03
N HIS C 49 -11.51 2.17 47.11
CA HIS C 49 -11.67 2.66 48.47
CA HIS C 49 -11.67 2.65 48.48
C HIS C 49 -10.89 3.96 48.69
N ALA C 50 -9.60 3.92 48.36
CA ALA C 50 -8.67 5.05 48.53
C ALA C 50 -9.03 6.30 47.71
N ARG C 51 -9.46 6.09 46.47
CA ARG C 51 -9.82 7.21 45.60
C ARG C 51 -11.12 7.88 46.01
N LEU C 52 -12.13 7.07 46.35
CA LEU C 52 -13.42 7.60 46.80
C LEU C 52 -13.37 8.29 48.16
N ASN C 53 -12.53 7.77 49.06
CA ASN C 53 -12.37 8.33 50.39
C ASN C 53 -11.70 9.69 50.37
N SER C 54 -10.76 9.87 49.43
CA SER C 54 -10.12 11.17 49.25
C SER C 54 -11.08 12.21 48.64
N ARG C 55 -12.06 11.75 47.85
CA ARG C 55 -13.11 12.64 47.32
C ARG C 55 -14.06 13.15 48.42
N VAL C 56 -14.31 12.31 49.42
CA VAL C 56 -15.10 12.70 50.61
C VAL C 56 -14.36 13.72 51.47
N THR C 57 -13.06 13.50 51.65
CA THR C 57 -12.14 14.45 52.32
C THR C 57 -12.25 15.85 51.72
N ARG C 58 -12.15 15.94 50.39
CA ARG C 58 -12.25 17.21 49.67
C ARG C 58 -13.70 17.71 49.47
N GLY C 59 -14.67 16.98 49.99
CA GLY C 59 -16.10 17.33 49.84
C GLY C 59 -16.64 17.23 48.42
N LYS C 60 -16.09 16.32 47.63
CA LYS C 60 -16.53 16.14 46.24
C LYS C 60 -17.50 14.99 46.13
N LEU C 61 -17.73 14.33 47.26
CA LEU C 61 -18.64 13.19 47.36
C LEU C 61 -19.08 13.04 48.82
N THR C 62 -20.36 12.75 49.05
CA THR C 62 -20.86 12.52 50.41
C THR C 62 -20.36 11.19 50.98
N ALA C 63 -20.24 11.15 52.30
CA ALA C 63 -19.86 9.95 53.03
C ALA C 63 -20.85 8.80 52.79
N GLU C 64 -22.14 9.13 52.69
CA GLU C 64 -23.16 8.11 52.42
C GLU C 64 -22.92 7.39 51.09
N THR C 65 -22.79 8.17 50.02
CA THR C 65 -22.68 7.63 48.68
C THR C 65 -21.36 6.89 48.56
N CYS C 66 -20.32 7.41 49.20
CA CYS C 66 -19.06 6.69 49.32
C CYS C 66 -19.25 5.31 49.92
N GLU C 67 -19.88 5.23 51.09
CA GLU C 67 -19.99 3.96 51.80
C GLU C 67 -20.93 2.98 51.08
N ARG C 68 -22.01 3.50 50.50
CA ARG C 68 -22.93 2.67 49.72
C ARG C 68 -22.31 2.11 48.43
N THR C 69 -21.46 2.92 47.80
CA THR C 69 -20.67 2.48 46.65
C THR C 69 -19.76 1.30 46.99
N LEU C 70 -18.97 1.45 48.05
CA LEU C 70 -17.99 0.42 48.46
C LEU C 70 -18.63 -0.92 48.81
N LYS C 71 -19.81 -0.85 49.44
CA LYS C 71 -20.58 -2.03 49.80
C LYS C 71 -21.11 -2.80 48.58
N ARG C 72 -21.28 -2.11 47.45
CA ARG C 72 -21.80 -2.75 46.24
C ARG C 72 -20.73 -3.47 45.43
N LEU C 73 -19.46 -3.27 45.79
CA LEU C 73 -18.34 -3.92 45.12
C LEU C 73 -18.06 -5.31 45.67
N ILE C 74 -18.55 -6.32 44.98
CA ILE C 74 -18.40 -7.71 45.42
C ILE C 74 -17.33 -8.46 44.59
N PRO C 75 -16.15 -8.74 45.20
CA PRO C 75 -15.11 -9.50 44.50
C PRO C 75 -15.46 -10.97 44.39
N VAL C 76 -15.36 -11.50 43.17
CA VAL C 76 -15.69 -12.90 42.90
C VAL C 76 -14.57 -13.55 42.11
N THR C 77 -14.35 -14.84 42.38
CA THR C 77 -13.30 -15.63 41.73
C THR C 77 -13.94 -16.78 40.94
N ASP C 78 -15.22 -17.01 41.17
CA ASP C 78 -15.97 -18.03 40.46
C ASP C 78 -16.80 -17.40 39.33
N ILE C 79 -16.51 -17.79 38.09
CA ILE C 79 -17.19 -17.28 36.88
C ILE C 79 -18.69 -17.53 36.89
N HIS C 80 -19.10 -18.58 37.63
CA HIS C 80 -20.50 -18.97 37.74
C HIS C 80 -21.34 -17.99 38.53
N ALA C 81 -20.69 -17.22 39.40
CA ALA C 81 -21.37 -16.16 40.16
C ALA C 81 -21.91 -15.07 39.25
N LEU C 82 -21.32 -14.92 38.07
CA LEU C 82 -21.81 -13.94 37.09
C LEU C 82 -23.11 -14.36 36.37
N ALA C 83 -23.73 -15.46 36.79
CA ALA C 83 -25.01 -15.89 36.23
C ALA C 83 -26.15 -14.93 36.58
N ALA C 84 -25.99 -14.22 37.69
CA ALA C 84 -26.96 -13.23 38.16
C ALA C 84 -26.92 -11.88 37.42
N ALA C 85 -25.82 -11.62 36.68
CA ALA C 85 -25.60 -10.32 36.03
C ALA C 85 -26.49 -10.11 34.81
N ASP C 86 -27.06 -8.91 34.71
CA ASP C 86 -27.80 -8.46 33.53
C ASP C 86 -26.86 -7.88 32.46
N LEU C 87 -25.67 -7.47 32.90
CA LEU C 87 -24.66 -6.87 32.03
C LEU C 87 -23.30 -7.31 32.50
N VAL C 88 -22.51 -7.80 31.55
CA VAL C 88 -21.11 -8.08 31.78
C VAL C 88 -20.29 -7.12 30.94
N ILE C 89 -19.32 -6.46 31.59
CA ILE C 89 -18.37 -5.60 30.89
C ILE C 89 -16.97 -6.20 31.05
N GLU C 90 -16.43 -6.72 29.95
CA GLU C 90 -15.13 -7.39 29.93
C GLU C 90 -14.03 -6.38 29.66
N ALA C 91 -12.99 -6.39 30.50
CA ALA C 91 -11.85 -5.52 30.31
C ALA C 91 -10.55 -6.21 30.77
N ALA C 92 -10.32 -7.43 30.30
CA ALA C 92 -9.10 -8.18 30.67
C ALA C 92 -8.11 -8.22 29.49
N SER C 93 -7.70 -9.42 29.08
CA SER C 93 -6.70 -9.58 28.01
C SER C 93 -7.18 -9.05 26.67
N GLU C 94 -6.29 -8.37 25.96
CA GLU C 94 -6.59 -7.81 24.65
C GLU C 94 -6.50 -8.81 23.48
N ARG C 95 -5.73 -9.88 23.68
CA ARG C 95 -5.62 -10.94 22.67
C ARG C 95 -6.98 -11.49 22.25
N LEU C 96 -7.18 -11.68 20.95
CA LEU C 96 -8.45 -12.14 20.39
C LEU C 96 -8.91 -13.47 20.94
N GLU C 97 -8.01 -14.46 20.92
CA GLU C 97 -8.33 -15.84 21.30
C GLU C 97 -8.75 -16.00 22.77
N VAL C 98 -8.13 -15.23 23.66
CA VAL C 98 -8.53 -15.16 25.07
C VAL C 98 -9.99 -14.67 25.23
N LYS C 99 -10.31 -13.55 24.56
CA LYS C 99 -11.66 -12.98 24.61
C LYS C 99 -12.72 -13.92 24.07
N LYS C 100 -12.39 -14.58 22.95
CA LYS C 100 -13.30 -15.54 22.33
C LYS C 100 -13.61 -16.69 23.30
N ALA C 101 -12.57 -17.17 23.98
CA ALA C 101 -12.70 -18.17 25.05
C ALA C 101 -13.52 -17.69 26.24
N LEU C 102 -13.28 -16.44 26.67
CA LEU C 102 -14.04 -15.84 27.76
C LEU C 102 -15.52 -15.71 27.42
N PHE C 103 -15.83 -15.21 26.23
CA PHE C 103 -17.22 -14.96 25.85
C PHE C 103 -18.01 -16.23 25.58
N ALA C 104 -17.30 -17.26 25.12
CA ALA C 104 -17.86 -18.60 24.99
C ALA C 104 -18.28 -19.14 26.36
N GLN C 105 -17.42 -18.96 27.36
CA GLN C 105 -17.74 -19.36 28.73
C GLN C 105 -18.92 -18.58 29.33
N LEU C 106 -19.02 -17.29 29.03
CA LEU C 106 -20.13 -16.45 29.54
C LEU C 106 -21.45 -16.74 28.84
N ALA C 107 -21.38 -17.32 27.64
CA ALA C 107 -22.59 -17.71 26.92
C ALA C 107 -23.37 -18.82 27.63
N GLU C 108 -22.66 -19.79 28.23
CA GLU C 108 -23.29 -20.86 29.02
C GLU C 108 -23.65 -20.48 30.45
N VAL C 109 -22.73 -19.78 31.12
CA VAL C 109 -22.92 -19.27 32.49
C VAL C 109 -24.16 -18.37 32.63
N CYS C 110 -24.30 -17.39 31.75
CA CYS C 110 -25.35 -16.36 31.84
C CYS C 110 -26.60 -16.71 31.02
N PRO C 111 -27.76 -16.15 31.39
CA PRO C 111 -28.95 -16.21 30.51
C PRO C 111 -28.69 -15.58 29.13
N PRO C 112 -29.43 -16.02 28.11
CA PRO C 112 -29.28 -15.45 26.75
C PRO C 112 -29.82 -14.01 26.58
N GLN C 113 -30.39 -13.42 27.62
CA GLN C 113 -30.80 -12.01 27.56
C GLN C 113 -29.82 -11.07 28.28
N THR C 114 -28.74 -11.64 28.83
CA THR C 114 -27.70 -10.87 29.49
C THR C 114 -26.81 -10.22 28.44
N LEU C 115 -26.62 -8.90 28.57
CA LEU C 115 -25.76 -8.14 27.66
C LEU C 115 -24.30 -8.47 27.94
N LEU C 116 -23.56 -8.78 26.89
CA LEU C 116 -22.17 -9.19 27.03
C LEU C 116 -21.29 -8.20 26.30
N THR C 117 -20.60 -7.36 27.05
CA THR C 117 -19.88 -6.30 26.39
C THR C 117 -18.40 -6.35 26.68
N THR C 118 -17.64 -5.69 25.82
CA THR C 118 -16.20 -5.57 26.02
C THR C 118 -15.76 -4.12 25.91
N ASN C 119 -14.76 -3.77 26.72
CA ASN C 119 -14.16 -2.44 26.74
C ASN C 119 -13.09 -2.30 25.66
N THR C 120 -12.88 -3.33 24.85
CA THR C 120 -11.74 -3.33 23.92
C THR C 120 -11.75 -2.16 22.95
N SER C 121 -10.55 -1.68 22.61
CA SER C 121 -10.34 -0.62 21.64
C SER C 121 -9.87 -1.17 20.31
N SER C 122 -9.44 -2.43 20.30
CA SER C 122 -8.60 -2.94 19.22
C SER C 122 -9.14 -4.17 18.53
N ILE C 123 -10.06 -4.88 19.17
CA ILE C 123 -10.59 -6.11 18.63
C ILE C 123 -11.98 -5.90 18.06
N SER C 124 -12.25 -6.56 16.94
CA SER C 124 -13.57 -6.57 16.32
C SER C 124 -14.60 -7.22 17.22
N ILE C 125 -15.76 -6.56 17.34
CA ILE C 125 -16.89 -7.08 18.08
C ILE C 125 -17.42 -8.31 17.36
N THR C 126 -17.51 -8.20 16.03
CA THR C 126 -17.96 -9.26 15.15
C THR C 126 -17.17 -10.56 15.34
N ALA C 127 -15.85 -10.44 15.49
CA ALA C 127 -14.99 -11.60 15.71
C ALA C 127 -15.13 -12.17 17.11
N ILE C 128 -15.38 -11.29 18.09
CA ILE C 128 -15.68 -11.73 19.47
C ILE C 128 -17.00 -12.49 19.48
N ALA C 129 -18.00 -11.94 18.79
CA ALA C 129 -19.37 -12.44 18.82
C ALA C 129 -19.62 -13.59 17.87
N ALA C 130 -18.58 -13.99 17.15
CA ALA C 130 -18.66 -14.92 16.03
C ALA C 130 -19.25 -16.29 16.39
N GLU C 131 -18.68 -16.94 17.40
CA GLU C 131 -19.03 -18.33 17.70
C GLU C 131 -19.93 -18.47 18.93
N ILE C 132 -20.32 -17.35 19.53
CA ILE C 132 -21.04 -17.39 20.81
C ILE C 132 -22.56 -17.42 20.61
N LYS C 133 -23.25 -17.93 21.64
CA LYS C 133 -24.66 -18.35 21.60
C LYS C 133 -25.69 -17.38 21.04
N ASN C 134 -25.89 -16.25 21.71
CA ASN C 134 -26.85 -15.27 21.21
C ASN C 134 -26.09 -14.04 20.77
N PRO C 135 -25.58 -14.03 19.52
CA PRO C 135 -24.58 -13.03 19.15
C PRO C 135 -25.09 -11.59 19.20
N GLU C 136 -26.42 -11.45 19.20
CA GLU C 136 -27.13 -10.18 19.20
C GLU C 136 -26.99 -9.36 20.47
N ARG C 137 -26.63 -9.99 21.58
CA ARG C 137 -26.49 -9.24 22.82
C ARG C 137 -25.03 -8.98 23.15
N VAL C 138 -24.15 -9.28 22.20
CA VAL C 138 -22.75 -8.89 22.27
C VAL C 138 -22.59 -7.50 21.62
N ALA C 139 -21.81 -6.64 22.27
CA ALA C 139 -21.60 -5.27 21.84
C ALA C 139 -20.35 -4.73 22.48
N GLY C 140 -19.87 -3.57 22.02
CA GLY C 140 -18.73 -2.93 22.64
C GLY C 140 -19.23 -1.81 23.54
N LEU C 141 -18.62 -1.69 24.71
CA LEU C 141 -18.91 -0.58 25.59
C LEU C 141 -17.57 0.01 25.96
N HIS C 142 -17.13 0.99 25.18
CA HIS C 142 -15.76 1.46 25.21
C HIS C 142 -15.58 2.74 26.02
N PHE C 143 -15.03 2.61 27.23
CA PHE C 143 -14.78 3.74 28.14
C PHE C 143 -13.39 4.29 27.91
N PHE C 144 -13.10 5.45 28.49
CA PHE C 144 -11.79 6.07 28.31
C PHE C 144 -11.13 6.29 29.69
N ASN C 145 -9.81 6.11 29.76
CA ASN C 145 -8.99 6.33 30.97
C ASN C 145 -8.89 7.81 31.40
N PRO C 146 -9.21 8.11 32.68
CA PRO C 146 -9.81 7.22 33.68
C PRO C 146 -11.32 7.19 33.58
N ALA C 147 -11.88 5.98 33.56
CA ALA C 147 -13.33 5.80 33.46
C ALA C 147 -14.22 6.64 34.38
N PRO C 148 -13.83 6.84 35.68
CA PRO C 148 -14.70 7.69 36.50
C PRO C 148 -14.72 9.16 36.11
N VAL C 149 -13.67 9.62 35.43
CA VAL C 149 -13.59 11.03 35.02
C VAL C 149 -14.13 11.27 33.60
N MET C 150 -13.65 10.50 32.61
CA MET C 150 -13.97 10.68 31.18
C MET C 150 -15.46 10.44 30.84
N LYS C 151 -16.10 11.43 30.27
CA LYS C 151 -17.50 11.36 29.95
C LYS C 151 -17.94 10.46 28.81
N LEU C 152 -17.04 10.20 27.88
CA LEU C 152 -17.43 9.52 26.66
C LEU C 152 -17.45 8.00 26.78
N VAL C 153 -18.48 7.36 26.23
CA VAL C 153 -18.36 5.94 25.88
C VAL C 153 -18.82 5.67 24.45
N GLU C 154 -18.08 4.83 23.73
CA GLU C 154 -18.46 4.42 22.39
C GLU C 154 -19.21 3.10 22.50
N VAL C 155 -20.46 3.10 22.05
CA VAL C 155 -21.31 1.91 22.08
C VAL C 155 -21.20 1.25 20.71
N VAL C 156 -20.55 0.11 20.66
CA VAL C 156 -20.09 -0.42 19.38
C VAL C 156 -20.90 -1.60 18.90
N SER C 157 -21.53 -1.47 17.74
CA SER C 157 -22.27 -2.59 17.15
C SER C 157 -21.35 -3.47 16.31
N GLY C 158 -21.38 -4.77 16.62
CA GLY C 158 -20.86 -5.76 15.69
C GLY C 158 -21.94 -6.02 14.66
N LEU C 159 -21.61 -6.86 13.68
CA LEU C 159 -22.54 -7.24 12.62
C LEU C 159 -23.91 -7.70 13.14
N ALA C 160 -23.89 -8.55 14.16
CA ALA C 160 -25.08 -9.18 14.72
C ALA C 160 -25.81 -8.36 15.79
N THR C 161 -25.15 -7.34 16.32
CA THR C 161 -25.66 -6.57 17.47
C THR C 161 -27.03 -5.98 17.22
N ALA C 162 -27.99 -6.40 18.05
CA ALA C 162 -29.36 -5.87 17.99
C ALA C 162 -29.43 -4.38 18.35
N ALA C 163 -30.41 -3.69 17.76
CA ALA C 163 -30.63 -2.27 18.01
C ALA C 163 -31.20 -1.96 19.39
N GLU C 164 -32.02 -2.87 19.95
CA GLU C 164 -32.54 -2.69 21.30
CA GLU C 164 -32.54 -2.71 21.31
C GLU C 164 -31.40 -2.72 22.33
N VAL C 165 -30.42 -3.59 22.09
CA VAL C 165 -29.20 -3.70 22.89
C VAL C 165 -28.44 -2.37 22.92
N VAL C 166 -28.28 -1.73 21.76
CA VAL C 166 -27.64 -0.41 21.64
C VAL C 166 -28.40 0.64 22.47
N GLU C 167 -29.73 0.65 22.35
CA GLU C 167 -30.58 1.60 23.05
C GLU C 167 -30.49 1.42 24.55
N GLN C 168 -30.51 0.16 24.99
CA GLN C 168 -30.34 -0.20 26.38
C GLN C 168 -29.00 0.31 26.91
N LEU C 169 -27.93 0.02 26.17
CA LEU C 169 -26.58 0.47 26.56
C LEU C 169 -26.41 1.98 26.60
N CYS C 170 -27.00 2.67 25.61
CA CYS C 170 -27.01 4.15 25.59
C CYS C 170 -27.74 4.73 26.80
N GLU C 171 -28.96 4.23 27.04
CA GLU C 171 -29.77 4.69 28.18
C GLU C 171 -29.06 4.44 29.51
N LEU C 172 -28.41 3.28 29.64
CA LEU C 172 -27.71 2.94 30.86
C LEU C 172 -26.50 3.84 31.14
N THR C 173 -25.67 4.10 30.11
CA THR C 173 -24.51 5.01 30.29
C THR C 173 -24.93 6.46 30.49
N LEU C 174 -26.03 6.86 29.84
CA LEU C 174 -26.67 8.15 30.17
C LEU C 174 -26.92 8.17 31.68
N SER C 175 -27.59 7.15 32.18
CA SER C 175 -27.86 7.05 33.63
C SER C 175 -26.59 7.01 34.51
N TRP C 176 -25.43 6.66 33.95
CA TRP C 176 -24.15 6.73 34.68
C TRP C 176 -23.44 8.08 34.53
N GLY C 177 -24.17 9.07 33.99
CA GLY C 177 -23.64 10.41 33.79
C GLY C 177 -22.62 10.48 32.66
N LYS C 178 -22.66 9.50 31.77
CA LYS C 178 -21.78 9.47 30.60
C LYS C 178 -22.50 10.00 29.39
N GLN C 179 -21.76 10.11 28.29
CA GLN C 179 -22.33 10.48 27.01
C GLN C 179 -22.01 9.37 26.02
N PRO C 180 -23.00 8.54 25.69
CA PRO C 180 -22.76 7.51 24.69
C PRO C 180 -22.77 8.09 23.28
N VAL C 181 -21.97 7.49 22.40
CA VAL C 181 -22.02 7.71 20.97
C VAL C 181 -22.06 6.32 20.33
N ARG C 182 -22.81 6.16 19.24
CA ARG C 182 -22.90 4.86 18.55
C ARG C 182 -21.99 4.82 17.34
N CYS C 183 -21.40 3.66 17.10
CA CYS C 183 -20.56 3.43 15.95
C CYS C 183 -20.51 1.94 15.64
N HIS C 184 -20.17 1.59 14.40
CA HIS C 184 -20.02 0.20 14.01
CA HIS C 184 -20.02 0.19 14.02
C HIS C 184 -18.62 -0.29 14.36
N SER C 185 -18.42 -1.59 14.31
CA SER C 185 -17.14 -2.17 14.67
C SER C 185 -16.10 -2.07 13.55
N THR C 186 -15.70 -0.85 13.24
CA THR C 186 -14.69 -0.61 12.22
C THR C 186 -13.41 -0.18 12.92
N PRO C 187 -12.25 -0.37 12.28
CA PRO C 187 -10.95 -0.09 12.92
C PRO C 187 -10.85 1.32 13.51
N GLY C 188 -10.52 1.39 14.79
CA GLY C 188 -10.28 2.65 15.50
C GLY C 188 -11.55 3.33 15.99
N PHE C 189 -12.70 2.68 15.77
CA PHE C 189 -14.04 3.21 16.05
C PHE C 189 -14.23 4.65 15.51
N ILE C 190 -14.53 5.62 16.37
CA ILE C 190 -14.50 7.03 15.97
C ILE C 190 -13.21 7.68 16.45
N VAL C 191 -13.02 7.71 17.77
CA VAL C 191 -11.93 8.48 18.38
C VAL C 191 -10.52 8.07 17.93
N ASN C 192 -10.18 6.79 18.01
CA ASN C 192 -8.84 6.33 17.60
C ASN C 192 -8.59 6.47 16.11
N ARG C 193 -9.65 6.47 15.32
CA ARG C 193 -9.56 6.65 13.87
C ARG C 193 -9.39 8.11 13.48
N VAL C 194 -10.27 8.98 13.99
CA VAL C 194 -10.28 10.40 13.60
C VAL C 194 -9.11 11.19 14.19
N ALA C 195 -8.63 10.79 15.36
CA ALA C 195 -7.46 11.41 15.99
C ALA C 195 -6.14 11.18 15.26
N ARG C 196 -6.07 10.13 14.43
CA ARG C 196 -4.79 9.75 13.80
C ARG C 196 -3.98 10.89 13.12
N PRO C 197 -4.63 11.77 12.31
CA PRO C 197 -3.77 12.82 11.70
C PRO C 197 -3.28 13.92 12.63
N TYR C 198 -3.84 13.98 13.83
CA TYR C 198 -3.33 14.93 14.82
C TYR C 198 -1.89 14.54 15.16
N TYR C 199 -1.63 13.23 15.28
CA TYR C 199 -0.29 12.76 15.58
C TYR C 199 0.59 12.71 14.35
N SER C 200 0.04 12.23 13.24
CA SER C 200 0.86 11.93 12.07
C SER C 200 1.29 13.16 11.26
N GLU C 201 0.50 14.24 11.30
CA GLU C 201 0.99 15.48 10.70
C GLU C 201 2.23 16.06 11.41
N ALA C 202 2.25 15.98 12.74
CA ALA C 202 3.40 16.36 13.56
C ALA C 202 4.68 15.54 13.28
N TRP C 203 4.57 14.21 13.25
CA TRP C 203 5.73 13.38 12.87
C TRP C 203 6.31 13.72 11.49
N ARG C 204 5.44 14.02 10.53
CA ARG C 204 5.90 14.42 9.20
C ARG C 204 6.64 15.77 9.23
N ALA C 205 6.10 16.71 10.00
CA ALA C 205 6.72 18.02 10.19
C ALA C 205 8.08 17.82 10.86
N LEU C 206 8.10 17.02 11.93
CA LEU C 206 9.33 16.65 12.64
C LEU C 206 10.39 15.98 11.77
N GLU C 207 9.98 15.06 10.88
CA GLU C 207 10.92 14.34 10.02
C GLU C 207 11.52 15.27 8.98
N GLU C 208 10.81 16.32 8.62
CA GLU C 208 11.34 17.28 7.65
C GLU C 208 11.98 18.54 8.27
N GLN C 209 12.11 18.57 9.59
CA GLN C 209 12.73 19.68 10.36
C GLN C 209 12.10 21.05 10.06
N VAL C 210 10.77 21.04 9.94
CA VAL C 210 9.98 22.22 9.68
C VAL C 210 10.13 23.18 10.84
N ALA C 211 10.11 22.61 12.04
CA ALA C 211 10.18 23.33 13.30
C ALA C 211 10.61 22.36 14.38
N ALA C 212 11.11 22.90 15.50
CA ALA C 212 11.35 22.16 16.74
C ALA C 212 10.03 21.56 17.27
N PRO C 213 10.10 20.44 18.01
CA PRO C 213 8.86 19.83 18.51
C PRO C 213 8.03 20.77 19.39
N GLU C 214 8.72 21.60 20.18
CA GLU C 214 8.10 22.61 21.05
C GLU C 214 7.32 23.63 20.26
N VAL C 215 7.78 23.93 19.05
CA VAL C 215 7.13 24.93 18.20
C VAL C 215 5.86 24.33 17.58
N ILE C 216 5.95 23.09 17.10
CA ILE C 216 4.80 22.35 16.60
C ILE C 216 3.72 22.24 17.67
N ASP C 217 4.11 21.83 18.88
CA ASP C 217 3.17 21.75 20.01
C ASP C 217 2.54 23.10 20.40
N ALA C 218 3.30 24.18 20.24
CA ALA C 218 2.81 25.51 20.65
C ALA C 218 1.80 26.04 19.65
N ALA C 219 2.05 25.81 18.37
CA ALA C 219 1.12 26.20 17.32
C ALA C 219 -0.21 25.48 17.51
N LEU C 220 -0.16 24.18 17.76
CA LEU C 220 -1.37 23.38 17.85
C LEU C 220 -2.17 23.65 19.13
N ARG C 221 -1.48 23.86 20.25
CA ARG C 221 -2.15 24.19 21.52
C ARG C 221 -2.54 25.66 21.67
N ASP C 222 -1.59 26.57 21.43
CA ASP C 222 -1.88 27.98 21.70
C ASP C 222 -2.28 28.77 20.45
N GLY C 223 -2.18 28.13 19.29
CA GLY C 223 -2.75 28.67 18.06
C GLY C 223 -4.13 28.08 17.79
N ALA C 224 -4.19 26.75 17.64
CA ALA C 224 -5.44 26.07 17.23
C ALA C 224 -6.39 25.77 18.39
N GLY C 225 -5.89 25.90 19.62
CA GLY C 225 -6.73 25.69 20.80
C GLY C 225 -6.85 24.26 21.31
N PHE C 226 -5.99 23.35 20.84
CA PHE C 226 -5.97 21.97 21.38
C PHE C 226 -5.39 22.04 22.80
N PRO C 227 -5.89 21.21 23.73
CA PRO C 227 -5.39 21.31 25.12
C PRO C 227 -3.92 20.91 25.28
N MET C 228 -3.45 19.96 24.47
CA MET C 228 -2.04 19.59 24.46
C MET C 228 -1.53 19.38 23.03
N GLY C 229 -0.31 19.82 22.77
CA GLY C 229 0.35 19.60 21.48
C GLY C 229 0.52 18.12 21.21
N PRO C 230 0.49 17.73 19.92
CA PRO C 230 0.48 16.29 19.59
C PRO C 230 1.74 15.54 20.06
N LEU C 231 2.90 16.18 20.05
CA LEU C 231 4.15 15.44 20.34
C LEU C 231 4.31 15.24 21.85
N GLU C 232 4.10 16.30 22.63
CA GLU C 232 4.01 16.17 24.08
C GLU C 232 2.95 15.15 24.52
N LEU C 233 1.77 15.17 23.90
CA LEU C 233 0.72 14.18 24.18
C LEU C 233 1.16 12.75 23.86
N THR C 234 1.93 12.55 22.79
CA THR C 234 2.49 11.20 22.57
C THR C 234 3.50 10.78 23.66
N ASP C 235 4.28 11.74 24.16
CA ASP C 235 5.19 11.50 25.29
C ASP C 235 4.43 11.14 26.56
N LEU C 236 3.26 11.75 26.75
CA LEU C 236 2.43 11.48 27.92
C LEU C 236 1.53 10.26 27.80
N ILE C 237 1.17 9.88 26.57
CA ILE C 237 0.40 8.65 26.35
C ILE C 237 1.40 7.49 26.43
N GLY C 238 2.60 7.72 25.93
CA GLY C 238 3.61 6.67 25.87
C GLY C 238 3.78 6.28 24.43
N GLN C 239 4.99 6.50 23.90
CA GLN C 239 5.29 6.26 22.50
C GLN C 239 4.92 4.86 22.05
N ASP C 240 5.17 3.86 22.90
CA ASP C 240 4.79 2.48 22.63
C ASP C 240 3.28 2.31 22.41
N VAL C 241 2.47 2.97 23.25
CA VAL C 241 1.01 2.83 23.19
C VAL C 241 0.43 3.51 21.95
N ASN C 242 0.86 4.76 21.71
CA ASN C 242 0.32 5.58 20.63
C ASN C 242 0.72 5.02 19.26
N PHE C 243 1.94 4.49 19.17
CA PHE C 243 2.48 3.86 17.96
C PHE C 243 1.77 2.55 17.66
N ALA C 244 1.39 1.84 18.73
CA ALA C 244 0.68 0.55 18.58
C ALA C 244 -0.72 0.77 18.04
N VAL C 245 -1.37 1.85 18.47
CA VAL C 245 -2.68 2.24 17.92
C VAL C 245 -2.57 2.62 16.43
N THR C 246 -1.62 3.49 16.09
CA THR C 246 -1.34 3.88 14.71
C THR C 246 -1.14 2.68 13.79
N CYS C 247 -0.26 1.76 14.21
CA CYS C 247 0.07 0.58 13.41
C CYS C 247 -1.12 -0.35 13.25
N SER C 248 -1.96 -0.40 14.30
CA SER C 248 -3.11 -1.28 14.31
C SER C 248 -4.17 -0.79 13.33
N VAL C 249 -4.48 0.52 13.36
CA VAL C 249 -5.44 1.13 12.44
C VAL C 249 -4.91 1.02 11.00
N PHE C 250 -3.64 1.36 10.83
CA PHE C 250 -2.96 1.21 9.54
C PHE C 250 -3.13 -0.18 8.90
N ASN C 251 -2.86 -1.22 9.70
CA ASN C 251 -2.91 -2.60 9.23
C ASN C 251 -4.32 -3.14 9.03
N ALA C 252 -5.26 -2.67 9.87
CA ALA C 252 -6.65 -3.10 9.75
C ALA C 252 -7.36 -2.49 8.55
N PHE C 253 -6.75 -1.45 7.97
CA PHE C 253 -7.25 -0.82 6.75
C PHE C 253 -6.39 -1.24 5.55
N TRP C 254 -5.68 -2.35 5.74
CA TRP C 254 -4.82 -2.92 4.71
C TRP C 254 -3.86 -1.87 4.16
N GLN C 255 -3.11 -1.25 5.07
CA GLN C 255 -2.05 -0.29 4.75
C GLN C 255 -2.38 1.01 4.01
N GLU C 256 -3.54 1.57 4.29
CA GLU C 256 -3.95 2.92 3.85
C GLU C 256 -2.95 3.99 4.26
N ARG C 257 -2.51 4.79 3.29
CA ARG C 257 -1.37 5.68 3.49
C ARG C 257 -1.71 6.91 4.31
N ARG C 258 -3.00 7.23 4.46
CA ARG C 258 -3.38 8.25 5.43
C ARG C 258 -3.22 7.80 6.89
N PHE C 259 -2.97 6.51 7.09
CA PHE C 259 -2.66 5.99 8.42
C PHE C 259 -1.20 5.48 8.56
N LEU C 260 -0.34 5.86 7.61
CA LEU C 260 1.08 5.51 7.63
C LEU C 260 1.77 5.79 8.98
N PRO C 261 2.51 4.80 9.50
CA PRO C 261 3.34 5.07 10.68
C PRO C 261 4.58 5.93 10.36
N SER C 262 5.25 6.45 11.39
CA SER C 262 6.47 7.25 11.23
C SER C 262 7.73 6.47 11.59
N LEU C 263 8.79 6.59 10.78
CA LEU C 263 10.11 6.03 11.17
C LEU C 263 10.70 6.77 12.36
N VAL C 264 10.28 8.03 12.56
CA VAL C 264 10.71 8.83 13.69
C VAL C 264 10.10 8.31 14.98
N GLN C 265 8.82 7.93 14.93
CA GLN C 265 8.18 7.33 16.10
C GLN C 265 8.67 5.93 16.36
N GLN C 266 8.75 5.11 15.31
CA GLN C 266 9.26 3.74 15.40
C GLN C 266 10.62 3.72 16.09
N GLU C 267 11.52 4.60 15.63
CA GLU C 267 12.85 4.74 16.22
C GLU C 267 12.82 4.99 17.73
N LEU C 268 11.90 5.85 18.17
CA LEU C 268 11.75 6.15 19.60
C LEU C 268 11.26 4.95 20.41
N VAL C 269 10.39 4.12 19.81
CA VAL C 269 9.83 2.95 20.49
C VAL C 269 10.88 1.83 20.62
N ILE C 270 11.50 1.49 19.50
CA ILE C 270 12.50 0.43 19.46
C ILE C 270 13.79 0.83 20.21
N GLY C 271 13.96 2.14 20.40
CA GLY C 271 15.01 2.67 21.29
C GLY C 271 14.64 2.71 22.75
N GLY C 272 13.40 2.36 23.09
CA GLY C 272 12.94 2.38 24.48
C GLY C 272 12.77 3.77 25.07
N ARG C 273 12.75 4.80 24.21
CA ARG C 273 12.52 6.17 24.63
C ARG C 273 11.02 6.49 24.60
N LEU C 274 10.29 5.99 25.59
CA LEU C 274 8.82 5.91 25.52
C LEU C 274 8.07 7.14 26.02
N GLY C 275 8.81 8.16 26.45
CA GLY C 275 8.19 9.41 26.88
C GLY C 275 8.41 9.69 28.34
N LYS C 276 7.36 10.22 28.97
CA LYS C 276 7.40 10.62 30.38
C LYS C 276 7.78 9.44 31.28
N LYS C 277 7.08 8.32 31.08
CA LYS C 277 7.19 7.12 31.91
C LYS C 277 8.62 6.56 32.01
N SER C 278 9.45 6.82 31.00
CA SER C 278 10.82 6.38 30.98
C SER C 278 11.83 7.55 31.00
N GLY C 279 11.32 8.75 31.27
CA GLY C 279 12.15 9.96 31.39
C GLY C 279 12.58 10.67 30.11
N LEU C 280 12.52 9.96 28.98
CA LEU C 280 12.95 10.52 27.70
C LEU C 280 12.07 9.99 26.54
N GLY C 281 11.62 10.90 25.69
CA GLY C 281 10.88 10.53 24.50
C GLY C 281 11.25 11.48 23.40
N VAL C 282 10.26 12.22 22.91
CA VAL C 282 10.52 13.37 22.06
C VAL C 282 11.23 14.39 22.93
N TYR C 283 10.76 14.50 24.17
CA TYR C 283 11.31 15.43 25.14
C TYR C 283 12.05 14.72 26.26
N ASP C 284 12.87 15.50 26.96
CA ASP C 284 13.53 15.08 28.21
C ASP C 284 12.61 15.46 29.35
N TRP C 285 12.21 14.48 30.15
CA TRP C 285 11.26 14.72 31.22
C TRP C 285 11.90 14.93 32.60
N ARG C 286 13.24 14.89 32.63
CA ARG C 286 14.00 15.19 33.84
C ARG C 286 14.03 16.71 34.06
N ALA C 287 14.66 17.43 33.12
CA ALA C 287 14.65 18.89 33.09
C ALA C 287 13.24 19.40 32.78
N GLU C 288 12.79 20.42 33.51
CA GLU C 288 11.43 20.95 33.38
C GLU C 288 11.18 21.68 32.05
N ARG C 289 9.90 21.82 31.70
CA ARG C 289 9.49 22.35 30.39
C ARG C 289 9.76 23.85 30.17
N GLU C 290 10.52 24.14 29.11
CA GLU C 290 10.79 25.52 28.71
C GLU C 290 9.55 26.19 28.12
N ALA C 291 9.54 27.52 28.09
CA ALA C 291 8.48 28.26 27.42
C ALA C 291 8.98 28.73 26.05
N VAL C 292 8.14 28.54 25.03
CA VAL C 292 8.43 29.05 23.69
C VAL C 292 8.26 30.57 23.67
N VAL C 293 9.25 31.27 23.12
CA VAL C 293 9.33 32.72 23.25
C VAL C 293 8.60 33.45 22.12
N GLY C 294 9.03 33.22 20.88
CA GLY C 294 8.54 34.02 19.77
C GLY C 294 9.50 35.15 19.50
N LEU C 295 9.38 35.74 18.30
CA LEU C 295 10.33 36.75 17.86
C LEU C 295 10.21 38.04 18.66
N GLU C 296 11.36 38.64 18.99
CA GLU C 296 11.41 39.93 19.69
C GLU C 296 10.71 41.01 18.89
N ALA C 297 10.15 42.00 19.59
CA ALA C 297 9.45 43.10 18.95
C ALA C 297 10.36 43.84 17.98
N VAL C 298 9.91 43.97 16.75
CA VAL C 298 10.57 44.82 15.78
C VAL C 298 10.20 46.26 16.16
N SER C 299 11.14 47.19 15.97
CA SER C 299 10.98 48.58 16.41
C SER C 299 9.88 49.35 15.65
N ASP C 300 9.37 50.40 16.28
CA ASP C 300 8.34 51.27 15.71
C ASP C 300 8.78 52.00 14.44
N SER C 301 10.09 52.03 14.21
CA SER C 301 10.67 52.62 13.00
C SER C 301 10.44 51.74 11.77
N PHE C 302 10.17 50.46 12.01
CA PHE C 302 9.99 49.48 10.94
C PHE C 302 8.54 49.36 10.49
N SER C 303 7.68 50.22 11.04
CA SER C 303 6.26 50.28 10.73
C SER C 303 5.97 50.48 9.25
N PRO C 304 4.99 49.74 8.71
CA PRO C 304 4.51 49.89 7.33
C PRO C 304 3.85 51.25 7.05
N MET C 305 3.91 51.68 5.80
CA MET C 305 3.26 52.94 5.42
C MET C 305 1.78 52.73 5.08
N LYS C 306 1.46 51.58 4.50
CA LYS C 306 0.08 51.29 4.06
C LYS C 306 -0.30 49.82 4.27
N VAL C 307 -1.33 49.61 5.08
CA VAL C 307 -1.85 48.27 5.38
C VAL C 307 -3.29 48.14 4.86
N GLU C 308 -3.51 47.15 4.00
CA GLU C 308 -4.81 46.95 3.37
C GLU C 308 -5.27 45.49 3.41
N LYS C 309 -6.22 45.20 4.30
CA LYS C 309 -6.80 43.87 4.41
C LYS C 309 -7.71 43.61 3.22
N LYS C 310 -7.28 42.72 2.32
CA LYS C 310 -8.16 42.26 1.26
C LYS C 310 -8.94 41.03 1.74
N SER C 311 -9.70 40.41 0.86
CA SER C 311 -10.44 39.21 1.23
C SER C 311 -9.60 37.98 0.88
N ASP C 312 -10.09 36.81 1.32
CA ASP C 312 -9.47 35.50 1.05
C ASP C 312 -8.10 35.39 1.72
N GLY C 313 -8.03 35.83 2.97
CA GLY C 313 -6.82 35.75 3.81
C GLY C 313 -5.59 36.47 3.29
N VAL C 314 -5.78 37.57 2.57
CA VAL C 314 -4.68 38.35 2.04
C VAL C 314 -4.65 39.71 2.75
N THR C 315 -3.48 40.09 3.25
CA THR C 315 -3.19 41.46 3.70
C THR C 315 -2.00 42.01 2.92
N GLU C 316 -2.17 43.19 2.31
CA GLU C 316 -1.04 43.82 1.65
C GLU C 316 -0.41 44.93 2.49
N ILE C 317 0.86 44.72 2.84
CA ILE C 317 1.61 45.56 3.76
C ILE C 317 2.76 46.13 2.93
N ASP C 318 2.64 47.41 2.56
CA ASP C 318 3.48 48.06 1.54
C ASP C 318 3.52 47.24 0.24
N ASP C 319 4.62 46.51 0.01
CA ASP C 319 4.71 45.61 -1.14
C ASP C 319 4.61 44.11 -0.77
N VAL C 320 4.64 43.82 0.53
CA VAL C 320 4.55 42.45 1.07
C VAL C 320 3.12 41.94 1.09
N LEU C 321 2.89 40.79 0.47
CA LEU C 321 1.64 40.07 0.68
C LEU C 321 1.79 39.15 1.87
N LEU C 322 0.97 39.37 2.88
CA LEU C 322 0.83 38.45 4.00
C LEU C 322 -0.41 37.60 3.71
N ILE C 323 -0.18 36.32 3.45
CA ILE C 323 -1.22 35.45 2.91
C ILE C 323 -1.42 34.27 3.86
N GLU C 324 -2.64 34.10 4.33
CA GLU C 324 -3.05 32.90 5.06
C GLU C 324 -2.87 31.68 4.17
N THR C 325 -2.28 30.61 4.71
CA THR C 325 -1.92 29.42 3.88
C THR C 325 -3.12 28.74 3.26
N GLN C 326 -3.00 28.49 1.95
CA GLN C 326 -3.90 27.65 1.17
C GLN C 326 -3.13 26.39 0.71
N GLY C 327 -1.92 26.21 1.22
CA GLY C 327 -1.13 25.03 0.91
C GLY C 327 -0.07 25.22 -0.14
N GLU C 328 0.02 26.44 -0.65
CA GLU C 328 1.12 26.85 -1.53
C GLU C 328 2.21 27.53 -0.71
N THR C 329 3.46 27.35 -1.12
CA THR C 329 4.57 27.94 -0.38
C THR C 329 4.67 29.45 -0.65
N ALA C 330 5.22 30.16 0.32
CA ALA C 330 5.61 31.55 0.16
C ALA C 330 6.46 31.77 -1.08
N GLN C 331 7.44 30.88 -1.30
CA GLN C 331 8.32 30.95 -2.46
C GLN C 331 7.57 30.83 -3.80
N ALA C 332 6.63 29.88 -3.89
CA ALA C 332 5.87 29.74 -5.13
C ALA C 332 5.04 30.99 -5.42
N LEU C 333 4.43 31.54 -4.38
CA LEU C 333 3.63 32.77 -4.52
C LEU C 333 4.52 33.96 -4.89
N ALA C 334 5.67 34.06 -4.24
CA ALA C 334 6.58 35.18 -4.41
C ALA C 334 7.13 35.28 -5.83
N ILE C 335 7.44 34.14 -6.45
CA ILE C 335 7.90 34.19 -7.83
C ILE C 335 6.75 34.35 -8.83
N ARG C 336 5.57 33.84 -8.49
CA ARG C 336 4.40 34.03 -9.35
C ARG C 336 3.96 35.48 -9.40
N LEU C 337 4.05 36.14 -8.25
CA LEU C 337 3.54 37.49 -8.11
C LEU C 337 4.63 38.58 -8.17
N ALA C 338 5.91 38.17 -8.24
CA ALA C 338 7.07 39.08 -8.30
C ALA C 338 7.14 40.10 -7.14
N ARG C 339 6.69 39.69 -5.96
CA ARG C 339 6.58 40.52 -4.76
C ARG C 339 7.09 39.64 -3.63
N PRO C 340 7.52 40.24 -2.51
CA PRO C 340 7.80 39.43 -1.34
C PRO C 340 6.52 38.92 -0.72
N VAL C 341 6.58 37.74 -0.09
CA VAL C 341 5.41 37.09 0.50
C VAL C 341 5.77 36.44 1.85
N VAL C 342 4.94 36.72 2.85
CA VAL C 342 4.98 35.95 4.08
C VAL C 342 3.69 35.11 4.17
N VAL C 343 3.85 33.81 4.35
CA VAL C 343 2.71 32.91 4.56
C VAL C 343 2.41 32.78 6.07
N ILE C 344 1.15 32.95 6.45
CA ILE C 344 0.76 32.83 7.86
C ILE C 344 -0.21 31.65 8.08
N ASP C 345 -0.05 31.03 9.23
CA ASP C 345 -0.82 29.89 9.67
C ASP C 345 -1.43 30.29 11.00
N LYS C 346 -2.72 30.65 10.99
CA LYS C 346 -3.35 31.16 12.22
C LYS C 346 -4.79 30.73 12.36
N MET C 347 -5.23 30.54 13.61
CA MET C 347 -6.66 30.50 13.92
C MET C 347 -7.00 31.58 14.95
N ALA C 348 -7.61 31.23 16.08
CA ALA C 348 -8.07 32.24 17.04
C ALA C 348 -7.04 32.58 18.12
N GLY C 349 -6.24 31.58 18.50
CA GLY C 349 -5.23 31.74 19.53
C GLY C 349 -4.14 32.74 19.21
N LYS C 350 -3.37 33.12 20.22
CA LYS C 350 -2.36 34.16 20.07
C LYS C 350 -1.11 33.67 19.33
N VAL C 351 -0.82 32.39 19.45
CA VAL C 351 0.34 31.83 18.75
C VAL C 351 0.04 31.66 17.28
N VAL C 352 0.94 32.21 16.46
CA VAL C 352 0.80 32.27 15.01
C VAL C 352 2.14 31.78 14.41
N THR C 353 2.10 30.88 13.41
CA THR C 353 3.34 30.59 12.67
C THR C 353 3.40 31.26 11.30
N ILE C 354 4.62 31.58 10.87
CA ILE C 354 4.84 32.27 9.59
C ILE C 354 6.04 31.69 8.86
N ALA C 355 6.07 31.88 7.55
CA ALA C 355 7.23 31.51 6.77
C ALA C 355 7.42 32.57 5.73
N ALA C 356 8.67 33.00 5.58
CA ALA C 356 9.04 33.99 4.57
C ALA C 356 9.56 33.24 3.36
N ALA C 357 9.23 33.73 2.17
CA ALA C 357 9.87 33.24 0.97
C ALA C 357 11.37 33.55 1.07
N ALA C 358 12.20 32.58 0.71
CA ALA C 358 13.67 32.75 0.65
C ALA C 358 14.09 34.02 -0.07
N VAL C 359 13.34 34.36 -1.12
CA VAL C 359 13.53 35.55 -1.97
C VAL C 359 13.16 36.89 -1.29
N ASN C 360 12.53 36.85 -0.12
CA ASN C 360 12.22 38.08 0.64
C ASN C 360 13.50 38.75 1.11
N PRO C 361 13.58 40.08 0.93
CA PRO C 361 14.54 40.86 1.69
C PRO C 361 14.03 40.90 3.13
N ASP C 362 14.96 40.81 4.08
CA ASP C 362 14.64 40.73 5.50
C ASP C 362 13.83 41.93 6.01
N SER C 363 13.86 43.03 5.26
CA SER C 363 13.11 44.24 5.59
C SER C 363 11.62 44.03 5.35
N ALA C 364 11.28 43.31 4.28
CA ALA C 364 9.91 42.98 3.95
C ALA C 364 9.29 41.99 4.96
N THR C 365 10.07 40.99 5.36
CA THR C 365 9.66 40.02 6.39
C THR C 365 9.39 40.74 7.72
N ARG C 366 10.31 41.62 8.11
CA ARG C 366 10.18 42.39 9.35
C ARG C 366 8.94 43.28 9.39
N LYS C 367 8.59 43.91 8.27
CA LYS C 367 7.31 44.66 8.17
C LYS C 367 6.09 43.80 8.55
N ALA C 368 6.05 42.58 8.02
CA ALA C 368 4.98 41.63 8.30
C ALA C 368 5.00 41.15 9.75
N ILE C 369 6.20 40.91 10.29
CA ILE C 369 6.33 40.47 11.69
C ILE C 369 5.85 41.58 12.63
N TYR C 370 6.24 42.83 12.33
CA TYR C 370 5.83 44.00 13.10
C TYR C 370 4.31 44.11 13.14
N TYR C 371 3.69 44.13 11.96
CA TYR C 371 2.24 44.22 11.84
C TYR C 371 1.50 43.22 12.72
N LEU C 372 1.99 41.98 12.73
CA LEU C 372 1.37 40.90 13.48
C LEU C 372 1.49 41.09 14.98
N GLN C 373 2.69 41.48 15.42
CA GLN C 373 3.01 41.70 16.83
C GLN C 373 2.14 42.80 17.43
N GLN C 374 1.86 43.82 16.62
CA GLN C 374 1.04 44.95 17.02
C GLN C 374 -0.45 44.58 17.13
N GLN C 375 -0.78 43.32 16.82
CA GLN C 375 -2.14 42.80 16.93
C GLN C 375 -2.28 41.79 18.05
N GLY C 376 -1.25 41.66 18.88
CA GLY C 376 -1.31 40.80 20.06
C GLY C 376 -0.70 39.43 19.88
N LYS C 377 -0.33 39.11 18.65
CA LYS C 377 0.09 37.76 18.33
C LYS C 377 1.56 37.50 18.65
N THR C 378 1.84 36.28 19.10
CA THR C 378 3.19 35.76 19.22
C THR C 378 3.56 35.10 17.89
N VAL C 379 4.57 35.66 17.23
CA VAL C 379 5.01 35.20 15.91
C VAL C 379 6.15 34.20 16.02
N LEU C 380 5.90 32.95 15.60
CA LEU C 380 6.95 31.93 15.50
C LEU C 380 7.30 31.67 14.06
N GLN C 381 8.59 31.67 13.74
CA GLN C 381 9.02 31.48 12.35
C GLN C 381 9.47 30.05 12.09
N ILE C 382 8.91 29.43 11.04
CA ILE C 382 9.23 28.04 10.70
C ILE C 382 9.64 27.90 9.22
N ALA C 383 9.92 26.69 8.76
CA ALA C 383 10.24 26.49 7.34
C ALA C 383 9.02 26.74 6.44
N ASP C 384 9.27 27.02 5.17
CA ASP C 384 8.25 27.28 4.15
C ASP C 384 7.61 25.95 3.71
N TYR C 385 6.72 25.47 4.57
CA TYR C 385 6.15 24.14 4.51
C TYR C 385 4.67 24.25 4.07
N PRO C 386 4.31 23.58 2.97
CA PRO C 386 2.96 23.58 2.41
C PRO C 386 1.89 23.32 3.46
N GLY C 387 0.91 24.22 3.56
CA GLY C 387 -0.17 24.05 4.53
C GLY C 387 0.22 24.33 5.97
N MET C 388 1.52 24.53 6.19
CA MET C 388 2.10 24.81 7.49
C MET C 388 1.72 23.77 8.55
N LEU C 389 1.13 24.18 9.67
CA LEU C 389 0.95 23.27 10.81
C LEU C 389 -0.48 23.10 11.25
N ILE C 390 -1.07 24.21 11.70
CA ILE C 390 -2.39 24.25 12.25
C ILE C 390 -3.39 23.87 11.16
N TRP C 391 -3.35 24.59 10.03
CA TRP C 391 -4.32 24.39 8.97
C TRP C 391 -4.17 23.03 8.33
N ARG C 392 -2.93 22.59 8.16
CA ARG C 392 -2.63 21.28 7.56
C ARG C 392 -3.19 20.13 8.42
N THR C 393 -3.02 20.26 9.75
CA THR C 393 -3.45 19.24 10.72
C THR C 393 -4.97 19.20 10.88
N VAL C 394 -5.59 20.39 10.94
CA VAL C 394 -7.03 20.47 11.19
C VAL C 394 -7.80 20.00 9.94
N ALA C 395 -7.37 20.44 8.75
CA ALA C 395 -7.89 19.92 7.47
C ALA C 395 -7.90 18.40 7.39
N MET C 396 -6.79 17.78 7.75
CA MET C 396 -6.70 16.30 7.71
C MET C 396 -7.56 15.61 8.77
N ILE C 397 -7.67 16.19 9.96
CA ILE C 397 -8.60 15.71 10.99
C ILE C 397 -10.05 15.72 10.45
N ILE C 398 -10.42 16.85 9.84
CA ILE C 398 -11.78 17.05 9.28
C ILE C 398 -12.09 16.09 8.10
N ASN C 399 -11.10 15.91 7.23
CA ASN C 399 -11.17 14.99 6.11
C ASN C 399 -11.46 13.55 6.55
N GLU C 400 -10.71 13.11 7.55
CA GLU C 400 -10.92 11.81 8.21
C GLU C 400 -12.29 11.66 8.89
N ALA C 401 -12.78 12.71 9.56
CA ALA C 401 -14.13 12.72 10.12
C ALA C 401 -15.22 12.59 9.05
N LEU C 402 -15.02 13.29 7.94
CA LEU C 402 -15.91 13.24 6.82
C LEU C 402 -15.93 11.85 6.17
N ASP C 403 -14.75 11.22 6.08
CA ASP C 403 -14.70 9.87 5.50
C ASP C 403 -15.43 8.87 6.39
N ALA C 404 -15.29 9.03 7.68
CA ALA C 404 -15.98 8.16 8.62
C ALA C 404 -17.49 8.32 8.49
N LEU C 405 -17.94 9.57 8.31
CA LEU C 405 -19.38 9.86 8.17
C LEU C 405 -19.92 9.28 6.87
N GLN C 406 -19.15 9.43 5.81
CA GLN C 406 -19.52 8.89 4.50
C GLN C 406 -19.62 7.36 4.48
N LYS C 407 -18.71 6.70 5.21
CA LYS C 407 -18.73 5.24 5.27
C LYS C 407 -19.68 4.68 6.33
N GLY C 408 -20.47 5.56 6.94
CA GLY C 408 -21.51 5.16 7.87
C GLY C 408 -21.00 4.63 9.20
N VAL C 409 -19.80 5.05 9.60
CA VAL C 409 -19.22 4.67 10.89
C VAL C 409 -20.10 5.16 12.06
N ALA C 410 -20.61 6.38 11.95
CA ALA C 410 -21.36 7.04 13.01
C ALA C 410 -22.12 8.25 12.44
N SER C 411 -23.05 8.82 13.20
CA SER C 411 -23.75 10.03 12.76
C SER C 411 -22.81 11.22 12.85
N GLU C 412 -23.13 12.30 12.15
CA GLU C 412 -22.35 13.54 12.24
C GLU C 412 -22.24 14.03 13.68
N GLN C 413 -23.38 14.11 14.38
CA GLN C 413 -23.37 14.57 15.78
C GLN C 413 -22.53 13.68 16.71
N ASP C 414 -22.51 12.38 16.47
CA ASP C 414 -21.73 11.49 17.33
C ASP C 414 -20.23 11.57 17.07
N ILE C 415 -19.86 11.90 15.84
CA ILE C 415 -18.46 12.14 15.50
C ILE C 415 -17.97 13.42 16.20
N ASP C 416 -18.77 14.49 16.15
CA ASP C 416 -18.41 15.74 16.84
C ASP C 416 -18.27 15.51 18.35
N THR C 417 -19.28 14.87 18.94
CA THR C 417 -19.29 14.61 20.38
C THR C 417 -18.10 13.80 20.82
N ALA C 418 -17.81 12.72 20.09
CA ALA C 418 -16.66 11.86 20.39
C ALA C 418 -15.34 12.60 20.45
N MET C 419 -15.12 13.52 19.51
CA MET C 419 -13.89 14.26 19.48
C MET C 419 -13.84 15.34 20.58
N ARG C 420 -14.97 15.94 20.90
CA ARG C 420 -15.05 16.87 22.03
CA ARG C 420 -15.08 16.88 22.03
C ARG C 420 -14.80 16.19 23.37
N LEU C 421 -15.39 15.02 23.57
CA LEU C 421 -15.29 14.36 24.88
C LEU C 421 -14.14 13.37 25.03
N GLY C 422 -13.85 12.60 23.98
CA GLY C 422 -12.79 11.60 24.06
C GLY C 422 -11.38 12.15 24.06
N VAL C 423 -11.17 13.25 23.34
CA VAL C 423 -9.83 13.82 23.19
C VAL C 423 -9.83 15.33 23.32
N ASN C 424 -10.92 15.90 23.79
CA ASN C 424 -11.02 17.33 24.13
C ASN C 424 -10.61 18.33 23.05
N TYR C 425 -11.04 18.08 21.82
CA TYR C 425 -10.78 18.98 20.69
C TYR C 425 -11.70 20.20 20.90
N PRO C 426 -11.25 21.41 20.53
CA PRO C 426 -12.03 22.61 20.86
C PRO C 426 -13.32 22.76 20.04
N TYR C 427 -13.42 22.03 18.94
CA TYR C 427 -14.68 21.87 18.23
C TYR C 427 -14.71 20.44 17.74
N GLY C 428 -15.90 19.87 17.61
CA GLY C 428 -16.06 18.65 16.83
C GLY C 428 -15.68 18.98 15.40
N PRO C 429 -15.02 18.03 14.69
CA PRO C 429 -14.40 18.34 13.37
C PRO C 429 -15.39 18.77 12.28
N LEU C 430 -16.61 18.25 12.32
CA LEU C 430 -17.60 18.59 11.32
C LEU C 430 -18.13 20.00 11.55
N ALA C 431 -18.41 20.33 12.81
CA ALA C 431 -18.79 21.69 13.21
C ALA C 431 -17.66 22.63 12.91
N TRP C 432 -16.44 22.15 13.08
CA TRP C 432 -15.25 22.94 12.80
C TRP C 432 -15.11 23.26 11.32
N GLY C 433 -15.37 22.25 10.48
CA GLY C 433 -15.30 22.41 9.02
C GLY C 433 -16.34 23.39 8.49
N ALA C 434 -17.55 23.38 9.06
CA ALA C 434 -18.58 24.30 8.66
C ALA C 434 -18.18 25.74 8.99
N GLN C 435 -17.59 25.92 10.17
CA GLN C 435 -17.08 27.21 10.61
C GLN C 435 -15.93 27.68 9.70
N LEU C 436 -15.01 26.77 9.37
CA LEU C 436 -13.82 27.19 8.64
C LEU C 436 -14.10 27.32 7.15
N GLY C 437 -15.14 26.64 6.68
CA GLY C 437 -15.54 26.72 5.30
C GLY C 437 -15.08 25.49 4.54
N TRP C 438 -16.04 24.76 3.97
CA TRP C 438 -15.75 23.56 3.18
C TRP C 438 -14.90 23.77 1.93
N GLN C 439 -15.12 24.87 1.21
CA GLN C 439 -14.36 25.17 0.01
C GLN C 439 -12.92 25.50 0.37
N ARG C 440 -12.75 26.14 1.52
CA ARG C 440 -11.44 26.50 2.03
C ARG C 440 -10.62 25.26 2.41
N ILE C 441 -11.25 24.31 3.10
CA ILE C 441 -10.59 23.05 3.47
C ILE C 441 -10.26 22.26 2.20
N LEU C 442 -11.24 22.21 1.29
CA LEU C 442 -11.04 21.54 0.00
C LEU C 442 -9.85 22.07 -0.79
N ARG C 443 -9.76 23.40 -0.94
CA ARG C 443 -8.68 24.02 -1.73
C ARG C 443 -7.28 23.68 -1.17
N LEU C 444 -7.16 23.77 0.14
CA LEU C 444 -5.93 23.45 0.86
C LEU C 444 -5.49 22.00 0.60
N LEU C 445 -6.39 21.04 0.85
CA LEU C 445 -6.06 19.64 0.64
C LEU C 445 -5.70 19.33 -0.82
N GLU C 446 -6.41 19.94 -1.77
CA GLU C 446 -6.07 19.80 -3.21
C GLU C 446 -4.67 20.30 -3.51
N ASN C 447 -4.29 21.42 -2.89
CA ASN C 447 -2.92 21.95 -3.05
C ASN C 447 -1.88 21.03 -2.42
N LEU C 448 -2.15 20.55 -1.21
CA LEU C 448 -1.27 19.56 -0.58
C LEU C 448 -1.12 18.29 -1.42
N GLN C 449 -2.24 17.80 -1.96
CA GLN C 449 -2.29 16.61 -2.81
C GLN C 449 -1.49 16.81 -4.09
N HIS C 450 -1.64 17.98 -4.71
CA HIS C 450 -0.82 18.33 -5.86
C HIS C 450 0.68 18.42 -5.50
N HIS C 451 1.01 19.16 -4.44
CA HIS C 451 2.41 19.34 -4.07
C HIS C 451 3.14 18.02 -3.80
N TYR C 452 2.52 17.18 -2.97
CA TYR C 452 3.12 15.91 -2.57
C TYR C 452 2.84 14.73 -3.51
N GLY C 453 1.77 14.82 -4.30
CA GLY C 453 1.35 13.72 -5.20
C GLY C 453 1.01 12.46 -4.43
N GLU C 454 0.50 12.65 -3.22
CA GLU C 454 0.19 11.55 -2.33
C GLU C 454 -1.31 11.39 -2.21
N GLU C 455 -1.75 10.15 -2.32
CA GLU C 455 -3.11 9.73 -2.05
C GLU C 455 -3.53 10.10 -0.62
N ARG C 456 -2.55 10.20 0.28
CA ARG C 456 -2.77 10.63 1.65
C ARG C 456 -3.53 11.98 1.77
N TYR C 457 -3.25 12.92 0.86
CA TYR C 457 -3.86 14.24 0.94
C TYR C 457 -5.12 14.39 0.06
N ARG C 458 -5.64 13.28 -0.46
CA ARG C 458 -6.90 13.32 -1.22
CA ARG C 458 -6.89 13.31 -1.21
C ARG C 458 -8.05 13.88 -0.38
N PRO C 459 -8.77 14.87 -0.93
CA PRO C 459 -10.05 15.29 -0.36
C PRO C 459 -11.03 14.12 -0.50
N CYS C 460 -11.76 13.81 0.55
CA CYS C 460 -12.67 12.67 0.44
C CYS C 460 -13.93 13.08 -0.32
N SER C 461 -14.67 12.10 -0.83
CA SER C 461 -15.80 12.38 -1.71
C SER C 461 -16.86 13.31 -1.06
N LEU C 462 -17.10 13.12 0.24
CA LEU C 462 -18.05 13.98 0.99
C LEU C 462 -17.56 15.42 1.18
N LEU C 463 -16.24 15.62 1.25
CA LEU C 463 -15.70 16.96 1.28
C LEU C 463 -16.00 17.69 -0.02
N ARG C 464 -15.73 17.07 -1.17
CA ARG C 464 -16.09 17.69 -2.47
C ARG C 464 -17.59 18.00 -2.51
N GLN C 465 -18.38 17.03 -2.06
CA GLN C 465 -19.83 17.14 -1.98
C GLN C 465 -20.27 18.33 -1.13
N ARG C 466 -19.61 18.52 0.01
CA ARG C 466 -19.97 19.64 0.89
C ARG C 466 -19.46 21.00 0.41
N ALA C 467 -18.33 21.00 -0.31
CA ALA C 467 -17.81 22.22 -0.91
C ALA C 467 -18.74 22.71 -2.01
N LEU C 468 -19.22 21.78 -2.83
CA LEU C 468 -20.21 22.07 -3.86
C LEU C 468 -21.52 22.64 -3.33
N LEU C 469 -22.00 22.11 -2.19
CA LEU C 469 -23.23 22.62 -1.58
C LEU C 469 -23.02 24.03 -1.05
N GLU C 470 -21.86 24.27 -0.43
CA GLU C 470 -21.49 25.56 0.12
C GLU C 470 -21.35 26.66 -0.95
N SER C 471 -20.89 26.30 -2.14
CA SER C 471 -20.87 27.24 -3.27
C SER C 471 -22.29 27.51 -3.80
N GLY C 472 -23.20 26.55 -3.62
CA GLY C 472 -24.63 26.74 -3.94
C GLY C 472 -25.34 27.84 -3.16
N TYR C 473 -24.97 28.02 -1.89
CA TYR C 473 -25.50 29.11 -1.06
C TYR C 473 -24.77 30.43 -1.29
N GLU C 474 -23.61 30.37 -1.93
CA GLU C 474 -22.77 31.55 -2.20
C GLU C 474 -23.35 32.39 -3.34
CL CL D . -14.20 -15.85 -6.43
CL CL E . 21.55 -5.27 -4.46
C1 GOL F . 25.12 -11.96 -21.43
O1 GOL F . 25.86 -12.00 -20.23
C2 GOL F . 25.28 -10.59 -22.06
O2 GOL F . 25.33 -9.56 -21.08
C3 GOL F . 24.21 -10.35 -23.12
O3 GOL F . 24.73 -9.54 -24.16
CL CL G . -3.09 6.84 21.17
C1 GOL H . 8.04 20.19 26.84
O1 GOL H . 6.76 20.64 26.45
C2 GOL H . 7.96 18.94 27.71
O2 GOL H . 6.91 19.03 28.66
C3 GOL H . 9.28 18.76 28.45
O3 GOL H . 9.16 17.76 29.44
#